data_6NS8
#
_entry.id   6NS8
#
_entity_poly.entity_id   1
_entity_poly.type   'polypeptide(L)'
_entity_poly.pdbx_seq_one_letter_code
;MLHHHHHHGSVVKEKLEKALIEVRPYVEYYNELKALVSKISSSVNDLEEAIVVLREEEKKASEPFKTDIRILLDFLESKP
;
_entity_poly.pdbx_strand_id   A
#
# COMPACT_ATOMS: atom_id res chain seq x y z
N GLY A 9 2.22 -1.80 -16.58
CA GLY A 9 1.71 -1.36 -15.26
C GLY A 9 0.97 -0.05 -15.34
N SER A 10 0.23 0.29 -14.29
CA SER A 10 -0.58 1.51 -14.21
C SER A 10 0.26 2.69 -13.67
N VAL A 11 -0.23 3.93 -13.91
CA VAL A 11 0.33 5.18 -13.33
C VAL A 11 0.12 5.21 -11.78
N VAL A 12 -0.77 4.31 -11.33
CA VAL A 12 -1.04 4.03 -9.92
C VAL A 12 0.26 3.58 -9.22
N LYS A 13 0.99 2.71 -9.95
CA LYS A 13 2.26 2.11 -9.48
C LYS A 13 3.25 3.18 -9.00
N GLU A 14 3.30 4.35 -9.70
CA GLU A 14 4.25 5.42 -9.41
C GLU A 14 3.96 6.05 -8.03
N LYS A 15 2.69 6.42 -7.83
CA LYS A 15 2.21 6.98 -6.53
C LYS A 15 2.46 5.98 -5.37
N LEU A 16 2.33 4.68 -5.71
CA LEU A 16 2.57 3.58 -4.77
C LEU A 16 4.08 3.42 -4.45
N GLU A 17 4.94 3.74 -5.45
CA GLU A 17 6.42 3.68 -5.28
C GLU A 17 6.91 4.83 -4.40
N LYS A 18 6.28 6.01 -4.57
CA LYS A 18 6.55 7.19 -3.74
C LYS A 18 6.18 6.88 -2.28
N ALA A 19 5.00 6.27 -2.11
CA ALA A 19 4.44 5.89 -0.80
C ALA A 19 5.38 4.92 -0.06
N LEU A 20 5.84 3.88 -0.80
CA LEU A 20 6.81 2.86 -0.27
C LEU A 20 7.98 3.51 0.47
N ILE A 21 8.67 4.47 -0.21
CA ILE A 21 9.88 5.13 0.33
C ILE A 21 9.55 5.97 1.58
N GLU A 22 8.48 6.79 1.49
CA GLU A 22 8.10 7.74 2.56
C GLU A 22 7.77 7.00 3.87
N VAL A 23 7.03 5.88 3.77
CA VAL A 23 6.58 5.12 4.95
C VAL A 23 7.57 4.01 5.33
N ARG A 24 8.59 3.81 4.47
CA ARG A 24 9.63 2.75 4.66
C ARG A 24 10.23 2.70 6.11
N PRO A 25 10.67 3.87 6.76
CA PRO A 25 11.21 3.84 8.14
C PRO A 25 10.12 3.50 9.21
N TYR A 26 8.84 3.64 8.83
CA TYR A 26 7.69 3.35 9.72
C TYR A 26 7.25 1.88 9.62
N VAL A 27 7.30 1.29 8.41
CA VAL A 27 6.69 -0.02 8.13
C VAL A 27 7.68 -1.19 8.33
N GLU A 28 7.29 -2.13 9.19
CA GLU A 28 7.90 -3.47 9.28
C GLU A 28 7.22 -4.40 8.27
N TYR A 29 8.01 -5.32 7.67
CA TYR A 29 7.58 -6.20 6.55
C TYR A 29 7.43 -5.38 5.26
N TYR A 30 8.40 -4.44 5.06
CA TYR A 30 8.49 -3.61 3.85
C TYR A 30 8.60 -4.48 2.59
N ASN A 31 9.30 -5.63 2.70
CA ASN A 31 9.43 -6.61 1.59
C ASN A 31 8.08 -7.22 1.20
N GLU A 32 7.27 -7.51 2.23
CA GLU A 32 5.95 -8.14 2.05
C GLU A 32 5.00 -7.15 1.39
N LEU A 33 4.95 -5.89 1.91
CA LEU A 33 4.21 -4.78 1.31
C LEU A 33 4.67 -4.53 -0.13
N LYS A 34 5.99 -4.60 -0.32
CA LYS A 34 6.63 -4.41 -1.63
C LYS A 34 6.15 -5.45 -2.66
N ALA A 35 5.86 -6.71 -2.21
CA ALA A 35 5.36 -7.78 -3.10
C ALA A 35 3.85 -7.60 -3.36
N LEU A 36 3.16 -7.08 -2.33
CA LEU A 36 1.71 -6.84 -2.36
C LEU A 36 1.36 -5.69 -3.32
N VAL A 37 2.19 -4.64 -3.25
CA VAL A 37 2.00 -3.41 -4.03
C VAL A 37 2.43 -3.64 -5.51
N SER A 38 3.44 -4.52 -5.70
CA SER A 38 3.88 -4.99 -7.02
C SER A 38 2.76 -5.79 -7.72
N LYS A 39 1.97 -6.52 -6.91
CA LYS A 39 0.80 -7.27 -7.38
C LYS A 39 -0.35 -6.32 -7.77
N ILE A 40 -0.81 -5.49 -6.80
CA ILE A 40 -2.06 -4.72 -6.93
C ILE A 40 -1.97 -3.65 -8.03
N SER A 41 -0.80 -2.99 -8.16
CA SER A 41 -0.58 -1.93 -9.19
C SER A 41 -0.69 -2.46 -10.64
N SER A 42 -0.55 -3.78 -10.82
CA SER A 42 -0.71 -4.45 -12.12
C SER A 42 -2.17 -4.93 -12.32
N SER A 43 -2.98 -4.81 -11.25
CA SER A 43 -4.38 -5.31 -11.21
C SER A 43 -5.39 -4.14 -11.21
N VAL A 44 -5.03 -3.04 -10.51
CA VAL A 44 -5.91 -1.87 -10.31
C VAL A 44 -5.64 -0.80 -11.38
N ASN A 45 -6.71 -0.13 -11.81
CA ASN A 45 -6.66 0.92 -12.86
C ASN A 45 -6.54 2.32 -12.27
N ASP A 46 -7.00 2.50 -11.02
CA ASP A 46 -7.06 3.82 -10.33
C ASP A 46 -6.34 3.72 -8.99
N LEU A 47 -5.85 4.86 -8.49
CA LEU A 47 -5.20 4.94 -7.15
C LEU A 47 -6.25 4.68 -6.06
N GLU A 48 -7.51 5.10 -6.35
CA GLU A 48 -8.68 4.86 -5.49
C GLU A 48 -9.02 3.35 -5.45
N GLU A 49 -8.71 2.63 -6.57
CA GLU A 49 -8.88 1.16 -6.64
C GLU A 49 -7.81 0.46 -5.80
N ALA A 50 -6.62 1.08 -5.72
CA ALA A 50 -5.48 0.57 -4.92
C ALA A 50 -5.80 0.72 -3.43
N ILE A 51 -6.35 1.91 -3.09
CA ILE A 51 -6.75 2.26 -1.73
C ILE A 51 -7.76 1.22 -1.16
N VAL A 52 -8.99 1.14 -1.73
CA VAL A 52 -10.03 0.18 -1.31
C VAL A 52 -9.53 -1.30 -1.23
N VAL A 53 -8.74 -1.74 -2.24
CA VAL A 53 -8.07 -3.08 -2.20
C VAL A 53 -7.19 -3.22 -0.93
N LEU A 54 -6.40 -2.17 -0.61
CA LEU A 54 -5.52 -2.17 0.60
C LEU A 54 -6.35 -2.07 1.91
N ARG A 55 -7.57 -1.51 1.81
CA ARG A 55 -8.54 -1.51 2.93
C ARG A 55 -9.05 -2.93 3.22
N GLU A 56 -8.97 -3.83 2.21
CA GLU A 56 -9.26 -5.27 2.39
C GLU A 56 -8.00 -5.99 2.85
N GLU A 57 -6.84 -5.59 2.28
CA GLU A 57 -5.55 -6.25 2.56
C GLU A 57 -5.21 -6.15 4.05
N GLU A 58 -5.46 -4.96 4.62
CA GLU A 58 -5.41 -4.70 6.07
C GLU A 58 -6.22 -5.76 6.86
N LYS A 59 -7.53 -5.87 6.55
CA LYS A 59 -8.46 -6.84 7.20
C LYS A 59 -7.95 -8.30 7.12
N LYS A 60 -7.38 -8.64 5.94
CA LYS A 60 -6.85 -9.99 5.64
C LYS A 60 -5.54 -10.24 6.41
N ALA A 61 -4.80 -9.15 6.65
CA ALA A 61 -3.54 -9.16 7.40
C ALA A 61 -3.78 -9.20 8.92
N SER A 62 -2.68 -9.41 9.62
CA SER A 62 -2.60 -9.42 11.09
C SER A 62 -1.32 -8.65 11.48
N GLU A 63 -1.31 -8.05 12.68
CA GLU A 63 -0.22 -7.16 13.12
C GLU A 63 1.14 -7.93 13.29
N PRO A 64 2.32 -7.29 12.99
CA PRO A 64 2.41 -5.88 12.54
C PRO A 64 2.26 -5.67 11.01
N PHE A 65 1.95 -6.72 10.22
CA PHE A 65 1.69 -6.57 8.76
C PHE A 65 0.38 -5.77 8.50
N LYS A 66 -0.54 -5.80 9.49
CA LYS A 66 -1.76 -4.95 9.44
C LYS A 66 -1.42 -3.47 9.73
N THR A 67 -0.29 -3.25 10.45
CA THR A 67 0.23 -1.91 10.76
C THR A 67 1.02 -1.38 9.55
N ASP A 68 1.64 -2.31 8.84
CA ASP A 68 2.44 -2.04 7.63
C ASP A 68 1.57 -1.44 6.52
N ILE A 69 0.52 -2.20 6.17
CA ILE A 69 -0.45 -1.82 5.16
C ILE A 69 -1.13 -0.48 5.49
N ARG A 70 -1.70 -0.32 6.72
CA ARG A 70 -2.44 0.91 7.10
C ARG A 70 -1.62 2.21 6.93
N ILE A 71 -0.30 2.16 7.28
CA ILE A 71 0.60 3.34 7.17
C ILE A 71 0.72 3.83 5.71
N LEU A 72 0.94 2.91 4.77
CA LEU A 72 1.07 3.24 3.33
C LEU A 72 -0.30 3.65 2.77
N LEU A 73 -1.32 2.88 3.15
CA LEU A 73 -2.72 3.06 2.73
C LEU A 73 -3.21 4.51 3.01
N ASP A 74 -3.33 4.87 4.31
CA ASP A 74 -3.57 6.25 4.79
C ASP A 74 -2.74 7.32 4.03
N PHE A 75 -1.41 7.12 3.95
CA PHE A 75 -0.50 8.06 3.24
C PHE A 75 -0.97 8.36 1.78
N LEU A 76 -1.47 7.31 1.06
CA LEU A 76 -2.07 7.47 -0.29
C LEU A 76 -3.26 8.42 -0.22
N GLU A 77 -4.15 8.13 0.76
CA GLU A 77 -5.41 8.88 0.98
C GLU A 77 -5.12 10.34 1.40
N SER A 78 -3.89 10.55 1.94
CA SER A 78 -3.37 11.87 2.32
C SER A 78 -4.13 12.47 3.51
N LYS A 79 -4.70 11.58 4.37
CA LYS A 79 -5.45 11.97 5.59
C LYS A 79 -4.49 12.60 6.64
N PRO A 80 -4.70 13.90 7.06
CA PRO A 80 -3.89 14.55 8.13
C PRO A 80 -4.19 13.93 9.52
N GLY A 9 5.31 1.00 -15.75
CA GLY A 9 3.95 0.42 -15.76
C GLY A 9 2.88 1.42 -15.37
N SER A 10 1.93 1.00 -14.53
CA SER A 10 0.77 1.81 -14.11
C SER A 10 1.18 3.10 -13.38
N VAL A 11 0.39 4.17 -13.56
CA VAL A 11 0.54 5.44 -12.80
C VAL A 11 0.14 5.22 -11.33
N VAL A 12 -0.64 4.15 -11.09
CA VAL A 12 -0.92 3.61 -9.74
C VAL A 12 0.41 3.27 -9.04
N LYS A 13 1.27 2.57 -9.82
CA LYS A 13 2.52 2.01 -9.28
C LYS A 13 3.47 3.12 -8.76
N GLU A 14 3.79 4.16 -9.58
CA GLU A 14 4.73 5.25 -9.18
C GLU A 14 4.32 5.92 -7.84
N LYS A 15 2.99 6.09 -7.66
CA LYS A 15 2.40 6.61 -6.41
C LYS A 15 2.65 5.67 -5.21
N LEU A 16 2.52 4.35 -5.49
CA LEU A 16 2.79 3.29 -4.51
C LEU A 16 4.30 3.21 -4.18
N GLU A 17 5.15 3.54 -5.18
CA GLU A 17 6.62 3.53 -5.02
C GLU A 17 7.06 4.67 -4.11
N LYS A 18 6.43 5.86 -4.30
CA LYS A 18 6.65 7.03 -3.43
C LYS A 18 6.26 6.69 -1.99
N ALA A 19 5.03 6.13 -1.86
CA ALA A 19 4.46 5.71 -0.57
C ALA A 19 5.39 4.73 0.16
N LEU A 20 5.89 3.71 -0.60
CA LEU A 20 6.87 2.72 -0.09
C LEU A 20 8.07 3.40 0.59
N ILE A 21 8.71 4.36 -0.12
CA ILE A 21 9.88 5.11 0.37
C ILE A 21 9.52 5.88 1.65
N GLU A 22 8.44 6.70 1.59
CA GLU A 22 8.06 7.64 2.66
C GLU A 22 7.72 6.92 3.97
N VAL A 23 7.00 5.79 3.85
CA VAL A 23 6.55 5.01 5.02
C VAL A 23 7.56 3.91 5.39
N ARG A 24 8.58 3.70 4.53
CA ARG A 24 9.67 2.70 4.81
C ARG A 24 10.29 2.86 6.24
N PRO A 25 10.69 4.11 6.70
CA PRO A 25 11.18 4.33 8.10
C PRO A 25 10.14 4.03 9.20
N TYR A 26 8.86 3.92 8.79
CA TYR A 26 7.73 3.71 9.71
C TYR A 26 7.28 2.23 9.70
N VAL A 27 7.41 1.54 8.55
CA VAL A 27 6.85 0.18 8.36
C VAL A 27 7.91 -0.91 8.47
N GLU A 28 7.51 -2.01 9.11
CA GLU A 28 8.20 -3.31 9.02
C GLU A 28 7.71 -4.04 7.76
N TYR A 29 8.45 -5.08 7.35
CA TYR A 29 8.05 -5.98 6.26
C TYR A 29 7.89 -5.23 4.93
N TYR A 30 8.88 -4.33 4.70
CA TYR A 30 8.97 -3.49 3.50
C TYR A 30 8.89 -4.31 2.20
N ASN A 31 9.55 -5.51 2.18
CA ASN A 31 9.57 -6.39 0.99
C ASN A 31 8.19 -7.03 0.73
N GLU A 32 7.47 -7.34 1.82
CA GLU A 32 6.11 -7.92 1.77
C GLU A 32 5.13 -6.89 1.18
N LEU A 33 5.14 -5.69 1.77
CA LEU A 33 4.34 -4.53 1.36
C LEU A 33 4.66 -4.13 -0.10
N LYS A 34 5.96 -4.16 -0.42
CA LYS A 34 6.49 -3.95 -1.79
C LYS A 34 5.90 -4.95 -2.79
N ALA A 35 5.68 -6.22 -2.35
CA ALA A 35 5.08 -7.28 -3.19
C ALA A 35 3.59 -7.03 -3.40
N LEU A 36 2.91 -6.56 -2.32
CA LEU A 36 1.48 -6.21 -2.33
C LEU A 36 1.22 -5.03 -3.29
N VAL A 37 2.10 -4.03 -3.23
CA VAL A 37 2.15 -2.86 -4.12
C VAL A 37 2.23 -3.31 -5.60
N SER A 38 3.15 -4.22 -5.87
CA SER A 38 3.42 -4.68 -7.24
C SER A 38 2.31 -5.61 -7.76
N LYS A 39 1.59 -6.25 -6.82
CA LYS A 39 0.41 -7.09 -7.09
C LYS A 39 -0.78 -6.20 -7.54
N ILE A 40 -1.10 -5.18 -6.71
CA ILE A 40 -2.26 -4.31 -6.94
C ILE A 40 -2.03 -3.38 -8.15
N SER A 41 -0.78 -2.89 -8.33
CA SER A 41 -0.36 -2.11 -9.54
C SER A 41 -0.89 -2.71 -10.85
N SER A 42 -0.76 -4.05 -10.97
CA SER A 42 -1.15 -4.81 -12.16
C SER A 42 -2.66 -5.17 -12.13
N SER A 43 -3.20 -5.34 -10.91
CA SER A 43 -4.55 -5.89 -10.69
C SER A 43 -5.65 -4.82 -10.84
N VAL A 44 -5.37 -3.59 -10.36
CA VAL A 44 -6.33 -2.47 -10.35
C VAL A 44 -6.03 -1.49 -11.51
N ASN A 45 -7.06 -0.70 -11.90
CA ASN A 45 -6.93 0.30 -12.98
C ASN A 45 -6.49 1.68 -12.46
N ASP A 46 -6.86 2.03 -11.21
CA ASP A 46 -6.64 3.38 -10.64
C ASP A 46 -6.17 3.29 -9.18
N LEU A 47 -5.51 4.38 -8.70
CA LEU A 47 -4.98 4.46 -7.32
C LEU A 47 -6.12 4.33 -6.28
N GLU A 48 -7.31 4.87 -6.62
CA GLU A 48 -8.52 4.74 -5.76
C GLU A 48 -8.99 3.27 -5.68
N GLU A 49 -8.79 2.54 -6.80
CA GLU A 49 -9.07 1.08 -6.84
C GLU A 49 -8.09 0.33 -5.93
N ALA A 50 -6.84 0.84 -5.88
CA ALA A 50 -5.77 0.29 -5.03
C ALA A 50 -6.09 0.56 -3.55
N ILE A 51 -6.65 1.77 -3.28
CA ILE A 51 -7.00 2.20 -1.92
C ILE A 51 -8.03 1.24 -1.29
N VAL A 52 -9.28 1.18 -1.84
CA VAL A 52 -10.32 0.21 -1.44
C VAL A 52 -9.76 -1.24 -1.23
N VAL A 53 -9.07 -1.76 -2.26
CA VAL A 53 -8.40 -3.09 -2.17
C VAL A 53 -7.52 -3.19 -0.90
N LEU A 54 -6.71 -2.14 -0.64
CA LEU A 54 -5.78 -2.09 0.53
C LEU A 54 -6.54 -1.95 1.86
N ARG A 55 -7.77 -1.40 1.84
CA ARG A 55 -8.64 -1.33 3.03
C ARG A 55 -9.13 -2.74 3.42
N GLU A 56 -9.19 -3.62 2.41
CA GLU A 56 -9.56 -5.04 2.56
C GLU A 56 -8.32 -5.85 2.95
N GLU A 57 -7.17 -5.44 2.37
CA GLU A 57 -5.87 -6.07 2.64
C GLU A 57 -5.48 -5.92 4.11
N GLU A 58 -5.70 -4.70 4.64
CA GLU A 58 -5.46 -4.38 6.06
C GLU A 58 -6.29 -5.30 6.96
N LYS A 59 -7.63 -5.32 6.76
CA LYS A 59 -8.58 -6.12 7.56
C LYS A 59 -8.21 -7.62 7.59
N LYS A 60 -7.80 -8.17 6.43
CA LYS A 60 -7.48 -9.61 6.29
C LYS A 60 -6.04 -9.91 6.78
N ALA A 61 -5.18 -8.86 6.81
CA ALA A 61 -3.78 -8.98 7.26
C ALA A 61 -3.68 -9.19 8.76
N SER A 62 -2.60 -9.86 9.18
CA SER A 62 -2.27 -10.07 10.59
C SER A 62 -1.04 -9.21 10.95
N GLU A 63 -0.88 -8.92 12.24
CA GLU A 63 0.10 -7.93 12.74
C GLU A 63 1.55 -8.50 12.71
N PRO A 64 2.63 -7.62 12.58
CA PRO A 64 2.51 -6.15 12.47
C PRO A 64 2.17 -5.65 11.04
N PHE A 65 2.12 -6.57 10.05
CA PHE A 65 1.85 -6.22 8.62
C PHE A 65 0.46 -5.58 8.42
N LYS A 66 -0.46 -5.84 9.36
CA LYS A 66 -1.80 -5.19 9.40
C LYS A 66 -1.68 -3.64 9.50
N THR A 67 -0.67 -3.19 10.26
CA THR A 67 -0.42 -1.76 10.50
C THR A 67 0.47 -1.20 9.38
N ASP A 68 1.42 -2.04 8.95
CA ASP A 68 2.33 -1.72 7.84
C ASP A 68 1.56 -1.39 6.54
N ILE A 69 0.43 -2.10 6.32
CA ILE A 69 -0.51 -1.80 5.24
C ILE A 69 -1.21 -0.46 5.51
N ARG A 70 -1.79 -0.27 6.72
CA ARG A 70 -2.59 0.95 7.00
C ARG A 70 -1.75 2.24 6.90
N ILE A 71 -0.42 2.18 7.22
CA ILE A 71 0.48 3.37 7.10
C ILE A 71 0.71 3.74 5.61
N LEU A 72 0.91 2.70 4.77
CA LEU A 72 1.06 2.82 3.29
C LEU A 72 -0.21 3.44 2.70
N LEU A 73 -1.33 2.77 3.00
CA LEU A 73 -2.68 3.10 2.55
C LEU A 73 -3.08 4.54 2.91
N ASP A 74 -3.15 4.84 4.24
CA ASP A 74 -3.39 6.19 4.80
C ASP A 74 -2.63 7.28 4.01
N PHE A 75 -1.31 7.11 3.87
CA PHE A 75 -0.43 8.04 3.10
C PHE A 75 -1.00 8.35 1.68
N LEU A 76 -1.52 7.30 0.98
CA LEU A 76 -2.14 7.44 -0.37
C LEU A 76 -3.41 8.32 -0.31
N GLU A 77 -4.15 8.21 0.80
CA GLU A 77 -5.38 9.00 1.04
C GLU A 77 -5.04 10.38 1.66
N SER A 78 -3.79 10.49 2.19
CA SER A 78 -3.24 11.69 2.87
C SER A 78 -4.09 12.06 4.11
N LYS A 79 -4.46 11.02 4.90
CA LYS A 79 -5.35 11.18 6.07
C LYS A 79 -4.59 11.88 7.22
N PRO A 80 -5.19 12.90 7.91
CA PRO A 80 -4.56 13.56 9.08
C PRO A 80 -4.52 12.62 10.34
N GLY A 9 3.33 2.23 -17.82
CA GLY A 9 2.47 1.16 -17.27
C GLY A 9 1.28 1.71 -16.50
N SER A 10 1.15 1.33 -15.22
CA SER A 10 0.11 1.85 -14.32
C SER A 10 0.61 3.09 -13.56
N VAL A 11 -0.14 4.20 -13.65
CA VAL A 11 0.06 5.41 -12.81
C VAL A 11 -0.12 5.09 -11.30
N VAL A 12 -0.80 3.95 -11.05
CA VAL A 12 -1.00 3.39 -9.70
C VAL A 12 0.38 3.16 -9.03
N LYS A 13 1.22 2.45 -9.80
CA LYS A 13 2.46 1.86 -9.28
C LYS A 13 3.40 2.94 -8.71
N GLU A 14 3.78 3.93 -9.56
CA GLU A 14 4.72 5.03 -9.20
C GLU A 14 4.31 5.80 -7.92
N LYS A 15 2.99 6.07 -7.78
CA LYS A 15 2.43 6.74 -6.58
C LYS A 15 2.65 5.88 -5.33
N LEU A 16 2.42 4.57 -5.48
CA LEU A 16 2.64 3.57 -4.42
C LEU A 16 4.14 3.49 -4.08
N GLU A 17 5.02 3.64 -5.12
CA GLU A 17 6.49 3.58 -4.94
C GLU A 17 6.98 4.74 -4.07
N LYS A 18 6.44 5.96 -4.31
CA LYS A 18 6.74 7.17 -3.52
C LYS A 18 6.35 6.95 -2.06
N ALA A 19 5.10 6.48 -1.89
CA ALA A 19 4.50 6.21 -0.59
C ALA A 19 5.31 5.17 0.21
N LEU A 20 5.71 4.09 -0.50
CA LEU A 20 6.54 2.99 0.04
C LEU A 20 7.82 3.53 0.69
N ILE A 21 8.55 4.38 -0.04
CA ILE A 21 9.82 4.99 0.42
C ILE A 21 9.57 5.90 1.64
N GLU A 22 8.53 6.76 1.54
CA GLU A 22 8.18 7.72 2.62
C GLU A 22 7.88 7.01 3.95
N VAL A 23 7.17 5.87 3.88
CA VAL A 23 6.76 5.09 5.06
C VAL A 23 7.77 3.97 5.40
N ARG A 24 8.73 3.71 4.46
CA ARG A 24 9.77 2.64 4.60
C ARG A 24 10.41 2.54 6.02
N PRO A 25 10.98 3.65 6.62
CA PRO A 25 11.61 3.57 7.97
C PRO A 25 10.61 3.27 9.12
N TYR A 26 9.30 3.39 8.82
CA TYR A 26 8.22 3.19 9.80
C TYR A 26 7.59 1.79 9.69
N VAL A 27 7.50 1.27 8.46
CA VAL A 27 6.75 0.02 8.17
C VAL A 27 7.64 -1.23 8.33
N GLU A 28 7.10 -2.23 9.04
CA GLU A 28 7.68 -3.58 9.10
C GLU A 28 7.34 -4.33 7.80
N TYR A 29 8.19 -5.31 7.41
CA TYR A 29 7.98 -6.15 6.23
C TYR A 29 7.80 -5.31 4.94
N TYR A 30 8.75 -4.37 4.77
CA TYR A 30 8.80 -3.48 3.59
C TYR A 30 8.78 -4.28 2.28
N ASN A 31 9.45 -5.44 2.26
CA ASN A 31 9.54 -6.32 1.06
C ASN A 31 8.19 -7.02 0.79
N GLU A 32 7.41 -7.32 1.86
CA GLU A 32 6.08 -7.95 1.73
C GLU A 32 5.08 -6.94 1.14
N LEU A 33 4.96 -5.78 1.80
CA LEU A 33 4.08 -4.67 1.38
C LEU A 33 4.40 -4.20 -0.05
N LYS A 34 5.70 -4.02 -0.33
CA LYS A 34 6.21 -3.68 -1.68
C LYS A 34 5.76 -4.71 -2.73
N ALA A 35 5.66 -6.01 -2.33
CA ALA A 35 5.19 -7.10 -3.21
C ALA A 35 3.67 -7.01 -3.43
N LEU A 36 2.93 -6.63 -2.37
CA LEU A 36 1.47 -6.43 -2.42
C LEU A 36 1.13 -5.26 -3.36
N VAL A 37 1.95 -4.19 -3.30
CA VAL A 37 1.92 -3.06 -4.26
C VAL A 37 2.17 -3.53 -5.71
N SER A 38 3.20 -4.37 -5.85
CA SER A 38 3.62 -4.90 -7.17
C SER A 38 2.50 -5.78 -7.78
N LYS A 39 1.73 -6.42 -6.89
CA LYS A 39 0.56 -7.23 -7.26
C LYS A 39 -0.62 -6.34 -7.70
N ILE A 40 -1.02 -5.40 -6.82
CA ILE A 40 -2.26 -4.61 -6.99
C ILE A 40 -2.16 -3.64 -8.19
N SER A 41 -1.00 -2.98 -8.36
CA SER A 41 -0.73 -2.08 -9.52
C SER A 41 -0.98 -2.78 -10.88
N SER A 42 -0.61 -4.08 -10.94
CA SER A 42 -0.75 -4.91 -12.15
C SER A 42 -2.22 -5.33 -12.38
N SER A 43 -2.99 -5.31 -11.29
CA SER A 43 -4.40 -5.77 -11.28
C SER A 43 -5.38 -4.60 -11.51
N VAL A 44 -5.14 -3.47 -10.82
CA VAL A 44 -6.09 -2.34 -10.75
C VAL A 44 -5.73 -1.27 -11.78
N ASN A 45 -6.75 -0.52 -12.21
CA ASN A 45 -6.63 0.49 -13.28
C ASN A 45 -6.12 1.83 -12.74
N ASP A 46 -6.53 2.19 -11.49
CA ASP A 46 -6.22 3.51 -10.89
C ASP A 46 -5.87 3.38 -9.40
N LEU A 47 -5.26 4.45 -8.85
CA LEU A 47 -4.71 4.48 -7.47
C LEU A 47 -5.84 4.30 -6.44
N GLU A 48 -7.01 4.89 -6.72
CA GLU A 48 -8.20 4.78 -5.86
C GLU A 48 -8.68 3.31 -5.76
N GLU A 49 -8.50 2.55 -6.85
CA GLU A 49 -8.87 1.12 -6.92
C GLU A 49 -7.92 0.29 -6.04
N ALA A 50 -6.65 0.75 -5.98
CA ALA A 50 -5.60 0.14 -5.16
C ALA A 50 -5.87 0.41 -3.67
N ILE A 51 -6.33 1.65 -3.38
CA ILE A 51 -6.67 2.10 -2.02
C ILE A 51 -7.72 1.17 -1.39
N VAL A 52 -8.95 1.15 -1.96
CA VAL A 52 -10.06 0.26 -1.57
C VAL A 52 -9.58 -1.21 -1.31
N VAL A 53 -8.87 -1.81 -2.30
CA VAL A 53 -8.29 -3.18 -2.15
C VAL A 53 -7.42 -3.27 -0.87
N LEU A 54 -6.56 -2.25 -0.62
CA LEU A 54 -5.66 -2.22 0.58
C LEU A 54 -6.45 -2.02 1.87
N ARG A 55 -7.64 -1.37 1.79
CA ARG A 55 -8.54 -1.17 2.96
C ARG A 55 -9.18 -2.50 3.39
N GLU A 56 -9.21 -3.46 2.47
CA GLU A 56 -9.65 -4.84 2.74
C GLU A 56 -8.46 -5.69 3.25
N GLU A 57 -7.34 -5.58 2.50
CA GLU A 57 -6.09 -6.35 2.79
C GLU A 57 -5.60 -6.12 4.22
N GLU A 58 -5.69 -4.85 4.65
CA GLU A 58 -5.36 -4.40 6.02
C GLU A 58 -6.15 -5.22 7.06
N LYS A 59 -7.49 -5.24 6.89
CA LYS A 59 -8.41 -5.87 7.85
C LYS A 59 -8.31 -7.42 7.82
N LYS A 60 -7.82 -7.97 6.70
CA LYS A 60 -7.56 -9.43 6.55
C LYS A 60 -6.24 -9.80 7.25
N ALA A 61 -5.31 -8.86 7.28
CA ALA A 61 -3.96 -9.05 7.84
C ALA A 61 -3.94 -8.82 9.36
N SER A 62 -3.10 -9.57 10.05
CA SER A 62 -2.74 -9.30 11.45
C SER A 62 -1.42 -8.52 11.49
N GLU A 63 -1.24 -7.66 12.50
CA GLU A 63 0.00 -6.90 12.72
C GLU A 63 1.19 -7.87 13.00
N PRO A 64 2.45 -7.53 12.58
CA PRO A 64 2.83 -6.23 11.96
C PRO A 64 2.54 -6.09 10.43
N PHE A 65 2.00 -7.13 9.74
CA PHE A 65 1.62 -6.98 8.31
C PHE A 65 0.46 -5.95 8.15
N LYS A 66 -0.43 -5.90 9.16
CA LYS A 66 -1.49 -4.88 9.20
C LYS A 66 -0.90 -3.49 9.58
N THR A 67 0.28 -3.49 10.23
CA THR A 67 0.97 -2.24 10.63
C THR A 67 1.54 -1.53 9.40
N ASP A 68 2.05 -2.30 8.42
CA ASP A 68 2.65 -1.72 7.22
C ASP A 68 1.59 -1.24 6.24
N ILE A 69 0.51 -2.05 6.08
CA ILE A 69 -0.55 -1.76 5.10
C ILE A 69 -1.22 -0.42 5.45
N ARG A 70 -1.72 -0.29 6.71
CA ARG A 70 -2.42 0.95 7.17
C ARG A 70 -1.56 2.23 6.98
N ILE A 71 -0.25 2.20 7.35
CA ILE A 71 0.65 3.39 7.27
C ILE A 71 0.87 3.85 5.81
N LEU A 72 1.01 2.86 4.89
CA LEU A 72 1.11 3.13 3.44
C LEU A 72 -0.20 3.77 2.94
N LEU A 73 -1.28 3.04 3.24
CA LEU A 73 -2.65 3.31 2.80
C LEU A 73 -3.11 4.74 3.21
N ASP A 74 -3.21 4.97 4.54
CA ASP A 74 -3.44 6.28 5.16
C ASP A 74 -2.68 7.44 4.45
N PHE A 75 -1.34 7.31 4.31
CA PHE A 75 -0.51 8.27 3.54
C PHE A 75 -1.11 8.58 2.12
N LEU A 76 -1.47 7.51 1.37
CA LEU A 76 -2.07 7.62 -0.01
C LEU A 76 -3.35 8.47 0.01
N GLU A 77 -4.23 8.15 0.97
CA GLU A 77 -5.56 8.77 1.10
C GLU A 77 -5.45 10.18 1.69
N SER A 78 -4.34 10.39 2.42
CA SER A 78 -4.05 11.65 3.15
C SER A 78 -5.13 11.93 4.23
N LYS A 79 -5.74 10.84 4.76
CA LYS A 79 -6.82 10.91 5.78
C LYS A 79 -6.22 11.00 7.21
N PRO A 80 -7.03 11.45 8.25
CA PRO A 80 -6.59 11.44 9.67
C PRO A 80 -6.54 9.98 10.22
N GLY A 9 3.08 -0.12 -15.35
CA GLY A 9 1.96 0.12 -16.30
C GLY A 9 1.19 1.38 -15.95
N SER A 10 0.20 1.24 -15.04
CA SER A 10 -0.67 2.34 -14.59
C SER A 10 0.12 3.44 -13.84
N VAL A 11 -0.39 4.68 -13.93
CA VAL A 11 0.10 5.86 -13.14
C VAL A 11 -0.11 5.64 -11.60
N VAL A 12 -0.99 4.68 -11.28
CA VAL A 12 -1.22 4.19 -9.91
C VAL A 12 0.09 3.66 -9.31
N LYS A 13 0.80 2.88 -10.16
CA LYS A 13 2.06 2.19 -9.80
C LYS A 13 3.07 3.12 -9.10
N GLU A 14 3.46 4.24 -9.79
CA GLU A 14 4.47 5.21 -9.29
C GLU A 14 4.06 5.81 -7.92
N LYS A 15 2.75 6.12 -7.79
CA LYS A 15 2.18 6.70 -6.56
C LYS A 15 2.39 5.77 -5.36
N LEU A 16 2.14 4.46 -5.61
CA LEU A 16 2.33 3.39 -4.60
C LEU A 16 3.83 3.28 -4.22
N GLU A 17 4.71 3.48 -5.24
CA GLU A 17 6.18 3.40 -5.07
C GLU A 17 6.73 4.56 -4.23
N LYS A 18 6.16 5.80 -4.42
CA LYS A 18 6.57 6.99 -3.64
C LYS A 18 6.26 6.77 -2.16
N ALA A 19 5.03 6.29 -1.90
CA ALA A 19 4.54 5.98 -0.55
C ALA A 19 5.43 4.92 0.12
N LEU A 20 5.84 3.89 -0.66
CA LEU A 20 6.78 2.83 -0.20
C LEU A 20 8.06 3.42 0.40
N ILE A 21 8.70 4.36 -0.33
CA ILE A 21 9.94 5.03 0.12
C ILE A 21 9.68 5.81 1.43
N GLU A 22 8.62 6.66 1.39
CA GLU A 22 8.25 7.54 2.51
C GLU A 22 8.04 6.76 3.82
N VAL A 23 7.28 5.65 3.76
CA VAL A 23 6.90 4.86 4.94
C VAL A 23 7.92 3.74 5.23
N ARG A 24 8.86 3.52 4.28
CA ARG A 24 9.91 2.46 4.38
C ARG A 24 10.55 2.32 5.80
N PRO A 25 11.13 3.40 6.44
CA PRO A 25 11.79 3.26 7.77
C PRO A 25 10.78 3.02 8.91
N TYR A 26 9.50 3.35 8.65
CA TYR A 26 8.41 3.24 9.63
C TYR A 26 7.75 1.85 9.59
N VAL A 27 7.79 1.18 8.42
CA VAL A 27 7.10 -0.11 8.21
C VAL A 27 8.11 -1.28 8.16
N GLU A 28 7.83 -2.31 8.97
CA GLU A 28 8.48 -3.62 8.89
C GLU A 28 7.69 -4.49 7.89
N TYR A 29 8.32 -5.60 7.44
CA TYR A 29 7.82 -6.44 6.34
C TYR A 29 7.78 -5.62 5.04
N TYR A 30 8.64 -4.58 4.96
CA TYR A 30 8.69 -3.62 3.83
C TYR A 30 8.80 -4.35 2.48
N ASN A 31 9.59 -5.44 2.42
CA ASN A 31 9.77 -6.21 1.18
C ASN A 31 8.48 -6.96 0.77
N GLU A 32 7.72 -7.45 1.79
CA GLU A 32 6.47 -8.18 1.56
C GLU A 32 5.38 -7.24 1.07
N LEU A 33 5.16 -6.15 1.82
CA LEU A 33 4.22 -5.07 1.48
C LEU A 33 4.52 -4.49 0.09
N LYS A 34 5.81 -4.16 -0.13
CA LYS A 34 6.33 -3.72 -1.44
C LYS A 34 5.94 -4.67 -2.57
N ALA A 35 6.06 -6.01 -2.35
CA ALA A 35 5.75 -7.03 -3.38
C ALA A 35 4.23 -7.14 -3.61
N LEU A 36 3.46 -6.97 -2.50
CA LEU A 36 1.99 -7.00 -2.51
C LEU A 36 1.42 -5.85 -3.36
N VAL A 37 1.80 -4.62 -3.00
CA VAL A 37 1.29 -3.40 -3.63
C VAL A 37 1.83 -3.25 -5.09
N SER A 38 3.05 -3.77 -5.31
CA SER A 38 3.64 -3.86 -6.68
C SER A 38 2.83 -4.86 -7.55
N LYS A 39 2.28 -5.92 -6.92
CA LYS A 39 1.45 -6.91 -7.59
C LYS A 39 0.08 -6.31 -7.96
N ILE A 40 -0.51 -5.54 -7.02
CA ILE A 40 -1.85 -4.93 -7.24
C ILE A 40 -1.77 -3.73 -8.19
N SER A 41 -0.58 -3.07 -8.30
CA SER A 41 -0.27 -2.07 -9.37
C SER A 41 -0.66 -2.62 -10.77
N SER A 42 -0.36 -3.92 -10.96
CA SER A 42 -0.60 -4.64 -12.22
C SER A 42 -2.10 -5.03 -12.35
N SER A 43 -2.77 -5.18 -11.20
CA SER A 43 -4.18 -5.60 -11.12
C SER A 43 -5.14 -4.42 -11.36
N VAL A 44 -4.85 -3.27 -10.71
CA VAL A 44 -5.76 -2.10 -10.70
C VAL A 44 -5.38 -1.11 -11.80
N ASN A 45 -6.39 -0.36 -12.25
CA ASN A 45 -6.25 0.66 -13.30
C ASN A 45 -6.46 2.08 -12.74
N ASP A 46 -7.00 2.17 -11.51
CA ASP A 46 -7.31 3.45 -10.83
C ASP A 46 -6.74 3.44 -9.40
N LEU A 47 -6.33 4.63 -8.93
CA LEU A 47 -5.70 4.82 -7.60
C LEU A 47 -6.72 4.51 -6.49
N GLU A 48 -8.00 4.88 -6.72
CA GLU A 48 -9.12 4.58 -5.80
C GLU A 48 -9.34 3.05 -5.68
N GLU A 49 -9.03 2.34 -6.79
CA GLU A 49 -9.15 0.87 -6.86
C GLU A 49 -7.99 0.19 -6.10
N ALA A 50 -6.83 0.89 -6.03
CA ALA A 50 -5.68 0.44 -5.23
C ALA A 50 -6.00 0.62 -3.74
N ILE A 51 -6.68 1.74 -3.43
CA ILE A 51 -7.10 2.09 -2.07
C ILE A 51 -8.02 0.99 -1.48
N VAL A 52 -9.23 0.79 -2.07
CA VAL A 52 -10.16 -0.31 -1.76
C VAL A 52 -9.46 -1.69 -1.57
N VAL A 53 -8.63 -2.09 -2.56
CA VAL A 53 -7.83 -3.34 -2.47
C VAL A 53 -6.92 -3.37 -1.22
N LEU A 54 -6.26 -2.24 -0.92
CA LEU A 54 -5.40 -2.11 0.28
C LEU A 54 -6.23 -2.10 1.58
N ARG A 55 -7.54 -1.70 1.48
CA ARG A 55 -8.49 -1.74 2.62
C ARG A 55 -8.94 -3.19 2.91
N GLU A 56 -8.85 -4.06 1.89
CA GLU A 56 -9.10 -5.50 2.06
C GLU A 56 -7.93 -6.06 2.85
N GLU A 57 -6.72 -5.73 2.33
CA GLU A 57 -5.45 -6.26 2.83
C GLU A 57 -5.20 -5.89 4.29
N GLU A 58 -5.43 -4.60 4.58
CA GLU A 58 -5.34 -4.00 5.92
C GLU A 58 -6.07 -4.85 6.99
N LYS A 59 -7.39 -5.03 6.79
CA LYS A 59 -8.30 -5.64 7.79
C LYS A 59 -8.13 -7.18 7.86
N LYS A 60 -7.80 -7.82 6.72
CA LYS A 60 -7.67 -9.30 6.66
C LYS A 60 -6.27 -9.74 7.11
N ALA A 61 -5.31 -8.79 7.17
CA ALA A 61 -3.96 -9.01 7.73
C ALA A 61 -4.03 -9.02 9.26
N SER A 62 -2.93 -9.48 9.85
CA SER A 62 -2.75 -9.56 11.30
C SER A 62 -1.60 -8.65 11.72
N GLU A 63 -1.64 -8.20 12.98
CA GLU A 63 -0.61 -7.32 13.57
C GLU A 63 0.77 -8.05 13.61
N PRO A 64 1.92 -7.34 13.40
CA PRO A 64 1.99 -5.87 13.16
C PRO A 64 1.68 -5.44 11.70
N PHE A 65 1.59 -6.42 10.78
CA PHE A 65 1.41 -6.17 9.33
C PHE A 65 0.07 -5.45 9.01
N LYS A 66 -0.90 -5.56 9.94
CA LYS A 66 -2.17 -4.78 9.87
C LYS A 66 -1.88 -3.25 9.85
N THR A 67 -0.83 -2.84 10.58
CA THR A 67 -0.46 -1.43 10.70
C THR A 67 0.49 -1.04 9.57
N ASP A 68 1.41 -1.96 9.23
CA ASP A 68 2.37 -1.74 8.12
C ASP A 68 1.65 -1.47 6.79
N ILE A 69 0.56 -2.23 6.52
CA ILE A 69 -0.29 -2.03 5.34
C ILE A 69 -1.04 -0.70 5.45
N ARG A 70 -1.68 -0.43 6.64
CA ARG A 70 -2.49 0.78 6.82
C ARG A 70 -1.65 2.08 6.71
N ILE A 71 -0.35 2.06 7.13
CA ILE A 71 0.53 3.25 7.07
C ILE A 71 0.79 3.64 5.60
N LEU A 72 0.96 2.63 4.73
CA LEU A 72 1.09 2.83 3.27
C LEU A 72 -0.20 3.46 2.71
N LEU A 73 -1.32 2.78 2.99
CA LEU A 73 -2.65 3.12 2.47
C LEU A 73 -3.11 4.53 2.91
N ASP A 74 -3.33 4.71 4.23
CA ASP A 74 -3.67 6.00 4.90
C ASP A 74 -2.84 7.18 4.36
N PHE A 75 -1.50 7.01 4.36
CA PHE A 75 -0.56 8.00 3.77
C PHE A 75 -0.98 8.42 2.34
N LEU A 76 -1.27 7.43 1.46
CA LEU A 76 -1.74 7.68 0.06
C LEU A 76 -3.04 8.50 0.03
N GLU A 77 -3.89 8.30 1.05
CA GLU A 77 -5.19 8.99 1.17
C GLU A 77 -5.01 10.38 1.83
N SER A 78 -3.83 10.57 2.47
CA SER A 78 -3.41 11.85 3.11
C SER A 78 -4.38 12.21 4.27
N LYS A 79 -4.82 11.18 5.02
CA LYS A 79 -5.79 11.32 6.12
C LYS A 79 -5.17 12.00 7.37
N PRO A 80 -5.80 13.12 7.89
CA PRO A 80 -5.49 13.65 9.24
C PRO A 80 -5.99 12.69 10.35
N GLY A 9 6.25 1.88 -14.61
CA GLY A 9 5.02 1.14 -14.96
C GLY A 9 3.80 2.05 -14.97
N SER A 10 2.72 1.60 -14.31
CA SER A 10 1.43 2.29 -14.24
C SER A 10 1.51 3.52 -13.31
N VAL A 11 0.64 4.54 -13.57
CA VAL A 11 0.62 5.80 -12.78
C VAL A 11 0.19 5.52 -11.32
N VAL A 12 -0.57 4.42 -11.13
CA VAL A 12 -0.92 3.90 -9.79
C VAL A 12 0.35 3.38 -9.10
N LYS A 13 1.12 2.58 -9.85
CA LYS A 13 2.26 1.82 -9.32
C LYS A 13 3.31 2.76 -8.69
N GLU A 14 3.76 3.77 -9.45
CA GLU A 14 4.75 4.77 -9.00
C GLU A 14 4.29 5.53 -7.74
N LYS A 15 2.97 5.84 -7.67
CA LYS A 15 2.36 6.51 -6.49
C LYS A 15 2.46 5.63 -5.24
N LEU A 16 2.19 4.32 -5.42
CA LEU A 16 2.31 3.32 -4.35
C LEU A 16 3.78 3.22 -3.87
N GLU A 17 4.72 3.39 -4.83
CA GLU A 17 6.18 3.24 -4.59
C GLU A 17 6.83 4.50 -4.00
N LYS A 18 6.27 5.70 -4.31
CA LYS A 18 6.66 6.95 -3.64
C LYS A 18 6.26 6.89 -2.17
N ALA A 19 5.01 6.44 -1.98
CA ALA A 19 4.43 6.23 -0.65
C ALA A 19 5.23 5.17 0.14
N LEU A 20 5.68 4.09 -0.56
CA LEU A 20 6.57 3.06 0.01
C LEU A 20 7.79 3.69 0.71
N ILE A 21 8.50 4.60 0.00
CA ILE A 21 9.69 5.30 0.52
C ILE A 21 9.31 6.17 1.75
N GLU A 22 8.19 6.92 1.63
CA GLU A 22 7.67 7.80 2.71
C GLU A 22 7.45 7.03 4.01
N VAL A 23 6.83 5.85 3.89
CA VAL A 23 6.45 5.01 5.02
C VAL A 23 7.53 3.97 5.37
N ARG A 24 8.57 3.89 4.51
CA ARG A 24 9.71 2.94 4.66
C ARG A 24 10.29 2.88 6.12
N PRO A 25 10.66 4.04 6.78
CA PRO A 25 11.24 4.01 8.15
C PRO A 25 10.20 3.72 9.26
N TYR A 26 8.96 3.41 8.88
CA TYR A 26 7.83 3.18 9.81
C TYR A 26 7.22 1.77 9.65
N VAL A 27 7.17 1.26 8.41
CA VAL A 27 6.48 -0.02 8.11
C VAL A 27 7.42 -1.22 8.29
N GLU A 28 6.89 -2.28 8.90
CA GLU A 28 7.57 -3.58 9.04
C GLU A 28 7.06 -4.52 7.95
N TYR A 29 7.98 -5.32 7.34
CA TYR A 29 7.71 -6.24 6.21
C TYR A 29 7.52 -5.45 4.89
N TYR A 30 8.38 -4.42 4.74
CA TYR A 30 8.45 -3.56 3.53
C TYR A 30 8.59 -4.40 2.23
N ASN A 31 9.34 -5.53 2.30
CA ASN A 31 9.56 -6.42 1.14
C ASN A 31 8.23 -7.04 0.66
N GLU A 32 7.39 -7.45 1.64
CA GLU A 32 6.08 -8.06 1.38
C GLU A 32 5.09 -7.03 0.82
N LEU A 33 5.01 -5.84 1.48
CA LEU A 33 4.17 -4.73 1.02
C LEU A 33 4.54 -4.28 -0.40
N LYS A 34 5.84 -4.19 -0.64
CA LYS A 34 6.40 -3.92 -1.98
C LYS A 34 5.84 -4.92 -3.04
N ALA A 35 5.72 -6.22 -2.67
CA ALA A 35 5.20 -7.27 -3.55
C ALA A 35 3.67 -7.16 -3.71
N LEU A 36 2.99 -6.71 -2.64
CA LEU A 36 1.54 -6.45 -2.64
C LEU A 36 1.23 -5.30 -3.62
N VAL A 37 1.95 -4.17 -3.45
CA VAL A 37 2.00 -3.02 -4.39
C VAL A 37 2.23 -3.48 -5.84
N SER A 38 3.23 -4.34 -5.99
CA SER A 38 3.67 -4.83 -7.30
C SER A 38 2.55 -5.61 -8.02
N LYS A 39 1.74 -6.36 -7.22
CA LYS A 39 0.65 -7.20 -7.74
C LYS A 39 -0.67 -6.43 -7.92
N ILE A 40 -0.98 -5.48 -6.99
CA ILE A 40 -2.26 -4.74 -7.00
C ILE A 40 -2.28 -3.68 -8.11
N SER A 41 -1.12 -3.01 -8.33
CA SER A 41 -0.88 -2.15 -9.53
C SER A 41 -1.32 -2.85 -10.83
N SER A 42 -1.08 -4.17 -10.91
CA SER A 42 -1.42 -4.99 -12.07
C SER A 42 -2.93 -5.33 -12.07
N SER A 43 -3.50 -5.45 -10.87
CA SER A 43 -4.89 -5.88 -10.68
C SER A 43 -5.88 -4.73 -10.96
N VAL A 44 -5.53 -3.53 -10.47
CA VAL A 44 -6.39 -2.34 -10.58
C VAL A 44 -5.86 -1.40 -11.67
N ASN A 45 -6.65 -0.36 -11.97
CA ASN A 45 -6.29 0.70 -12.95
C ASN A 45 -6.29 2.08 -12.28
N ASP A 46 -6.81 2.17 -11.05
CA ASP A 46 -6.95 3.45 -10.31
C ASP A 46 -6.26 3.34 -8.94
N LEU A 47 -5.65 4.46 -8.50
CA LEU A 47 -5.03 4.59 -7.16
C LEU A 47 -6.13 4.44 -6.10
N GLU A 48 -7.34 4.94 -6.42
CA GLU A 48 -8.54 4.84 -5.60
C GLU A 48 -8.96 3.35 -5.42
N GLU A 49 -8.75 2.54 -6.47
CA GLU A 49 -9.04 1.09 -6.46
C GLU A 49 -7.97 0.33 -5.67
N ALA A 50 -6.74 0.86 -5.69
CA ALA A 50 -5.60 0.27 -4.96
C ALA A 50 -5.78 0.49 -3.46
N ILE A 51 -6.29 1.69 -3.12
CA ILE A 51 -6.63 2.09 -1.74
C ILE A 51 -7.61 1.09 -1.10
N VAL A 52 -8.86 0.99 -1.64
CA VAL A 52 -9.90 0.04 -1.18
C VAL A 52 -9.40 -1.41 -1.08
N VAL A 53 -8.63 -1.86 -2.10
CA VAL A 53 -7.96 -3.19 -2.06
C VAL A 53 -7.12 -3.31 -0.78
N LEU A 54 -6.30 -2.29 -0.47
CA LEU A 54 -5.44 -2.26 0.74
C LEU A 54 -6.27 -2.18 2.05
N ARG A 55 -7.46 -1.58 1.97
CA ARG A 55 -8.40 -1.50 3.12
C ARG A 55 -9.03 -2.88 3.40
N GLU A 56 -8.99 -3.77 2.38
CA GLU A 56 -9.39 -5.19 2.49
C GLU A 56 -8.19 -6.06 2.88
N GLU A 57 -7.00 -5.67 2.38
CA GLU A 57 -5.74 -6.39 2.66
C GLU A 57 -5.43 -6.34 4.16
N GLU A 58 -5.65 -5.15 4.73
CA GLU A 58 -5.52 -4.92 6.18
C GLU A 58 -6.39 -5.93 6.98
N LYS A 59 -7.69 -6.04 6.61
CA LYS A 59 -8.68 -6.94 7.26
C LYS A 59 -8.20 -8.40 7.30
N LYS A 60 -7.69 -8.89 6.16
CA LYS A 60 -7.27 -10.31 6.01
C LYS A 60 -5.86 -10.52 6.63
N ALA A 61 -5.06 -9.45 6.67
CA ALA A 61 -3.71 -9.45 7.27
C ALA A 61 -3.77 -9.42 8.79
N SER A 62 -2.63 -9.66 9.41
CA SER A 62 -2.45 -9.65 10.87
C SER A 62 -1.31 -8.66 11.26
N GLU A 63 -1.46 -8.02 12.43
CA GLU A 63 -0.46 -7.07 12.98
C GLU A 63 0.86 -7.79 13.29
N PRO A 64 2.08 -7.17 13.04
CA PRO A 64 2.22 -5.75 12.62
C PRO A 64 2.21 -5.51 11.08
N PHE A 65 1.86 -6.53 10.27
CA PHE A 65 1.66 -6.32 8.80
C PHE A 65 0.39 -5.47 8.54
N LYS A 66 -0.54 -5.44 9.52
CA LYS A 66 -1.66 -4.47 9.50
C LYS A 66 -1.20 -3.02 9.75
N THR A 67 -0.05 -2.87 10.43
CA THR A 67 0.53 -1.54 10.70
C THR A 67 1.30 -1.07 9.46
N ASP A 68 1.91 -2.05 8.80
CA ASP A 68 2.61 -1.90 7.53
C ASP A 68 1.68 -1.30 6.46
N ILE A 69 0.59 -2.03 6.19
CA ILE A 69 -0.45 -1.62 5.23
C ILE A 69 -1.02 -0.21 5.57
N ARG A 70 -1.59 -0.01 6.78
CA ARG A 70 -2.32 1.24 7.14
C ARG A 70 -1.46 2.53 7.01
N ILE A 71 -0.15 2.47 7.37
CA ILE A 71 0.76 3.64 7.24
C ILE A 71 0.95 4.02 5.75
N LEU A 72 1.07 3.00 4.86
CA LEU A 72 1.12 3.21 3.38
C LEU A 72 -0.21 3.83 2.91
N LEU A 73 -1.28 3.15 3.31
CA LEU A 73 -2.68 3.46 3.01
C LEU A 73 -3.07 4.87 3.47
N ASP A 74 -2.35 5.39 4.48
CA ASP A 74 -2.61 6.69 5.07
C ASP A 74 -2.13 7.79 4.12
N PHE A 75 -0.83 7.79 3.84
CA PHE A 75 -0.18 8.73 2.89
C PHE A 75 -0.85 8.68 1.49
N LEU A 76 -1.33 7.48 1.06
CA LEU A 76 -2.01 7.30 -0.25
C LEU A 76 -3.31 8.11 -0.34
N GLU A 77 -4.16 7.97 0.69
CA GLU A 77 -5.41 8.76 0.77
C GLU A 77 -5.10 10.21 1.22
N SER A 78 -3.88 10.39 1.80
CA SER A 78 -3.37 11.66 2.33
C SER A 78 -4.22 12.08 3.56
N LYS A 79 -4.67 11.03 4.30
CA LYS A 79 -5.59 11.12 5.46
C LYS A 79 -5.18 12.19 6.51
N PRO A 80 -6.19 12.94 7.10
CA PRO A 80 -5.96 13.92 8.19
C PRO A 80 -5.58 13.20 9.52
N GLY A 9 2.42 0.97 -18.14
CA GLY A 9 2.78 2.04 -17.17
C GLY A 9 1.56 2.57 -16.43
N SER A 10 1.34 2.06 -15.21
CA SER A 10 0.24 2.48 -14.34
C SER A 10 0.64 3.78 -13.59
N VAL A 11 -0.19 4.83 -13.73
CA VAL A 11 -0.04 6.10 -12.95
C VAL A 11 -0.21 5.84 -11.42
N VAL A 12 -0.90 4.74 -11.09
CA VAL A 12 -1.06 4.24 -9.71
C VAL A 12 0.28 3.72 -9.16
N LYS A 13 1.05 3.06 -10.06
CA LYS A 13 2.32 2.38 -9.69
C LYS A 13 3.28 3.36 -8.99
N GLU A 14 3.60 4.50 -9.65
CA GLU A 14 4.52 5.54 -9.11
C GLU A 14 4.08 6.07 -7.73
N LYS A 15 2.75 6.19 -7.56
CA LYS A 15 2.14 6.65 -6.29
C LYS A 15 2.44 5.66 -5.16
N LEU A 16 2.37 4.37 -5.50
CA LEU A 16 2.66 3.25 -4.58
C LEU A 16 4.17 3.16 -4.30
N GLU A 17 5.00 3.40 -5.37
CA GLU A 17 6.48 3.30 -5.30
C GLU A 17 7.06 4.36 -4.37
N LYS A 18 6.61 5.62 -4.57
CA LYS A 18 7.03 6.76 -3.75
C LYS A 18 6.55 6.58 -2.30
N ALA A 19 5.28 6.14 -2.16
CA ALA A 19 4.65 5.90 -0.85
C ALA A 19 5.44 4.87 -0.03
N LEU A 20 5.86 3.76 -0.72
CA LEU A 20 6.73 2.73 -0.14
C LEU A 20 7.96 3.34 0.55
N ILE A 21 8.68 4.20 -0.19
CA ILE A 21 9.93 4.82 0.26
C ILE A 21 9.66 5.77 1.47
N GLU A 22 8.59 6.59 1.34
CA GLU A 22 8.18 7.55 2.39
C GLU A 22 7.82 6.84 3.72
N VAL A 23 7.07 5.74 3.62
CA VAL A 23 6.60 4.97 4.79
C VAL A 23 7.62 3.91 5.22
N ARG A 24 8.66 3.70 4.37
CA ARG A 24 9.72 2.70 4.59
C ARG A 24 10.30 2.70 6.05
N PRO A 25 10.75 3.89 6.63
CA PRO A 25 11.30 3.92 8.03
C PRO A 25 10.24 3.57 9.11
N TYR A 26 8.94 3.69 8.75
CA TYR A 26 7.81 3.45 9.67
C TYR A 26 7.36 1.98 9.63
N VAL A 27 7.39 1.35 8.44
CA VAL A 27 6.79 0.02 8.22
C VAL A 27 7.83 -1.12 8.38
N GLU A 28 7.42 -2.19 9.07
CA GLU A 28 8.14 -3.47 9.07
C GLU A 28 7.51 -4.40 8.05
N TYR A 29 8.32 -5.33 7.53
CA TYR A 29 7.96 -6.28 6.45
C TYR A 29 7.73 -5.52 5.14
N TYR A 30 8.61 -4.50 4.94
CA TYR A 30 8.68 -3.65 3.75
C TYR A 30 8.78 -4.46 2.43
N ASN A 31 9.49 -5.61 2.48
CA ASN A 31 9.61 -6.54 1.32
C ASN A 31 8.24 -7.09 0.91
N GLU A 32 7.43 -7.44 1.92
CA GLU A 32 6.09 -8.01 1.72
C GLU A 32 5.12 -6.95 1.17
N LEU A 33 5.13 -5.73 1.77
CA LEU A 33 4.32 -4.58 1.30
C LEU A 33 4.69 -4.18 -0.14
N LYS A 34 6.02 -4.12 -0.38
CA LYS A 34 6.61 -3.86 -1.72
C LYS A 34 6.11 -4.89 -2.78
N ALA A 35 5.83 -6.14 -2.34
CA ALA A 35 5.28 -7.20 -3.20
C ALA A 35 3.77 -7.02 -3.42
N LEU A 36 3.06 -6.57 -2.37
CA LEU A 36 1.61 -6.28 -2.42
C LEU A 36 1.32 -5.12 -3.38
N VAL A 37 2.19 -4.09 -3.32
CA VAL A 37 2.23 -2.95 -4.25
C VAL A 37 2.50 -3.42 -5.70
N SER A 38 3.50 -4.32 -5.83
CA SER A 38 3.91 -4.85 -7.15
C SER A 38 2.76 -5.66 -7.80
N LYS A 39 1.92 -6.26 -6.93
CA LYS A 39 0.72 -7.00 -7.34
C LYS A 39 -0.42 -6.05 -7.75
N ILE A 40 -0.80 -5.12 -6.86
CA ILE A 40 -2.00 -4.26 -7.03
C ILE A 40 -1.81 -3.25 -8.19
N SER A 41 -0.63 -2.62 -8.30
CA SER A 41 -0.28 -1.67 -9.40
C SER A 41 -0.62 -2.22 -10.80
N SER A 42 -0.36 -3.53 -10.99
CA SER A 42 -0.56 -4.21 -12.27
C SER A 42 -2.04 -4.66 -12.45
N SER A 43 -2.74 -4.84 -11.32
CA SER A 43 -4.14 -5.35 -11.29
C SER A 43 -5.17 -4.21 -11.44
N VAL A 44 -4.94 -3.11 -10.69
CA VAL A 44 -5.92 -2.03 -10.50
C VAL A 44 -5.70 -0.93 -11.56
N ASN A 45 -6.79 -0.21 -11.85
CA ASN A 45 -6.80 0.87 -12.85
C ASN A 45 -6.60 2.23 -12.18
N ASP A 46 -7.07 2.36 -10.91
CA ASP A 46 -7.14 3.66 -10.20
C ASP A 46 -6.52 3.52 -8.79
N LEU A 47 -6.01 4.66 -8.25
CA LEU A 47 -5.43 4.73 -6.90
C LEU A 47 -6.53 4.43 -5.86
N GLU A 48 -7.79 4.81 -6.20
CA GLU A 48 -8.99 4.49 -5.40
C GLU A 48 -9.23 2.96 -5.34
N GLU A 49 -8.95 2.28 -6.47
CA GLU A 49 -9.07 0.80 -6.57
C GLU A 49 -8.00 0.13 -5.69
N ALA A 50 -6.83 0.79 -5.59
CA ALA A 50 -5.69 0.32 -4.80
C ALA A 50 -6.03 0.41 -3.30
N ILE A 51 -6.60 1.57 -2.89
CA ILE A 51 -6.99 1.85 -1.49
C ILE A 51 -7.95 0.76 -0.96
N VAL A 52 -9.18 0.67 -1.54
CA VAL A 52 -10.21 -0.35 -1.23
C VAL A 52 -9.64 -1.81 -1.14
N VAL A 53 -8.90 -2.25 -2.19
CA VAL A 53 -8.24 -3.58 -2.19
C VAL A 53 -7.29 -3.74 -0.98
N LEU A 54 -6.50 -2.69 -0.67
CA LEU A 54 -5.59 -2.68 0.50
C LEU A 54 -6.37 -2.67 1.83
N ARG A 55 -7.63 -2.17 1.80
CA ARG A 55 -8.51 -2.18 2.99
C ARG A 55 -9.02 -3.59 3.31
N GLU A 56 -9.01 -4.48 2.30
CA GLU A 56 -9.36 -5.90 2.48
C GLU A 56 -8.14 -6.69 2.92
N GLU A 57 -6.97 -6.26 2.42
CA GLU A 57 -5.68 -6.85 2.81
C GLU A 57 -5.43 -6.60 4.30
N GLU A 58 -5.67 -5.35 4.70
CA GLU A 58 -5.55 -4.88 6.09
C GLU A 58 -6.44 -5.71 7.03
N LYS A 59 -7.76 -5.75 6.71
CA LYS A 59 -8.79 -6.47 7.48
C LYS A 59 -8.50 -7.99 7.64
N LYS A 60 -8.05 -8.66 6.55
CA LYS A 60 -7.77 -10.11 6.58
C LYS A 60 -6.43 -10.39 7.29
N ALA A 61 -5.52 -9.39 7.27
CA ALA A 61 -4.21 -9.48 7.92
C ALA A 61 -4.32 -9.18 9.41
N SER A 62 -3.20 -9.37 10.10
CA SER A 62 -3.05 -9.12 11.54
C SER A 62 -1.73 -8.37 11.78
N GLU A 63 -1.54 -7.83 13.00
CA GLU A 63 -0.35 -7.04 13.37
C GLU A 63 0.92 -7.93 13.29
N PRO A 64 2.14 -7.37 12.93
CA PRO A 64 2.38 -5.95 12.57
C PRO A 64 2.13 -5.64 11.07
N PHE A 65 1.75 -6.67 10.27
CA PHE A 65 1.47 -6.50 8.83
C PHE A 65 0.21 -5.63 8.58
N LYS A 66 -0.71 -5.61 9.58
CA LYS A 66 -1.89 -4.71 9.54
C LYS A 66 -1.47 -3.23 9.71
N THR A 67 -0.33 -3.02 10.38
CA THR A 67 0.22 -1.68 10.62
C THR A 67 1.03 -1.22 9.39
N ASP A 68 1.74 -2.20 8.84
CA ASP A 68 2.54 -2.04 7.60
C ASP A 68 1.66 -1.52 6.44
N ILE A 69 0.55 -2.25 6.18
CA ILE A 69 -0.47 -1.87 5.19
C ILE A 69 -1.07 -0.48 5.48
N ARG A 70 -1.69 -0.26 6.69
CA ARG A 70 -2.46 0.99 6.98
C ARG A 70 -1.60 2.27 6.88
N ILE A 71 -0.30 2.19 7.25
CA ILE A 71 0.64 3.33 7.15
C ILE A 71 0.81 3.75 5.68
N LEU A 72 0.96 2.76 4.77
CA LEU A 72 1.05 2.98 3.32
C LEU A 72 -0.28 3.55 2.80
N LEU A 73 -1.36 2.86 3.20
CA LEU A 73 -2.72 3.06 2.70
C LEU A 73 -3.19 4.51 2.96
N ASP A 74 -3.35 4.86 4.26
CA ASP A 74 -3.64 6.23 4.74
C ASP A 74 -2.79 7.31 4.02
N PHE A 75 -1.46 7.04 3.93
CA PHE A 75 -0.51 7.92 3.20
C PHE A 75 -0.93 8.13 1.71
N LEU A 76 -1.40 7.05 1.04
CA LEU A 76 -1.91 7.11 -0.36
C LEU A 76 -3.14 8.02 -0.47
N GLU A 77 -3.92 8.06 0.62
CA GLU A 77 -5.09 8.95 0.75
C GLU A 77 -4.63 10.41 1.04
N SER A 78 -3.42 10.53 1.65
CA SER A 78 -2.78 11.79 2.07
C SER A 78 -3.76 12.71 2.84
N LYS A 79 -4.34 12.15 3.93
CA LYS A 79 -5.21 12.90 4.86
C LYS A 79 -4.38 13.98 5.60
N PRO A 80 -4.98 15.16 5.98
CA PRO A 80 -4.29 16.16 6.83
C PRO A 80 -3.85 15.58 8.21
N GLY A 9 1.47 0.65 -17.75
CA GLY A 9 2.03 1.59 -16.76
C GLY A 9 0.98 2.55 -16.23
N SER A 10 0.37 2.20 -15.09
CA SER A 10 -0.65 3.03 -14.43
C SER A 10 0.03 4.13 -13.58
N VAL A 11 -0.59 5.33 -13.56
CA VAL A 11 -0.20 6.46 -12.67
C VAL A 11 -0.31 6.06 -11.16
N VAL A 12 -1.03 4.96 -10.92
CA VAL A 12 -1.18 4.34 -9.60
C VAL A 12 0.18 3.85 -9.08
N LYS A 13 0.92 3.16 -9.99
CA LYS A 13 2.18 2.48 -9.64
C LYS A 13 3.18 3.42 -8.96
N GLU A 14 3.50 4.57 -9.62
CA GLU A 14 4.47 5.57 -9.11
C GLU A 14 4.04 6.14 -7.75
N LYS A 15 2.71 6.29 -7.55
CA LYS A 15 2.15 6.74 -6.25
C LYS A 15 2.38 5.69 -5.15
N LEU A 16 2.35 4.40 -5.56
CA LEU A 16 2.63 3.26 -4.66
C LEU A 16 4.15 3.11 -4.40
N GLU A 17 4.96 3.48 -5.41
CA GLU A 17 6.44 3.47 -5.32
C GLU A 17 6.92 4.59 -4.38
N LYS A 18 6.28 5.77 -4.49
CA LYS A 18 6.45 6.89 -3.57
C LYS A 18 6.10 6.41 -2.17
N ALA A 19 4.88 5.86 -2.04
CA ALA A 19 4.31 5.39 -0.77
C ALA A 19 5.29 4.46 -0.03
N LEU A 20 5.75 3.40 -0.72
CA LEU A 20 6.78 2.45 -0.22
C LEU A 20 7.97 3.17 0.43
N ILE A 21 8.64 4.05 -0.34
CA ILE A 21 9.87 4.74 0.08
C ILE A 21 9.62 5.70 1.26
N GLU A 22 8.56 6.54 1.14
CA GLU A 22 8.20 7.54 2.18
C GLU A 22 7.87 6.87 3.53
N VAL A 23 7.21 5.69 3.48
CA VAL A 23 6.83 4.94 4.69
C VAL A 23 7.87 3.86 5.07
N ARG A 24 8.87 3.67 4.18
CA ARG A 24 9.96 2.64 4.38
C ARG A 24 10.51 2.58 5.85
N PRO A 25 10.97 3.72 6.49
CA PRO A 25 11.49 3.67 7.89
C PRO A 25 10.40 3.36 8.94
N TYR A 26 9.13 3.62 8.59
CA TYR A 26 7.97 3.42 9.49
C TYR A 26 7.51 1.95 9.50
N VAL A 27 7.57 1.30 8.33
CA VAL A 27 6.94 -0.03 8.12
C VAL A 27 7.91 -1.18 8.40
N GLU A 28 7.35 -2.28 8.92
CA GLU A 28 8.01 -3.59 9.00
C GLU A 28 7.51 -4.43 7.81
N TYR A 29 8.26 -5.49 7.42
CA TYR A 29 7.90 -6.37 6.29
C TYR A 29 7.86 -5.58 4.96
N TYR A 30 8.80 -4.62 4.85
CA TYR A 30 8.91 -3.73 3.65
C TYR A 30 8.91 -4.54 2.34
N ASN A 31 9.58 -5.71 2.34
CA ASN A 31 9.67 -6.61 1.15
C ASN A 31 8.30 -7.22 0.83
N GLU A 32 7.56 -7.61 1.88
CA GLU A 32 6.26 -8.29 1.76
C GLU A 32 5.19 -7.32 1.23
N LEU A 33 5.08 -6.14 1.88
CA LEU A 33 4.21 -5.04 1.44
C LEU A 33 4.59 -4.57 0.02
N LYS A 34 5.91 -4.50 -0.24
CA LYS A 34 6.46 -4.22 -1.60
C LYS A 34 5.92 -5.22 -2.65
N ALA A 35 5.76 -6.52 -2.26
CA ALA A 35 5.22 -7.57 -3.14
C ALA A 35 3.72 -7.38 -3.38
N LEU A 36 3.01 -6.91 -2.32
CA LEU A 36 1.57 -6.62 -2.38
C LEU A 36 1.31 -5.42 -3.32
N VAL A 37 2.14 -4.38 -3.19
CA VAL A 37 2.16 -3.19 -4.07
C VAL A 37 2.44 -3.59 -5.53
N SER A 38 3.41 -4.49 -5.69
CA SER A 38 3.86 -4.97 -7.01
C SER A 38 2.74 -5.78 -7.69
N LYS A 39 1.96 -6.49 -6.86
CA LYS A 39 0.77 -7.24 -7.30
C LYS A 39 -0.35 -6.28 -7.76
N ILE A 40 -0.73 -5.34 -6.87
CA ILE A 40 -1.93 -4.50 -7.07
C ILE A 40 -1.71 -3.45 -8.18
N SER A 41 -0.53 -2.80 -8.24
CA SER A 41 -0.16 -1.82 -9.30
C SER A 41 -0.34 -2.41 -10.73
N SER A 42 0.00 -3.69 -10.86
CA SER A 42 -0.10 -4.42 -12.13
C SER A 42 -1.58 -4.80 -12.44
N SER A 43 -2.41 -4.83 -11.38
CA SER A 43 -3.80 -5.30 -11.45
C SER A 43 -4.83 -4.14 -11.57
N VAL A 44 -4.57 -3.01 -10.88
CA VAL A 44 -5.56 -1.92 -10.70
C VAL A 44 -5.39 -0.83 -11.77
N ASN A 45 -6.51 -0.17 -12.09
CA ASN A 45 -6.57 0.89 -13.13
C ASN A 45 -6.56 2.30 -12.51
N ASP A 46 -7.06 2.44 -11.27
CA ASP A 46 -7.13 3.75 -10.56
C ASP A 46 -6.53 3.61 -9.16
N LEU A 47 -6.08 4.75 -8.59
CA LEU A 47 -5.41 4.79 -7.26
C LEU A 47 -6.43 4.46 -6.15
N GLU A 48 -7.71 4.82 -6.40
CA GLU A 48 -8.85 4.45 -5.53
C GLU A 48 -9.03 2.93 -5.48
N GLU A 49 -8.74 2.25 -6.62
CA GLU A 49 -8.83 0.78 -6.72
C GLU A 49 -7.71 0.13 -5.87
N ALA A 50 -6.55 0.80 -5.82
CA ALA A 50 -5.40 0.32 -5.03
C ALA A 50 -5.71 0.44 -3.53
N ILE A 51 -6.25 1.61 -3.14
CA ILE A 51 -6.61 1.91 -1.74
C ILE A 51 -7.64 0.88 -1.21
N VAL A 52 -8.87 0.85 -1.78
CA VAL A 52 -9.93 -0.17 -1.49
C VAL A 52 -9.38 -1.63 -1.37
N VAL A 53 -8.65 -2.09 -2.40
CA VAL A 53 -7.99 -3.45 -2.38
C VAL A 53 -7.07 -3.61 -1.13
N LEU A 54 -6.30 -2.55 -0.80
CA LEU A 54 -5.43 -2.52 0.39
C LEU A 54 -6.26 -2.54 1.69
N ARG A 55 -7.49 -1.96 1.66
CA ARG A 55 -8.41 -1.95 2.83
C ARG A 55 -8.91 -3.38 3.13
N GLU A 56 -8.90 -4.24 2.10
CA GLU A 56 -9.27 -5.67 2.25
C GLU A 56 -8.13 -6.41 2.92
N GLU A 57 -6.92 -6.15 2.42
CA GLU A 57 -5.68 -6.80 2.90
C GLU A 57 -5.42 -6.45 4.37
N GLU A 58 -5.68 -5.16 4.71
CA GLU A 58 -5.53 -4.62 6.06
C GLU A 58 -6.44 -5.36 7.07
N LYS A 59 -7.75 -5.49 6.75
CA LYS A 59 -8.73 -6.25 7.55
C LYS A 59 -8.33 -7.74 7.69
N LYS A 60 -7.79 -8.34 6.60
CA LYS A 60 -7.38 -9.77 6.60
C LYS A 60 -6.14 -9.98 7.48
N ALA A 61 -5.31 -8.93 7.58
CA ALA A 61 -4.05 -8.96 8.33
C ALA A 61 -4.27 -8.45 9.76
N SER A 62 -3.60 -9.10 10.73
CA SER A 62 -3.43 -8.58 12.08
C SER A 62 -2.02 -7.93 12.19
N GLU A 63 -1.82 -7.10 13.22
CA GLU A 63 -0.57 -6.33 13.40
C GLU A 63 0.65 -7.24 13.71
N PRO A 64 1.91 -6.86 13.30
CA PRO A 64 2.24 -5.56 12.64
C PRO A 64 2.10 -5.55 11.10
N PHE A 65 1.57 -6.63 10.47
CA PHE A 65 1.32 -6.61 9.00
C PHE A 65 0.11 -5.70 8.67
N LYS A 66 -0.84 -5.63 9.62
CA LYS A 66 -1.97 -4.69 9.55
C LYS A 66 -1.46 -3.24 9.66
N THR A 67 -0.28 -3.09 10.28
CA THR A 67 0.32 -1.78 10.55
C THR A 67 1.00 -1.25 9.28
N ASP A 68 1.83 -2.08 8.64
CA ASP A 68 2.59 -1.63 7.45
C ASP A 68 1.66 -1.29 6.29
N ILE A 69 0.62 -2.15 6.07
CA ILE A 69 -0.42 -1.88 5.08
C ILE A 69 -1.06 -0.50 5.32
N ARG A 70 -1.65 -0.26 6.52
CA ARG A 70 -2.42 0.99 6.78
C ARG A 70 -1.53 2.26 6.75
N ILE A 71 -0.23 2.16 7.11
CA ILE A 71 0.71 3.30 7.04
C ILE A 71 0.85 3.80 5.58
N LEU A 72 1.05 2.84 4.65
CA LEU A 72 1.17 3.10 3.21
C LEU A 72 -0.20 3.56 2.63
N LEU A 73 -1.24 2.83 3.05
CA LEU A 73 -2.62 3.01 2.58
C LEU A 73 -3.11 4.45 2.87
N ASP A 74 -3.28 4.76 4.17
CA ASP A 74 -3.62 6.10 4.69
C ASP A 74 -2.78 7.23 4.07
N PHE A 75 -1.44 6.99 3.93
CA PHE A 75 -0.54 7.94 3.21
C PHE A 75 -1.11 8.33 1.82
N LEU A 76 -1.59 7.33 1.05
CA LEU A 76 -2.23 7.56 -0.29
C LEU A 76 -3.51 8.41 -0.16
N GLU A 77 -4.27 8.16 0.92
CA GLU A 77 -5.52 8.88 1.22
C GLU A 77 -5.21 10.33 1.69
N SER A 78 -4.00 10.50 2.25
CA SER A 78 -3.47 11.76 2.80
C SER A 78 -4.36 12.27 3.97
N LYS A 79 -4.94 11.33 4.73
CA LYS A 79 -5.85 11.62 5.86
C LYS A 79 -5.07 11.70 7.18
N PRO A 80 -5.14 12.85 7.94
CA PRO A 80 -4.49 12.96 9.26
C PRO A 80 -5.32 12.27 10.39
N GLY A 9 2.32 0.90 -17.57
CA GLY A 9 2.71 1.56 -16.31
C GLY A 9 1.54 2.30 -15.68
N SER A 10 0.80 1.60 -14.79
CA SER A 10 -0.36 2.18 -14.08
C SER A 10 0.08 3.35 -13.18
N VAL A 11 -0.61 4.52 -13.28
CA VAL A 11 -0.31 5.74 -12.49
C VAL A 11 -0.36 5.50 -10.96
N VAL A 12 -0.94 4.36 -10.59
CA VAL A 12 -1.02 3.90 -9.21
C VAL A 12 0.40 3.54 -8.69
N LYS A 13 1.13 2.79 -9.52
CA LYS A 13 2.42 2.17 -9.12
C LYS A 13 3.46 3.19 -8.65
N GLU A 14 3.52 4.40 -9.28
CA GLU A 14 4.49 5.45 -8.91
C GLU A 14 4.17 6.01 -7.50
N LYS A 15 2.86 6.09 -7.23
CA LYS A 15 2.34 6.60 -5.95
C LYS A 15 2.55 5.57 -4.84
N LEU A 16 2.47 4.28 -5.22
CA LEU A 16 2.77 3.15 -4.33
C LEU A 16 4.27 3.14 -3.99
N GLU A 17 5.12 3.56 -4.96
CA GLU A 17 6.57 3.62 -4.78
C GLU A 17 6.98 4.82 -3.94
N LYS A 18 6.28 5.98 -4.12
CA LYS A 18 6.48 7.18 -3.29
C LYS A 18 6.14 6.85 -1.85
N ALA A 19 4.99 6.16 -1.67
CA ALA A 19 4.49 5.74 -0.36
C ALA A 19 5.46 4.76 0.28
N LEU A 20 5.93 3.76 -0.52
CA LEU A 20 6.93 2.75 -0.07
C LEU A 20 8.16 3.43 0.57
N ILE A 21 8.72 4.46 -0.11
CA ILE A 21 9.91 5.20 0.38
C ILE A 21 9.59 5.98 1.67
N GLU A 22 8.47 6.73 1.65
CA GLU A 22 8.06 7.58 2.78
C GLU A 22 7.83 6.77 4.05
N VAL A 23 7.22 5.58 3.90
CA VAL A 23 6.85 4.73 5.03
C VAL A 23 7.93 3.67 5.30
N ARG A 24 8.95 3.62 4.41
CA ARG A 24 10.10 2.67 4.54
C ARG A 24 10.79 2.71 5.95
N PRO A 25 11.06 3.91 6.58
CA PRO A 25 11.61 3.96 7.96
C PRO A 25 10.57 3.51 9.03
N TYR A 26 9.28 3.59 8.67
CA TYR A 26 8.15 3.36 9.59
C TYR A 26 7.62 1.92 9.55
N VAL A 27 7.78 1.24 8.40
CA VAL A 27 7.24 -0.12 8.20
C VAL A 27 8.34 -1.17 8.31
N GLU A 28 8.00 -2.28 8.97
CA GLU A 28 8.78 -3.52 8.96
C GLU A 28 8.14 -4.47 7.93
N TYR A 29 8.90 -5.52 7.51
CA TYR A 29 8.45 -6.46 6.46
C TYR A 29 8.19 -5.69 5.14
N TYR A 30 9.17 -4.81 4.84
CA TYR A 30 9.14 -3.96 3.64
C TYR A 30 9.01 -4.81 2.37
N ASN A 31 9.65 -6.01 2.35
CA ASN A 31 9.60 -6.94 1.20
C ASN A 31 8.17 -7.43 0.91
N GLU A 32 7.38 -7.60 1.99
CA GLU A 32 6.01 -8.12 1.91
C GLU A 32 5.08 -7.05 1.31
N LEU A 33 5.14 -5.82 1.87
CA LEU A 33 4.34 -4.67 1.41
C LEU A 33 4.76 -4.26 -0.02
N LYS A 34 6.07 -4.34 -0.28
CA LYS A 34 6.67 -4.20 -1.64
C LYS A 34 6.03 -5.18 -2.65
N ALA A 35 5.78 -6.43 -2.21
CA ALA A 35 5.21 -7.49 -3.06
C ALA A 35 3.70 -7.31 -3.25
N LEU A 36 3.05 -6.75 -2.21
CA LEU A 36 1.61 -6.45 -2.22
C LEU A 36 1.33 -5.26 -3.17
N VAL A 37 2.25 -4.28 -3.15
CA VAL A 37 2.27 -3.10 -4.04
C VAL A 37 2.47 -3.54 -5.51
N SER A 38 3.36 -4.52 -5.69
CA SER A 38 3.67 -5.08 -7.02
C SER A 38 2.46 -5.82 -7.59
N LYS A 39 1.71 -6.51 -6.70
CA LYS A 39 0.56 -7.32 -7.06
C LYS A 39 -0.64 -6.44 -7.46
N ILE A 40 -0.97 -5.45 -6.61
CA ILE A 40 -2.16 -4.60 -6.80
C ILE A 40 -1.99 -3.64 -8.00
N SER A 41 -0.78 -3.05 -8.17
CA SER A 41 -0.49 -2.08 -9.25
C SER A 41 -0.80 -2.63 -10.67
N SER A 42 -0.59 -3.95 -10.84
CA SER A 42 -0.78 -4.63 -12.13
C SER A 42 -2.22 -5.18 -12.28
N SER A 43 -3.08 -4.87 -11.30
CA SER A 43 -4.47 -5.37 -11.24
C SER A 43 -5.49 -4.23 -11.10
N VAL A 44 -5.08 -3.12 -10.46
CA VAL A 44 -5.97 -1.95 -10.23
C VAL A 44 -5.76 -0.92 -11.35
N ASN A 45 -6.87 -0.42 -11.92
CA ASN A 45 -6.84 0.59 -13.00
C ASN A 45 -6.64 2.00 -12.43
N ASP A 46 -7.02 2.20 -11.16
CA ASP A 46 -7.10 3.54 -10.55
C ASP A 46 -6.53 3.51 -9.11
N LEU A 47 -6.06 4.67 -8.63
CA LEU A 47 -5.48 4.83 -7.28
C LEU A 47 -6.58 4.57 -6.22
N GLU A 48 -7.84 4.92 -6.56
CA GLU A 48 -9.03 4.63 -5.73
C GLU A 48 -9.24 3.11 -5.59
N GLU A 49 -8.96 2.37 -6.69
CA GLU A 49 -9.07 0.89 -6.71
C GLU A 49 -7.99 0.27 -5.82
N ALA A 50 -6.84 0.97 -5.70
CA ALA A 50 -5.72 0.54 -4.84
C ALA A 50 -6.06 0.77 -3.37
N ILE A 51 -6.70 1.91 -3.10
CA ILE A 51 -7.10 2.25 -1.73
C ILE A 51 -8.10 1.21 -1.18
N VAL A 52 -9.32 1.12 -1.78
CA VAL A 52 -10.32 0.07 -1.50
C VAL A 52 -9.71 -1.35 -1.33
N VAL A 53 -8.95 -1.83 -2.35
CA VAL A 53 -8.34 -3.19 -2.27
C VAL A 53 -7.41 -3.35 -1.03
N LEU A 54 -6.65 -2.29 -0.67
CA LEU A 54 -5.75 -2.31 0.52
C LEU A 54 -6.54 -2.26 1.83
N ARG A 55 -7.78 -1.70 1.77
CA ARG A 55 -8.71 -1.73 2.93
C ARG A 55 -9.17 -3.18 3.22
N GLU A 56 -9.10 -4.03 2.19
CA GLU A 56 -9.44 -5.46 2.29
C GLU A 56 -8.19 -6.24 2.75
N GLU A 57 -7.04 -5.90 2.13
CA GLU A 57 -5.77 -6.62 2.38
C GLU A 57 -5.28 -6.43 3.82
N GLU A 58 -5.38 -5.19 4.30
CA GLU A 58 -5.12 -4.83 5.70
C GLU A 58 -5.86 -5.75 6.70
N LYS A 59 -7.20 -5.82 6.53
CA LYS A 59 -8.09 -6.59 7.41
C LYS A 59 -7.98 -8.12 7.18
N LYS A 60 -7.51 -8.54 6.00
CA LYS A 60 -7.16 -9.97 5.72
C LYS A 60 -5.86 -10.33 6.43
N ALA A 61 -4.96 -9.33 6.56
CA ALA A 61 -3.68 -9.47 7.25
C ALA A 61 -3.86 -9.33 8.76
N SER A 62 -2.80 -9.67 9.49
CA SER A 62 -2.76 -9.61 10.95
C SER A 62 -1.58 -8.71 11.38
N GLU A 63 -1.50 -8.41 12.68
CA GLU A 63 -0.43 -7.58 13.25
C GLU A 63 0.93 -8.31 13.10
N PRO A 64 2.07 -7.57 12.81
CA PRO A 64 2.12 -6.10 12.63
C PRO A 64 1.79 -5.60 11.20
N PHE A 65 1.64 -6.54 10.23
CA PHE A 65 1.45 -6.19 8.79
C PHE A 65 0.16 -5.35 8.54
N LYS A 66 -0.85 -5.52 9.42
CA LYS A 66 -2.10 -4.72 9.37
C LYS A 66 -1.80 -3.21 9.51
N THR A 67 -0.73 -2.90 10.25
CA THR A 67 -0.31 -1.52 10.50
C THR A 67 0.60 -1.06 9.36
N ASP A 68 1.50 -1.96 8.96
CA ASP A 68 2.43 -1.70 7.84
C ASP A 68 1.68 -1.33 6.54
N ILE A 69 0.50 -1.97 6.33
CA ILE A 69 -0.33 -1.70 5.16
C ILE A 69 -1.01 -0.33 5.30
N ARG A 70 -1.65 -0.05 6.47
CA ARG A 70 -2.38 1.23 6.64
C ARG A 70 -1.46 2.46 6.74
N ILE A 71 -0.17 2.32 7.13
CA ILE A 71 0.78 3.46 7.12
C ILE A 71 0.99 3.96 5.66
N LEU A 72 1.12 3.01 4.72
CA LEU A 72 1.25 3.28 3.28
C LEU A 72 -0.09 3.79 2.69
N LEU A 73 -1.15 3.02 3.00
CA LEU A 73 -2.52 3.27 2.52
C LEU A 73 -3.01 4.69 2.87
N ASP A 74 -3.16 4.98 4.18
CA ASP A 74 -3.50 6.31 4.74
C ASP A 74 -2.74 7.48 4.03
N PHE A 75 -1.40 7.34 3.92
CA PHE A 75 -0.56 8.28 3.14
C PHE A 75 -1.10 8.53 1.70
N LEU A 76 -1.48 7.43 0.97
CA LEU A 76 -2.07 7.54 -0.39
C LEU A 76 -3.38 8.36 -0.37
N GLU A 77 -4.19 8.11 0.68
CA GLU A 77 -5.49 8.77 0.88
C GLU A 77 -5.32 10.28 1.15
N SER A 78 -4.09 10.68 1.55
CA SER A 78 -3.66 12.10 1.63
C SER A 78 -4.56 12.95 2.56
N LYS A 79 -5.10 12.26 3.58
CA LYS A 79 -5.89 12.82 4.69
C LYS A 79 -5.16 13.98 5.43
N PRO A 80 -5.90 14.88 6.17
CA PRO A 80 -5.27 15.95 6.99
C PRO A 80 -4.32 15.38 8.09
N GLY A 9 1.73 -0.76 -17.80
CA GLY A 9 1.71 -0.46 -16.34
C GLY A 9 0.94 0.80 -16.02
N SER A 10 0.28 0.82 -14.86
CA SER A 10 -0.59 1.93 -14.43
C SER A 10 0.23 3.07 -13.79
N VAL A 11 -0.28 4.32 -13.90
CA VAL A 11 0.29 5.52 -13.22
C VAL A 11 0.21 5.38 -11.66
N VAL A 12 -0.63 4.43 -11.23
CA VAL A 12 -0.84 4.10 -9.81
C VAL A 12 0.44 3.51 -9.20
N LYS A 13 1.18 2.77 -10.07
CA LYS A 13 2.42 2.08 -9.66
C LYS A 13 3.45 3.06 -9.10
N GLU A 14 3.53 4.29 -9.67
CA GLU A 14 4.51 5.31 -9.22
C GLU A 14 4.18 5.70 -7.78
N LYS A 15 2.87 5.83 -7.50
CA LYS A 15 2.35 6.33 -6.23
C LYS A 15 2.52 5.28 -5.12
N LEU A 16 2.46 4.00 -5.51
CA LEU A 16 2.61 2.86 -4.58
C LEU A 16 4.10 2.62 -4.24
N GLU A 17 4.99 2.78 -5.26
CA GLU A 17 6.45 2.55 -5.12
C GLU A 17 7.09 3.71 -4.34
N LYS A 18 6.56 4.92 -4.60
CA LYS A 18 6.98 6.16 -3.95
C LYS A 18 6.53 6.15 -2.48
N ALA A 19 5.28 5.65 -2.26
CA ALA A 19 4.68 5.56 -0.92
C ALA A 19 5.51 4.64 -0.03
N LEU A 20 5.87 3.46 -0.58
CA LEU A 20 6.80 2.49 0.06
C LEU A 20 8.02 3.17 0.68
N ILE A 21 8.70 4.04 -0.10
CA ILE A 21 9.93 4.73 0.31
C ILE A 21 9.62 5.74 1.44
N GLU A 22 8.52 6.51 1.28
CA GLU A 22 8.10 7.56 2.24
C GLU A 22 7.82 6.94 3.63
N VAL A 23 7.14 5.78 3.63
CA VAL A 23 6.72 5.09 4.86
C VAL A 23 7.72 3.98 5.24
N ARG A 24 8.77 3.79 4.42
CA ARG A 24 9.85 2.78 4.71
C ARG A 24 10.42 2.92 6.16
N PRO A 25 10.76 4.18 6.66
CA PRO A 25 11.16 4.40 8.09
C PRO A 25 10.15 3.87 9.13
N TYR A 26 8.87 3.82 8.73
CA TYR A 26 7.75 3.47 9.62
C TYR A 26 7.38 1.97 9.53
N VAL A 27 7.47 1.37 8.32
CA VAL A 27 6.90 0.03 8.05
C VAL A 27 7.94 -1.09 8.14
N GLU A 28 7.50 -2.21 8.72
CA GLU A 28 8.17 -3.51 8.67
C GLU A 28 7.52 -4.33 7.54
N TYR A 29 8.22 -5.39 7.09
CA TYR A 29 7.78 -6.29 6.00
C TYR A 29 7.77 -5.51 4.68
N TYR A 30 8.80 -4.66 4.50
CA TYR A 30 8.93 -3.76 3.34
C TYR A 30 8.87 -4.54 2.02
N ASN A 31 9.58 -5.68 1.96
CA ASN A 31 9.65 -6.52 0.74
C ASN A 31 8.33 -7.26 0.48
N GLU A 32 7.58 -7.54 1.55
CA GLU A 32 6.30 -8.25 1.48
C GLU A 32 5.22 -7.30 0.94
N LEU A 33 5.12 -6.12 1.55
CA LEU A 33 4.19 -5.06 1.16
C LEU A 33 4.56 -4.52 -0.25
N LYS A 34 5.87 -4.51 -0.55
CA LYS A 34 6.41 -4.17 -1.89
C LYS A 34 5.92 -5.17 -2.96
N ALA A 35 5.80 -6.46 -2.58
CA ALA A 35 5.30 -7.52 -3.49
C ALA A 35 3.78 -7.39 -3.69
N LEU A 36 3.09 -6.94 -2.62
CA LEU A 36 1.65 -6.63 -2.65
C LEU A 36 1.40 -5.43 -3.57
N VAL A 37 2.28 -4.41 -3.46
CA VAL A 37 2.28 -3.21 -4.31
C VAL A 37 2.51 -3.60 -5.77
N SER A 38 3.46 -4.52 -5.99
CA SER A 38 3.87 -4.98 -7.33
C SER A 38 2.70 -5.70 -8.04
N LYS A 39 1.91 -6.41 -7.24
CA LYS A 39 0.77 -7.22 -7.69
C LYS A 39 -0.43 -6.31 -8.03
N ILE A 40 -0.81 -5.45 -7.06
CA ILE A 40 -2.02 -4.61 -7.16
C ILE A 40 -1.85 -3.51 -8.22
N SER A 41 -0.63 -2.93 -8.35
CA SER A 41 -0.32 -1.87 -9.35
C SER A 41 -0.54 -2.36 -10.79
N SER A 42 -0.34 -3.68 -11.02
CA SER A 42 -0.50 -4.31 -12.33
C SER A 42 -1.97 -4.78 -12.54
N SER A 43 -2.85 -4.47 -11.56
CA SER A 43 -4.26 -4.91 -11.55
C SER A 43 -5.23 -3.71 -11.44
N VAL A 44 -4.82 -2.66 -10.72
CA VAL A 44 -5.66 -1.48 -10.44
C VAL A 44 -5.42 -0.41 -11.51
N ASN A 45 -6.51 0.08 -12.09
CA ASN A 45 -6.48 1.04 -13.19
C ASN A 45 -6.41 2.48 -12.65
N ASP A 46 -6.85 2.66 -11.38
CA ASP A 46 -6.85 3.98 -10.71
C ASP A 46 -6.39 3.82 -9.25
N LEU A 47 -5.90 4.93 -8.64
CA LEU A 47 -5.32 4.94 -7.28
C LEU A 47 -6.41 4.64 -6.23
N GLU A 48 -7.66 5.06 -6.51
CA GLU A 48 -8.83 4.75 -5.67
C GLU A 48 -8.99 3.23 -5.49
N GLU A 49 -8.71 2.48 -6.57
CA GLU A 49 -8.82 1.01 -6.59
C GLU A 49 -7.74 0.39 -5.70
N ALA A 50 -6.56 1.02 -5.68
CA ALA A 50 -5.41 0.57 -4.89
C ALA A 50 -5.71 0.71 -3.40
N ILE A 51 -6.29 1.88 -3.04
CA ILE A 51 -6.70 2.18 -1.66
C ILE A 51 -7.68 1.12 -1.12
N VAL A 52 -8.90 1.02 -1.71
CA VAL A 52 -9.93 -0.01 -1.38
C VAL A 52 -9.33 -1.43 -1.18
N VAL A 53 -8.55 -1.89 -2.19
CA VAL A 53 -7.84 -3.19 -2.11
C VAL A 53 -7.02 -3.29 -0.81
N LEU A 54 -6.25 -2.24 -0.50
CA LEU A 54 -5.42 -2.17 0.73
C LEU A 54 -6.29 -2.08 2.00
N ARG A 55 -7.48 -1.46 1.90
CA ARG A 55 -8.47 -1.39 3.02
C ARG A 55 -8.97 -2.79 3.40
N GLU A 56 -8.94 -3.70 2.41
CA GLU A 56 -9.29 -5.10 2.62
C GLU A 56 -8.07 -5.89 3.08
N GLU A 57 -6.90 -5.57 2.49
CA GLU A 57 -5.61 -6.26 2.80
C GLU A 57 -5.23 -6.10 4.28
N GLU A 58 -5.45 -4.90 4.80
CA GLU A 58 -5.35 -4.57 6.23
C GLU A 58 -6.15 -5.58 7.07
N LYS A 59 -7.46 -5.73 6.75
CA LYS A 59 -8.38 -6.71 7.37
C LYS A 59 -7.88 -8.16 7.20
N LYS A 60 -7.28 -8.48 6.02
CA LYS A 60 -6.79 -9.85 5.72
C LYS A 60 -5.54 -10.18 6.57
N ALA A 61 -4.77 -9.13 6.89
CA ALA A 61 -3.55 -9.23 7.68
C ALA A 61 -3.84 -9.06 9.18
N SER A 62 -2.87 -9.46 10.00
CA SER A 62 -2.88 -9.24 11.45
C SER A 62 -1.67 -8.37 11.81
N GLU A 63 -1.67 -7.81 13.04
CA GLU A 63 -0.57 -6.98 13.56
C GLU A 63 0.73 -7.84 13.70
N PRO A 64 1.96 -7.29 13.41
CA PRO A 64 2.23 -5.86 13.10
C PRO A 64 1.87 -5.41 11.66
N PHE A 65 1.73 -6.38 10.73
CA PHE A 65 1.54 -6.08 9.29
C PHE A 65 0.21 -5.32 9.00
N LYS A 66 -0.78 -5.47 9.90
CA LYS A 66 -2.05 -4.69 9.84
C LYS A 66 -1.79 -3.16 9.97
N THR A 67 -0.71 -2.82 10.69
CA THR A 67 -0.31 -1.43 10.94
C THR A 67 0.55 -0.93 9.76
N ASP A 68 1.45 -1.81 9.32
CA ASP A 68 2.40 -1.51 8.22
C ASP A 68 1.66 -1.22 6.91
N ILE A 69 0.56 -1.97 6.68
CA ILE A 69 -0.38 -1.69 5.61
C ILE A 69 -1.07 -0.32 5.82
N ARG A 70 -1.73 -0.10 7.00
CA ARG A 70 -2.54 1.13 7.22
C ARG A 70 -1.72 2.44 7.16
N ILE A 71 -0.41 2.38 7.50
CA ILE A 71 0.49 3.55 7.41
C ILE A 71 0.65 4.02 5.96
N LEU A 72 0.85 3.07 5.03
CA LEU A 72 0.99 3.35 3.59
C LEU A 72 -0.39 3.71 3.01
N LEU A 73 -1.39 2.97 3.48
CA LEU A 73 -2.79 3.08 3.05
C LEU A 73 -3.31 4.52 3.27
N ASP A 74 -3.46 4.91 4.56
CA ASP A 74 -3.79 6.27 5.02
C ASP A 74 -3.01 7.35 4.27
N PHE A 75 -1.66 7.16 4.19
CA PHE A 75 -0.76 8.04 3.43
C PHE A 75 -1.33 8.36 2.02
N LEU A 76 -1.75 7.32 1.28
CA LEU A 76 -2.38 7.46 -0.05
C LEU A 76 -3.73 8.18 0.04
N GLU A 77 -4.51 7.83 1.07
CA GLU A 77 -5.85 8.42 1.32
C GLU A 77 -5.76 9.93 1.63
N SER A 78 -4.56 10.37 2.08
CA SER A 78 -4.24 11.78 2.39
C SER A 78 -4.95 12.25 3.69
N LYS A 79 -5.48 11.28 4.47
CA LYS A 79 -6.17 11.51 5.75
C LYS A 79 -5.18 11.90 6.87
N PRO A 80 -5.58 12.80 7.83
CA PRO A 80 -4.79 13.06 9.06
C PRO A 80 -4.86 11.85 10.04
N GLY A 9 1.70 -0.34 -17.35
CA GLY A 9 1.92 0.19 -15.98
C GLY A 9 0.89 1.25 -15.59
N SER A 10 0.01 0.93 -14.63
CA SER A 10 -0.98 1.89 -14.08
C SER A 10 -0.28 3.05 -13.37
N VAL A 11 -0.85 4.26 -13.44
CA VAL A 11 -0.35 5.47 -12.72
C VAL A 11 -0.32 5.26 -11.18
N VAL A 12 -1.04 4.21 -10.73
CA VAL A 12 -1.06 3.76 -9.32
C VAL A 12 0.35 3.34 -8.88
N LYS A 13 1.03 2.63 -9.80
CA LYS A 13 2.32 1.97 -9.54
C LYS A 13 3.36 2.93 -8.95
N GLU A 14 3.50 4.14 -9.56
CA GLU A 14 4.51 5.13 -9.13
C GLU A 14 4.15 5.66 -7.73
N LYS A 15 2.85 5.92 -7.52
CA LYS A 15 2.33 6.52 -6.26
C LYS A 15 2.57 5.58 -5.07
N LEU A 16 2.38 4.28 -5.32
CA LEU A 16 2.68 3.22 -4.36
C LEU A 16 4.18 3.22 -4.00
N GLU A 17 5.04 3.40 -5.03
CA GLU A 17 6.51 3.38 -4.89
C GLU A 17 7.01 4.62 -4.11
N LYS A 18 6.37 5.80 -4.33
CA LYS A 18 6.70 7.05 -3.59
C LYS A 18 6.40 6.86 -2.10
N ALA A 19 5.21 6.31 -1.85
CA ALA A 19 4.68 6.06 -0.51
C ALA A 19 5.57 5.06 0.24
N LEU A 20 5.96 3.98 -0.48
CA LEU A 20 6.89 2.95 0.02
C LEU A 20 8.14 3.56 0.69
N ILE A 21 8.73 4.59 0.06
CA ILE A 21 9.93 5.27 0.57
C ILE A 21 9.59 6.09 1.83
N GLU A 22 8.48 6.84 1.75
CA GLU A 22 8.06 7.76 2.83
C GLU A 22 7.65 7.02 4.11
N VAL A 23 7.14 5.78 3.96
CA VAL A 23 6.74 4.94 5.10
C VAL A 23 7.78 3.82 5.40
N ARG A 24 8.83 3.73 4.54
CA ARG A 24 9.89 2.68 4.64
C ARG A 24 10.39 2.42 6.10
N PRO A 25 10.84 3.46 6.91
CA PRO A 25 11.33 3.22 8.29
C PRO A 25 10.17 2.93 9.28
N TYR A 26 8.95 3.35 8.92
CA TYR A 26 7.76 3.22 9.78
C TYR A 26 7.14 1.82 9.65
N VAL A 27 7.34 1.18 8.49
CA VAL A 27 6.77 -0.14 8.19
C VAL A 27 7.83 -1.24 8.36
N GLU A 28 7.38 -2.37 8.89
CA GLU A 28 8.12 -3.64 8.88
C GLU A 28 7.69 -4.47 7.67
N TYR A 29 8.53 -5.47 7.31
CA TYR A 29 8.26 -6.39 6.19
C TYR A 29 8.11 -5.60 4.88
N TYR A 30 9.05 -4.64 4.70
CA TYR A 30 9.05 -3.70 3.58
C TYR A 30 9.13 -4.42 2.22
N ASN A 31 9.87 -5.55 2.17
CA ASN A 31 10.02 -6.32 0.92
C ASN A 31 8.73 -7.08 0.57
N GLU A 32 7.96 -7.44 1.60
CA GLU A 32 6.66 -8.12 1.43
C GLU A 32 5.61 -7.11 0.94
N LEU A 33 5.57 -5.94 1.61
CA LEU A 33 4.65 -4.83 1.28
C LEU A 33 4.96 -4.27 -0.12
N LYS A 34 6.26 -4.17 -0.44
CA LYS A 34 6.76 -3.77 -1.77
C LYS A 34 6.33 -4.77 -2.86
N ALA A 35 6.21 -6.08 -2.47
CA ALA A 35 5.77 -7.14 -3.39
C ALA A 35 4.23 -7.12 -3.53
N LEU A 36 3.55 -6.67 -2.45
CA LEU A 36 2.10 -6.49 -2.44
C LEU A 36 1.73 -5.31 -3.36
N VAL A 37 2.58 -4.26 -3.32
CA VAL A 37 2.50 -3.09 -4.22
C VAL A 37 2.72 -3.51 -5.67
N SER A 38 3.77 -4.30 -5.86
CA SER A 38 4.15 -4.81 -7.19
C SER A 38 3.03 -5.70 -7.80
N LYS A 39 2.21 -6.30 -6.91
CA LYS A 39 1.07 -7.16 -7.29
C LYS A 39 -0.18 -6.29 -7.62
N ILE A 40 -0.56 -5.38 -6.69
CA ILE A 40 -1.83 -4.61 -6.79
C ILE A 40 -1.78 -3.55 -7.91
N SER A 41 -0.58 -2.96 -8.15
CA SER A 41 -0.34 -1.99 -9.24
C SER A 41 -0.71 -2.58 -10.62
N SER A 42 -0.53 -3.90 -10.76
CA SER A 42 -0.79 -4.63 -12.00
C SER A 42 -2.24 -5.15 -12.04
N SER A 43 -2.97 -5.00 -10.92
CA SER A 43 -4.36 -5.47 -10.76
C SER A 43 -5.37 -4.31 -10.94
N VAL A 44 -5.06 -3.14 -10.35
CA VAL A 44 -5.96 -1.97 -10.31
C VAL A 44 -5.46 -0.89 -11.29
N ASN A 45 -6.39 -0.10 -11.82
CA ASN A 45 -6.10 1.01 -12.75
C ASN A 45 -6.14 2.37 -12.02
N ASP A 46 -6.75 2.38 -10.83
CA ASP A 46 -7.04 3.63 -10.08
C ASP A 46 -6.43 3.53 -8.68
N LEU A 47 -5.84 4.65 -8.23
CA LEU A 47 -5.22 4.77 -6.89
C LEU A 47 -6.32 4.57 -5.82
N GLU A 48 -7.54 5.05 -6.14
CA GLU A 48 -8.73 4.90 -5.28
C GLU A 48 -9.14 3.41 -5.16
N GLU A 49 -8.97 2.64 -6.25
CA GLU A 49 -9.29 1.21 -6.24
C GLU A 49 -8.20 0.43 -5.48
N ALA A 50 -6.96 0.96 -5.47
CA ALA A 50 -5.86 0.40 -4.70
C ALA A 50 -6.14 0.56 -3.21
N ILE A 51 -6.60 1.78 -2.85
CA ILE A 51 -7.00 2.12 -1.48
C ILE A 51 -8.06 1.09 -0.95
N VAL A 52 -9.27 1.07 -1.54
CA VAL A 52 -10.34 0.07 -1.25
C VAL A 52 -9.81 -1.40 -1.12
N VAL A 53 -9.08 -1.87 -2.14
CA VAL A 53 -8.48 -3.23 -2.12
C VAL A 53 -7.58 -3.42 -0.87
N LEU A 54 -6.75 -2.40 -0.55
CA LEU A 54 -5.85 -2.44 0.63
C LEU A 54 -6.65 -2.34 1.95
N ARG A 55 -7.86 -1.74 1.89
CA ARG A 55 -8.80 -1.70 3.04
C ARG A 55 -9.31 -3.12 3.38
N GLU A 56 -9.26 -4.02 2.39
CA GLU A 56 -9.61 -5.44 2.56
C GLU A 56 -8.37 -6.21 3.03
N GLU A 57 -7.22 -5.87 2.41
CA GLU A 57 -5.93 -6.54 2.69
C GLU A 57 -5.59 -6.43 4.18
N GLU A 58 -5.63 -5.20 4.69
CA GLU A 58 -5.41 -4.88 6.12
C GLU A 58 -6.32 -5.72 7.04
N LYS A 59 -7.65 -5.61 6.86
CA LYS A 59 -8.64 -6.24 7.76
C LYS A 59 -8.52 -7.79 7.83
N LYS A 60 -8.08 -8.42 6.71
CA LYS A 60 -7.88 -9.88 6.68
C LYS A 60 -6.45 -10.24 7.15
N ALA A 61 -5.51 -9.29 7.00
CA ALA A 61 -4.12 -9.44 7.49
C ALA A 61 -4.06 -9.27 9.02
N SER A 62 -2.96 -9.72 9.62
CA SER A 62 -2.69 -9.58 11.07
C SER A 62 -1.47 -8.64 11.31
N GLU A 63 -1.45 -7.98 12.49
CA GLU A 63 -0.36 -7.06 12.88
C GLU A 63 0.98 -7.82 13.10
N PRO A 64 2.17 -7.18 12.78
CA PRO A 64 2.29 -5.74 12.43
C PRO A 64 2.01 -5.41 10.95
N PHE A 65 1.92 -6.44 10.07
CA PHE A 65 1.86 -6.23 8.62
C PHE A 65 0.54 -5.53 8.19
N LYS A 66 -0.57 -5.84 8.89
CA LYS A 66 -1.86 -5.16 8.61
C LYS A 66 -1.77 -3.64 8.92
N THR A 67 -0.82 -3.27 9.77
CA THR A 67 -0.61 -1.87 10.13
C THR A 67 0.27 -1.24 9.06
N ASP A 68 1.33 -1.96 8.72
CA ASP A 68 2.26 -1.58 7.62
C ASP A 68 1.51 -1.32 6.30
N ILE A 69 0.46 -2.13 6.04
CA ILE A 69 -0.48 -1.92 4.92
C ILE A 69 -1.19 -0.56 5.05
N ARG A 70 -1.85 -0.30 6.22
CA ARG A 70 -2.66 0.92 6.38
C ARG A 70 -1.81 2.22 6.54
N ILE A 71 -0.53 2.08 6.94
CA ILE A 71 0.43 3.22 6.99
C ILE A 71 0.75 3.68 5.56
N LEU A 72 0.89 2.70 4.65
CA LEU A 72 1.08 2.93 3.21
C LEU A 72 -0.21 3.52 2.62
N LEU A 73 -1.32 2.85 2.94
CA LEU A 73 -2.67 3.12 2.42
C LEU A 73 -3.08 4.59 2.71
N ASP A 74 -3.26 4.92 4.01
CA ASP A 74 -3.56 6.28 4.49
C ASP A 74 -2.71 7.37 3.81
N PHE A 75 -1.37 7.15 3.78
CA PHE A 75 -0.43 8.08 3.12
C PHE A 75 -0.88 8.39 1.65
N LEU A 76 -1.32 7.33 0.92
CA LEU A 76 -1.87 7.48 -0.46
C LEU A 76 -3.11 8.41 -0.47
N GLU A 77 -3.96 8.23 0.56
CA GLU A 77 -5.19 9.05 0.75
C GLU A 77 -4.84 10.52 1.07
N SER A 78 -3.65 10.72 1.69
CA SER A 78 -3.11 12.03 2.11
C SER A 78 -4.17 12.92 2.80
N LYS A 79 -4.94 12.29 3.72
CA LYS A 79 -6.07 12.96 4.39
C LYS A 79 -5.57 13.92 5.50
N PRO A 80 -6.23 15.13 5.67
CA PRO A 80 -5.92 16.07 6.78
C PRO A 80 -6.42 15.52 8.14
N GLY A 9 1.80 -1.24 -18.11
CA GLY A 9 2.35 -0.73 -16.84
C GLY A 9 1.50 0.39 -16.28
N SER A 10 0.85 0.15 -15.12
CA SER A 10 -0.01 1.14 -14.46
C SER A 10 0.83 2.21 -13.74
N VAL A 11 0.44 3.48 -13.92
CA VAL A 11 0.99 4.65 -13.19
C VAL A 11 0.71 4.56 -11.67
N VAL A 12 -0.18 3.63 -11.29
CA VAL A 12 -0.55 3.38 -9.90
C VAL A 12 0.65 2.81 -9.11
N LYS A 13 1.47 1.99 -9.81
CA LYS A 13 2.63 1.30 -9.18
C LYS A 13 3.60 2.29 -8.52
N GLU A 14 4.12 3.25 -9.32
CA GLU A 14 5.06 4.28 -8.85
C GLU A 14 4.49 5.09 -7.67
N LYS A 15 3.16 5.39 -7.73
CA LYS A 15 2.45 6.10 -6.63
C LYS A 15 2.59 5.33 -5.30
N LEU A 16 2.35 4.00 -5.40
CA LEU A 16 2.41 3.06 -4.26
C LEU A 16 3.86 2.88 -3.76
N GLU A 17 4.84 3.02 -4.69
CA GLU A 17 6.28 2.87 -4.38
C GLU A 17 6.89 4.16 -3.81
N LYS A 18 6.33 5.32 -4.19
CA LYS A 18 6.71 6.62 -3.58
C LYS A 18 6.14 6.69 -2.16
N ALA A 19 4.96 6.05 -2.00
CA ALA A 19 4.30 5.90 -0.70
C ALA A 19 5.17 5.06 0.23
N LEU A 20 5.61 3.88 -0.30
CA LEU A 20 6.57 2.96 0.38
C LEU A 20 7.79 3.70 0.93
N ILE A 21 8.56 4.38 0.04
CA ILE A 21 9.84 5.05 0.37
C ILE A 21 9.67 6.09 1.49
N GLU A 22 8.65 6.95 1.34
CA GLU A 22 8.36 8.02 2.32
C GLU A 22 8.04 7.45 3.71
N VAL A 23 7.37 6.30 3.76
CA VAL A 23 6.98 5.67 5.04
C VAL A 23 7.94 4.51 5.43
N ARG A 24 8.99 4.29 4.60
CA ARG A 24 10.04 3.26 4.85
C ARG A 24 10.62 3.32 6.30
N PRO A 25 11.03 4.52 6.85
CA PRO A 25 11.54 4.63 8.26
C PRO A 25 10.48 4.23 9.32
N TYR A 26 9.21 4.11 8.89
CA TYR A 26 8.08 3.79 9.78
C TYR A 26 7.59 2.34 9.61
N VAL A 27 7.66 1.78 8.38
CA VAL A 27 7.07 0.45 8.07
C VAL A 27 8.09 -0.69 8.16
N GLU A 28 7.66 -1.77 8.82
CA GLU A 28 8.28 -3.09 8.77
C GLU A 28 7.67 -3.85 7.57
N TYR A 29 8.33 -4.95 7.11
CA TYR A 29 7.85 -5.80 6.01
C TYR A 29 7.79 -5.00 4.70
N TYR A 30 8.75 -4.06 4.56
CA TYR A 30 8.88 -3.16 3.41
C TYR A 30 8.76 -3.91 2.07
N ASN A 31 9.46 -5.06 1.98
CA ASN A 31 9.56 -5.89 0.76
C ASN A 31 8.34 -6.80 0.56
N GLU A 32 7.56 -7.03 1.64
CA GLU A 32 6.38 -7.91 1.60
C GLU A 32 5.19 -7.07 1.11
N LEU A 33 5.04 -5.87 1.69
CA LEU A 33 4.06 -4.86 1.28
C LEU A 33 4.43 -4.32 -0.12
N LYS A 34 5.73 -4.22 -0.39
CA LYS A 34 6.26 -3.94 -1.75
C LYS A 34 5.82 -5.00 -2.78
N ALA A 35 5.71 -6.27 -2.35
CA ALA A 35 5.26 -7.38 -3.22
C ALA A 35 3.75 -7.24 -3.49
N LEU A 36 3.02 -6.79 -2.46
CA LEU A 36 1.58 -6.53 -2.54
C LEU A 36 1.30 -5.34 -3.47
N VAL A 37 2.14 -4.29 -3.37
CA VAL A 37 2.15 -3.10 -4.25
C VAL A 37 2.30 -3.50 -5.73
N SER A 38 3.24 -4.41 -5.96
CA SER A 38 3.60 -4.85 -7.31
C SER A 38 2.55 -5.83 -7.88
N LYS A 39 1.74 -6.42 -6.98
CA LYS A 39 0.61 -7.28 -7.34
C LYS A 39 -0.63 -6.43 -7.72
N ILE A 40 -1.04 -5.55 -6.78
CA ILE A 40 -2.32 -4.81 -6.86
C ILE A 40 -2.30 -3.76 -7.99
N SER A 41 -1.16 -3.06 -8.15
CA SER A 41 -0.94 -2.09 -9.25
C SER A 41 -1.33 -2.66 -10.65
N SER A 42 -1.06 -3.96 -10.86
CA SER A 42 -1.37 -4.65 -12.13
C SER A 42 -2.87 -4.99 -12.21
N SER A 43 -3.47 -5.22 -11.05
CA SER A 43 -4.89 -5.62 -10.91
C SER A 43 -5.83 -4.40 -11.01
N VAL A 44 -5.36 -3.24 -10.51
CA VAL A 44 -6.12 -1.97 -10.51
C VAL A 44 -5.74 -1.10 -11.71
N ASN A 45 -6.68 -0.25 -12.15
CA ASN A 45 -6.49 0.69 -13.26
C ASN A 45 -6.12 2.07 -12.71
N ASP A 46 -6.67 2.40 -11.52
CA ASP A 46 -6.51 3.71 -10.86
C ASP A 46 -6.12 3.55 -9.38
N LEU A 47 -5.62 4.65 -8.79
CA LEU A 47 -5.09 4.70 -7.42
C LEU A 47 -6.26 4.57 -6.41
N GLU A 48 -7.46 4.99 -6.83
CA GLU A 48 -8.71 4.84 -6.05
C GLU A 48 -8.98 3.36 -5.73
N GLU A 49 -8.68 2.49 -6.70
CA GLU A 49 -8.93 1.04 -6.60
C GLU A 49 -7.85 0.40 -5.74
N ALA A 50 -6.65 1.02 -5.75
CA ALA A 50 -5.52 0.57 -4.93
C ALA A 50 -5.82 0.81 -3.45
N ILE A 51 -6.41 2.00 -3.18
CA ILE A 51 -6.89 2.37 -1.84
C ILE A 51 -7.93 1.34 -1.33
N VAL A 52 -9.10 1.22 -2.03
CA VAL A 52 -10.14 0.18 -1.74
C VAL A 52 -9.54 -1.22 -1.43
N VAL A 53 -8.69 -1.72 -2.35
CA VAL A 53 -8.03 -3.03 -2.19
C VAL A 53 -7.16 -3.08 -0.90
N LEU A 54 -6.42 -1.99 -0.59
CA LEU A 54 -5.57 -1.92 0.64
C LEU A 54 -6.42 -1.85 1.92
N ARG A 55 -7.64 -1.27 1.78
CA ARG A 55 -8.64 -1.25 2.87
C ARG A 55 -9.12 -2.69 3.19
N GLU A 56 -9.02 -3.59 2.20
CA GLU A 56 -9.38 -5.02 2.33
C GLU A 56 -8.17 -5.83 2.79
N GLU A 57 -6.99 -5.44 2.25
CA GLU A 57 -5.72 -6.12 2.53
C GLU A 57 -5.38 -6.00 4.02
N GLU A 58 -5.61 -4.81 4.58
CA GLU A 58 -5.48 -4.56 6.02
C GLU A 58 -6.39 -5.52 6.83
N LYS A 59 -7.68 -5.59 6.43
CA LYS A 59 -8.71 -6.42 7.11
C LYS A 59 -8.37 -7.93 7.10
N LYS A 60 -7.77 -8.43 6.00
CA LYS A 60 -7.45 -9.87 5.85
C LYS A 60 -6.07 -10.18 6.44
N ALA A 61 -5.24 -9.13 6.65
CA ALA A 61 -3.91 -9.26 7.25
C ALA A 61 -3.99 -9.20 8.78
N SER A 62 -2.93 -9.70 9.41
CA SER A 62 -2.70 -9.60 10.86
C SER A 62 -1.45 -8.71 11.10
N GLU A 63 -1.44 -7.98 12.24
CA GLU A 63 -0.33 -7.09 12.63
C GLU A 63 0.95 -7.91 12.89
N PRO A 64 2.21 -7.37 12.70
CA PRO A 64 2.51 -5.96 12.29
C PRO A 64 2.18 -5.58 10.82
N PHE A 65 2.08 -6.60 9.93
CA PHE A 65 1.82 -6.36 8.47
C PHE A 65 0.50 -5.57 8.23
N LYS A 66 -0.50 -5.78 9.10
CA LYS A 66 -1.77 -5.03 9.09
C LYS A 66 -1.55 -3.53 9.42
N THR A 67 -0.54 -3.26 10.24
CA THR A 67 -0.17 -1.89 10.66
C THR A 67 0.59 -1.17 9.52
N ASP A 68 1.33 -1.94 8.74
CA ASP A 68 2.18 -1.39 7.66
C ASP A 68 1.35 -1.06 6.43
N ILE A 69 0.41 -1.97 6.09
CA ILE A 69 -0.59 -1.75 5.03
C ILE A 69 -1.34 -0.43 5.30
N ARG A 70 -1.96 -0.29 6.50
CA ARG A 70 -2.72 0.93 6.84
C ARG A 70 -1.87 2.21 6.79
N ILE A 71 -0.54 2.16 7.14
CA ILE A 71 0.38 3.33 6.98
C ILE A 71 0.50 3.76 5.49
N LEU A 72 0.62 2.80 4.56
CA LEU A 72 0.65 3.09 3.09
C LEU A 72 -0.73 3.69 2.69
N LEU A 73 -1.79 3.09 3.22
CA LEU A 73 -3.19 3.53 3.04
C LEU A 73 -3.44 4.90 3.73
N ASP A 74 -2.60 5.19 4.72
CA ASP A 74 -2.61 6.45 5.50
C ASP A 74 -1.81 7.52 4.79
N PHE A 75 -0.97 7.10 3.83
CA PHE A 75 -0.15 8.02 3.04
C PHE A 75 -0.92 8.45 1.80
N LEU A 76 -1.57 7.46 1.14
CA LEU A 76 -2.41 7.67 -0.06
C LEU A 76 -3.56 8.64 0.27
N GLU A 77 -4.30 8.33 1.34
CA GLU A 77 -5.45 9.13 1.77
C GLU A 77 -5.03 10.33 2.63
N SER A 78 -3.93 10.16 3.41
CA SER A 78 -3.40 11.19 4.31
C SER A 78 -4.40 11.45 5.46
N LYS A 79 -4.87 10.33 6.07
CA LYS A 79 -5.85 10.35 7.18
C LYS A 79 -5.23 10.93 8.47
N PRO A 80 -6.00 11.75 9.27
CA PRO A 80 -5.54 12.24 10.59
C PRO A 80 -5.22 11.07 11.59
N GLY A 9 3.40 0.69 -16.35
CA GLY A 9 2.09 0.86 -17.02
C GLY A 9 1.16 1.76 -16.22
N SER A 10 0.84 1.34 -14.99
CA SER A 10 -0.09 2.07 -14.12
C SER A 10 0.65 3.21 -13.37
N VAL A 11 0.10 4.45 -13.47
CA VAL A 11 0.55 5.61 -12.65
C VAL A 11 0.24 5.38 -11.14
N VAL A 12 -0.64 4.40 -10.87
CA VAL A 12 -0.94 3.91 -9.52
C VAL A 12 0.37 3.42 -8.84
N LYS A 13 1.21 2.74 -9.68
CA LYS A 13 2.47 2.15 -9.21
C LYS A 13 3.40 3.19 -8.58
N GLU A 14 3.55 4.39 -9.20
CA GLU A 14 4.49 5.42 -8.72
C GLU A 14 4.06 5.94 -7.35
N LYS A 15 2.73 6.09 -7.19
CA LYS A 15 2.11 6.58 -5.95
C LYS A 15 2.41 5.60 -4.80
N LEU A 16 2.39 4.31 -5.14
CA LEU A 16 2.73 3.21 -4.23
C LEU A 16 4.22 3.21 -3.90
N GLU A 17 5.07 3.59 -4.90
CA GLU A 17 6.54 3.67 -4.74
C GLU A 17 6.89 4.82 -3.77
N LYS A 18 6.20 5.99 -3.97
CA LYS A 18 6.38 7.18 -3.11
C LYS A 18 6.05 6.84 -1.66
N ALA A 19 4.90 6.14 -1.48
CA ALA A 19 4.41 5.74 -0.17
C ALA A 19 5.40 4.81 0.52
N LEU A 20 5.77 3.71 -0.19
CA LEU A 20 6.78 2.72 0.26
C LEU A 20 8.06 3.37 0.79
N ILE A 21 8.62 4.36 0.05
CA ILE A 21 9.88 5.02 0.42
C ILE A 21 9.70 5.94 1.64
N GLU A 22 8.69 6.83 1.56
CA GLU A 22 8.41 7.81 2.63
C GLU A 22 8.12 7.13 3.98
N VAL A 23 7.51 5.92 3.94
CA VAL A 23 7.15 5.17 5.16
C VAL A 23 8.10 3.97 5.40
N ARG A 24 9.05 3.74 4.47
CA ARG A 24 10.08 2.64 4.60
C ARG A 24 10.80 2.62 5.99
N PRO A 25 11.32 3.78 6.55
CA PRO A 25 11.96 3.78 7.90
C PRO A 25 10.95 3.46 9.04
N TYR A 26 9.65 3.65 8.75
CA TYR A 26 8.56 3.51 9.72
C TYR A 26 7.98 2.09 9.71
N VAL A 27 7.93 1.46 8.52
CA VAL A 27 7.28 0.15 8.32
C VAL A 27 8.30 -0.98 8.32
N GLU A 28 7.87 -2.11 8.89
CA GLU A 28 8.56 -3.42 8.78
C GLU A 28 7.89 -4.20 7.65
N TYR A 29 8.57 -5.25 7.15
CA TYR A 29 8.09 -6.08 6.02
C TYR A 29 7.90 -5.23 4.75
N TYR A 30 8.84 -4.27 4.58
CA TYR A 30 8.93 -3.39 3.40
C TYR A 30 8.86 -4.19 2.08
N ASN A 31 9.50 -5.38 2.04
CA ASN A 31 9.57 -6.24 0.84
C ASN A 31 8.26 -7.03 0.61
N GLU A 32 7.49 -7.27 1.69
CA GLU A 32 6.20 -7.99 1.62
C GLU A 32 5.12 -7.03 1.10
N LEU A 33 5.12 -5.82 1.68
CA LEU A 33 4.22 -4.73 1.30
C LEU A 33 4.56 -4.24 -0.12
N LYS A 34 5.87 -4.23 -0.44
CA LYS A 34 6.38 -4.02 -1.82
C LYS A 34 5.77 -5.04 -2.81
N ALA A 35 5.59 -6.30 -2.36
CA ALA A 35 5.01 -7.37 -3.19
C ALA A 35 3.50 -7.14 -3.38
N LEU A 36 2.86 -6.56 -2.33
CA LEU A 36 1.42 -6.21 -2.36
C LEU A 36 1.20 -5.02 -3.31
N VAL A 37 2.14 -4.08 -3.29
CA VAL A 37 2.22 -2.94 -4.24
C VAL A 37 2.37 -3.44 -5.69
N SER A 38 3.24 -4.44 -5.86
CA SER A 38 3.56 -5.02 -7.19
C SER A 38 2.37 -5.86 -7.71
N LYS A 39 1.52 -6.30 -6.77
CA LYS A 39 0.29 -7.05 -7.08
C LYS A 39 -0.84 -6.10 -7.54
N ILE A 40 -1.18 -5.13 -6.67
CA ILE A 40 -2.35 -4.26 -6.84
C ILE A 40 -2.22 -3.30 -8.05
N SER A 41 -1.03 -2.66 -8.21
CA SER A 41 -0.76 -1.75 -9.34
C SER A 41 -0.98 -2.44 -10.71
N SER A 42 -0.60 -3.73 -10.77
CA SER A 42 -0.72 -4.53 -12.00
C SER A 42 -2.16 -5.03 -12.23
N SER A 43 -2.97 -5.01 -11.16
CA SER A 43 -4.33 -5.58 -11.16
C SER A 43 -5.39 -4.46 -11.38
N VAL A 44 -5.10 -3.25 -10.85
CA VAL A 44 -6.03 -2.11 -10.86
C VAL A 44 -5.49 -1.00 -11.78
N ASN A 45 -6.41 -0.21 -12.35
CA ASN A 45 -6.08 0.94 -13.22
C ASN A 45 -6.19 2.27 -12.46
N ASP A 46 -6.74 2.23 -11.23
CA ASP A 46 -7.05 3.44 -10.43
C ASP A 46 -6.43 3.31 -9.03
N LEU A 47 -5.87 4.41 -8.52
CA LEU A 47 -5.40 4.52 -7.12
C LEU A 47 -6.61 4.36 -6.18
N GLU A 48 -7.79 4.80 -6.66
CA GLU A 48 -9.10 4.58 -6.00
C GLU A 48 -9.36 3.08 -5.76
N GLU A 49 -9.07 2.27 -6.79
CA GLU A 49 -9.29 0.81 -6.74
C GLU A 49 -8.22 0.13 -5.85
N ALA A 50 -7.03 0.77 -5.76
CA ALA A 50 -5.91 0.27 -4.94
C ALA A 50 -6.25 0.44 -3.46
N ILE A 51 -6.77 1.64 -3.11
CA ILE A 51 -7.22 2.01 -1.76
C ILE A 51 -8.21 0.96 -1.21
N VAL A 52 -9.41 0.84 -1.86
CA VAL A 52 -10.42 -0.19 -1.58
C VAL A 52 -9.81 -1.60 -1.33
N VAL A 53 -9.02 -2.09 -2.31
CA VAL A 53 -8.36 -3.42 -2.19
C VAL A 53 -7.50 -3.52 -0.90
N LEU A 54 -6.75 -2.44 -0.58
CA LEU A 54 -5.84 -2.40 0.61
C LEU A 54 -6.63 -2.33 1.93
N ARG A 55 -7.83 -1.72 1.87
CA ARG A 55 -8.76 -1.70 3.02
C ARG A 55 -9.29 -3.11 3.33
N GLU A 56 -9.25 -4.00 2.33
CA GLU A 56 -9.68 -5.40 2.45
C GLU A 56 -8.47 -6.28 2.84
N GLU A 57 -7.30 -5.94 2.25
CA GLU A 57 -6.03 -6.63 2.53
C GLU A 57 -5.66 -6.48 4.01
N GLU A 58 -5.87 -5.26 4.52
CA GLU A 58 -5.71 -4.91 5.94
C GLU A 58 -6.55 -5.85 6.84
N LYS A 59 -7.87 -5.96 6.52
CA LYS A 59 -8.83 -6.86 7.22
C LYS A 59 -8.34 -8.31 7.26
N LYS A 60 -7.77 -8.76 6.13
CA LYS A 60 -7.30 -10.15 5.96
C LYS A 60 -5.95 -10.38 6.66
N ALA A 61 -5.15 -9.31 6.76
CA ALA A 61 -3.81 -9.35 7.36
C ALA A 61 -3.88 -9.35 8.90
N SER A 62 -2.70 -9.52 9.53
CA SER A 62 -2.53 -9.51 10.98
C SER A 62 -1.40 -8.55 11.36
N GLU A 63 -1.39 -8.14 12.64
CA GLU A 63 -0.38 -7.23 13.20
C GLU A 63 0.99 -7.95 13.25
N PRO A 64 2.16 -7.27 12.99
CA PRO A 64 2.25 -5.80 12.75
C PRO A 64 2.02 -5.39 11.28
N PHE A 65 1.77 -6.36 10.37
CA PHE A 65 1.57 -6.07 8.94
C PHE A 65 0.25 -5.31 8.67
N LYS A 66 -0.73 -5.45 9.60
CA LYS A 66 -1.97 -4.61 9.57
C LYS A 66 -1.64 -3.12 9.84
N THR A 67 -0.54 -2.89 10.59
CA THR A 67 -0.05 -1.55 10.92
C THR A 67 0.77 -1.00 9.73
N ASP A 68 1.43 -1.91 8.99
CA ASP A 68 2.27 -1.55 7.84
C ASP A 68 1.39 -1.13 6.64
N ILE A 69 0.34 -1.94 6.38
CA ILE A 69 -0.67 -1.66 5.34
C ILE A 69 -1.34 -0.29 5.59
N ARG A 70 -1.94 -0.07 6.78
CA ARG A 70 -2.66 1.19 7.07
C ARG A 70 -1.78 2.45 6.91
N ILE A 71 -0.46 2.34 7.28
CA ILE A 71 0.52 3.44 7.10
C ILE A 71 0.78 3.76 5.60
N LEU A 72 0.89 2.70 4.75
CA LEU A 72 0.99 2.85 3.29
C LEU A 72 -0.29 3.54 2.76
N LEU A 73 -1.41 2.89 3.10
CA LEU A 73 -2.80 3.29 2.79
C LEU A 73 -3.15 4.72 3.31
N ASP A 74 -2.35 5.21 4.28
CA ASP A 74 -2.54 6.55 4.86
C ASP A 74 -2.00 7.60 3.90
N PHE A 75 -0.69 7.48 3.61
CA PHE A 75 0.03 8.35 2.65
C PHE A 75 -0.67 8.37 1.26
N LEU A 76 -1.17 7.19 0.83
CA LEU A 76 -1.86 7.02 -0.48
C LEU A 76 -3.15 7.84 -0.56
N GLU A 77 -4.02 7.67 0.46
CA GLU A 77 -5.26 8.45 0.58
C GLU A 77 -4.98 9.91 0.91
N SER A 78 -3.76 10.15 1.46
CA SER A 78 -3.28 11.48 1.85
C SER A 78 -4.12 12.00 3.04
N LYS A 79 -4.50 11.05 3.95
CA LYS A 79 -5.28 11.32 5.18
C LYS A 79 -4.73 12.55 5.97
N PRO A 80 -5.59 13.57 6.28
CA PRO A 80 -5.18 14.79 7.03
C PRO A 80 -4.68 14.44 8.47
N GLY A 9 1.14 -0.59 -16.80
CA GLY A 9 1.52 0.83 -16.85
C GLY A 9 0.47 1.73 -16.21
N SER A 10 0.21 1.51 -14.92
CA SER A 10 -0.71 2.33 -14.11
C SER A 10 0.06 3.47 -13.42
N VAL A 11 -0.46 4.71 -13.49
CA VAL A 11 0.09 5.87 -12.73
C VAL A 11 0.02 5.62 -11.20
N VAL A 12 -0.91 4.73 -10.79
CA VAL A 12 -0.99 4.16 -9.43
C VAL A 12 0.37 3.63 -8.94
N LYS A 13 1.05 2.86 -9.83
CA LYS A 13 2.28 2.12 -9.46
C LYS A 13 3.35 3.04 -8.87
N GLU A 14 3.60 4.22 -9.51
CA GLU A 14 4.66 5.17 -9.06
C GLU A 14 4.27 5.83 -7.72
N LYS A 15 2.95 6.02 -7.51
CA LYS A 15 2.41 6.57 -6.25
C LYS A 15 2.57 5.57 -5.09
N LEU A 16 2.46 4.27 -5.44
CA LEU A 16 2.72 3.16 -4.50
C LEU A 16 4.23 3.10 -4.18
N GLU A 17 5.08 3.32 -5.21
CA GLU A 17 6.56 3.33 -5.08
C GLU A 17 7.02 4.47 -4.17
N LYS A 18 6.34 5.63 -4.32
CA LYS A 18 6.57 6.81 -3.46
C LYS A 18 6.21 6.46 -2.01
N ALA A 19 4.95 6.01 -1.81
CA ALA A 19 4.41 5.64 -0.49
C ALA A 19 5.28 4.62 0.24
N LEU A 20 5.82 3.64 -0.54
CA LEU A 20 6.77 2.62 -0.03
C LEU A 20 7.94 3.28 0.71
N ILE A 21 8.64 4.20 0.02
CA ILE A 21 9.82 4.90 0.55
C ILE A 21 9.44 5.83 1.73
N GLU A 22 8.29 6.53 1.60
CA GLU A 22 7.78 7.47 2.64
C GLU A 22 7.53 6.76 3.99
N VAL A 23 7.14 5.47 3.91
CA VAL A 23 6.79 4.65 5.09
C VAL A 23 7.85 3.57 5.37
N ARG A 24 8.86 3.52 4.48
CA ARG A 24 9.99 2.57 4.61
C ARG A 24 10.65 2.58 6.03
N PRO A 25 10.95 3.79 6.68
CA PRO A 25 11.49 3.83 8.06
C PRO A 25 10.45 3.45 9.14
N TYR A 26 9.16 3.46 8.77
CA TYR A 26 8.05 3.17 9.70
C TYR A 26 7.73 1.67 9.74
N VAL A 27 7.80 1.01 8.57
CA VAL A 27 7.26 -0.35 8.38
C VAL A 27 8.35 -1.42 8.43
N GLU A 28 7.98 -2.56 9.02
CA GLU A 28 8.75 -3.82 8.94
C GLU A 28 8.13 -4.71 7.85
N TYR A 29 8.89 -5.72 7.39
CA TYR A 29 8.46 -6.65 6.31
C TYR A 29 8.18 -5.86 5.03
N TYR A 30 9.05 -4.86 4.81
CA TYR A 30 9.00 -3.92 3.68
C TYR A 30 9.08 -4.65 2.33
N ASN A 31 9.80 -5.79 2.31
CA ASN A 31 9.93 -6.66 1.12
C ASN A 31 8.55 -7.24 0.73
N GLU A 32 7.76 -7.60 1.75
CA GLU A 32 6.47 -8.29 1.59
C GLU A 32 5.39 -7.28 1.18
N LEU A 33 5.41 -6.09 1.81
CA LEU A 33 4.49 -4.98 1.53
C LEU A 33 4.74 -4.43 0.12
N LYS A 34 6.02 -4.26 -0.21
CA LYS A 34 6.48 -3.89 -1.58
C LYS A 34 6.01 -4.92 -2.63
N ALA A 35 5.84 -6.20 -2.23
CA ALA A 35 5.38 -7.27 -3.12
C ALA A 35 3.84 -7.22 -3.25
N LEU A 36 3.16 -6.71 -2.19
CA LEU A 36 1.71 -6.42 -2.23
C LEU A 36 1.43 -5.27 -3.22
N VAL A 37 2.29 -4.26 -3.18
CA VAL A 37 2.29 -3.11 -4.11
C VAL A 37 2.54 -3.58 -5.55
N SER A 38 3.50 -4.51 -5.67
CA SER A 38 3.91 -5.09 -6.97
C SER A 38 2.77 -5.95 -7.57
N LYS A 39 1.98 -6.57 -6.67
CA LYS A 39 0.84 -7.41 -7.04
C LYS A 39 -0.33 -6.54 -7.57
N ILE A 40 -0.79 -5.60 -6.71
CA ILE A 40 -2.01 -4.81 -6.95
C ILE A 40 -1.87 -3.88 -8.17
N SER A 41 -0.67 -3.26 -8.34
CA SER A 41 -0.37 -2.32 -9.45
C SER A 41 -0.66 -2.93 -10.85
N SER A 42 -0.56 -4.26 -10.93
CA SER A 42 -0.75 -5.00 -12.19
C SER A 42 -2.24 -5.27 -12.50
N SER A 43 -3.12 -4.91 -11.57
CA SER A 43 -4.56 -5.24 -11.64
C SER A 43 -5.45 -3.99 -11.46
N VAL A 44 -4.94 -2.97 -10.74
CA VAL A 44 -5.72 -1.76 -10.41
C VAL A 44 -5.53 -0.71 -11.52
N ASN A 45 -6.66 -0.20 -12.02
CA ASN A 45 -6.70 0.73 -13.17
C ASN A 45 -6.70 2.20 -12.71
N ASP A 46 -7.18 2.45 -11.49
CA ASP A 46 -7.30 3.80 -10.91
C ASP A 46 -6.76 3.78 -9.46
N LEU A 47 -6.41 4.97 -8.92
CA LEU A 47 -5.79 5.09 -7.59
C LEU A 47 -6.78 4.65 -6.49
N GLU A 48 -8.08 4.94 -6.71
CA GLU A 48 -9.17 4.49 -5.82
C GLU A 48 -9.28 2.96 -5.80
N GLU A 49 -8.97 2.31 -6.95
CA GLU A 49 -9.01 0.84 -7.07
C GLU A 49 -7.97 0.20 -6.12
N ALA A 50 -6.78 0.83 -6.07
CA ALA A 50 -5.68 0.40 -5.19
C ALA A 50 -6.06 0.59 -3.73
N ILE A 51 -6.64 1.78 -3.43
CA ILE A 51 -7.04 2.14 -2.07
C ILE A 51 -8.01 1.10 -1.48
N VAL A 52 -9.24 0.98 -2.05
CA VAL A 52 -10.26 -0.04 -1.68
C VAL A 52 -9.64 -1.45 -1.44
N VAL A 53 -8.92 -1.96 -2.46
CA VAL A 53 -8.21 -3.28 -2.36
C VAL A 53 -7.31 -3.35 -1.12
N LEU A 54 -6.52 -2.28 -0.90
CA LEU A 54 -5.59 -2.18 0.25
C LEU A 54 -6.34 -2.04 1.59
N ARG A 55 -7.55 -1.43 1.55
CA ARG A 55 -8.41 -1.31 2.76
C ARG A 55 -8.99 -2.68 3.14
N GLU A 56 -9.05 -3.59 2.17
CA GLU A 56 -9.46 -4.98 2.37
C GLU A 56 -8.26 -5.80 2.82
N GLU A 57 -7.07 -5.45 2.29
CA GLU A 57 -5.82 -6.12 2.65
C GLU A 57 -5.47 -5.87 4.12
N GLU A 58 -5.67 -4.62 4.56
CA GLU A 58 -5.50 -4.20 5.96
C GLU A 58 -6.33 -5.10 6.90
N LYS A 59 -7.66 -5.17 6.63
CA LYS A 59 -8.63 -6.04 7.36
C LYS A 59 -8.18 -7.52 7.40
N LYS A 60 -7.67 -8.02 6.27
CA LYS A 60 -7.19 -9.42 6.14
C LYS A 60 -5.86 -9.62 6.90
N ALA A 61 -5.08 -8.53 7.00
CA ALA A 61 -3.75 -8.53 7.61
C ALA A 61 -3.85 -8.47 9.13
N SER A 62 -2.93 -9.17 9.79
CA SER A 62 -2.74 -9.13 11.23
C SER A 62 -1.44 -8.37 11.54
N GLU A 63 -1.41 -7.70 12.71
CA GLU A 63 -0.26 -6.87 13.14
C GLU A 63 1.02 -7.73 13.33
N PRO A 64 2.26 -7.19 13.05
CA PRO A 64 2.51 -5.76 12.63
C PRO A 64 2.08 -5.41 11.19
N PHE A 65 1.83 -6.43 10.34
CA PHE A 65 1.54 -6.21 8.90
C PHE A 65 0.24 -5.40 8.65
N LYS A 66 -0.72 -5.45 9.59
CA LYS A 66 -1.94 -4.61 9.50
C LYS A 66 -1.60 -3.10 9.65
N THR A 67 -0.49 -2.83 10.33
CA THR A 67 0.00 -1.47 10.56
C THR A 67 0.90 -1.05 9.41
N ASP A 68 1.72 -2.01 8.95
CA ASP A 68 2.64 -1.82 7.82
C ASP A 68 1.87 -1.41 6.55
N ILE A 69 0.71 -2.09 6.31
CA ILE A 69 -0.20 -1.73 5.22
C ILE A 69 -0.84 -0.36 5.48
N ARG A 70 -1.46 -0.17 6.68
CA ARG A 70 -2.30 1.01 6.96
C ARG A 70 -1.52 2.35 6.85
N ILE A 71 -0.22 2.36 7.21
CA ILE A 71 0.62 3.59 7.14
C ILE A 71 0.83 4.01 5.65
N LEU A 72 1.07 3.01 4.78
CA LEU A 72 1.22 3.23 3.32
C LEU A 72 -0.12 3.67 2.72
N LEU A 73 -1.16 2.92 3.08
CA LEU A 73 -2.54 3.08 2.62
C LEU A 73 -3.05 4.51 2.92
N ASP A 74 -3.20 4.81 4.22
CA ASP A 74 -3.54 6.14 4.77
C ASP A 74 -2.80 7.30 4.09
N PHE A 75 -1.46 7.20 3.98
CA PHE A 75 -0.63 8.19 3.22
C PHE A 75 -1.25 8.53 1.82
N LEU A 76 -1.65 7.47 1.07
CA LEU A 76 -2.27 7.63 -0.28
C LEU A 76 -3.64 8.37 -0.18
N GLU A 77 -4.45 7.98 0.82
CA GLU A 77 -5.77 8.61 1.05
C GLU A 77 -5.62 10.04 1.65
N SER A 78 -4.42 10.28 2.23
CA SER A 78 -4.03 11.54 2.88
C SER A 78 -5.02 11.91 4.01
N LYS A 79 -5.39 10.89 4.82
CA LYS A 79 -6.35 11.06 5.95
C LYS A 79 -5.62 11.68 7.17
N PRO A 80 -6.10 12.85 7.71
CA PRO A 80 -5.53 13.47 8.93
C PRO A 80 -5.97 12.69 10.22
N GLY A 9 4.48 3.11 -18.17
CA GLY A 9 4.11 2.38 -16.93
C GLY A 9 2.82 2.92 -16.32
N SER A 10 2.21 2.11 -15.43
CA SER A 10 0.97 2.48 -14.71
C SER A 10 1.20 3.71 -13.81
N VAL A 11 0.38 4.77 -14.03
CA VAL A 11 0.46 6.03 -13.25
C VAL A 11 0.13 5.78 -11.77
N VAL A 12 -0.64 4.73 -11.49
CA VAL A 12 -0.98 4.28 -10.12
C VAL A 12 0.26 3.65 -9.45
N LYS A 13 1.00 2.86 -10.26
CA LYS A 13 2.15 2.07 -9.77
C LYS A 13 3.17 2.97 -9.05
N GLU A 14 3.65 4.01 -9.77
CA GLU A 14 4.66 4.97 -9.28
C GLU A 14 4.24 5.66 -7.96
N LYS A 15 2.92 5.90 -7.81
CA LYS A 15 2.37 6.54 -6.60
C LYS A 15 2.57 5.62 -5.38
N LEU A 16 2.29 4.33 -5.61
CA LEU A 16 2.44 3.25 -4.63
C LEU A 16 3.94 3.01 -4.31
N GLU A 17 4.80 3.20 -5.34
CA GLU A 17 6.26 2.95 -5.25
C GLU A 17 6.97 4.05 -4.43
N LYS A 18 6.58 5.32 -4.68
CA LYS A 18 7.15 6.48 -3.94
C LYS A 18 6.72 6.40 -2.47
N ALA A 19 5.44 5.99 -2.27
CA ALA A 19 4.82 5.89 -0.94
C ALA A 19 5.49 4.79 -0.11
N LEU A 20 5.85 3.67 -0.77
CA LEU A 20 6.65 2.57 -0.18
C LEU A 20 7.94 3.11 0.46
N ILE A 21 8.63 4.01 -0.26
CA ILE A 21 9.88 4.64 0.18
C ILE A 21 9.60 5.57 1.38
N GLU A 22 8.52 6.39 1.27
CA GLU A 22 8.13 7.36 2.31
C GLU A 22 7.91 6.67 3.66
N VAL A 23 7.21 5.52 3.63
CA VAL A 23 6.82 4.77 4.84
C VAL A 23 7.85 3.66 5.17
N ARG A 24 8.87 3.47 4.27
CA ARG A 24 9.92 2.43 4.48
C ARG A 24 10.56 2.46 5.92
N PRO A 25 11.05 3.65 6.44
CA PRO A 25 11.58 3.74 7.85
C PRO A 25 10.49 3.48 8.92
N TYR A 26 9.23 3.68 8.53
CA TYR A 26 8.05 3.55 9.42
C TYR A 26 7.56 2.10 9.52
N VAL A 27 7.68 1.31 8.43
CA VAL A 27 7.08 -0.02 8.34
C VAL A 27 8.14 -1.15 8.42
N GLU A 28 7.78 -2.19 9.19
CA GLU A 28 8.39 -3.53 9.08
C GLU A 28 7.46 -4.36 8.18
N TYR A 29 7.99 -5.45 7.58
CA TYR A 29 7.32 -6.20 6.48
C TYR A 29 7.22 -5.33 5.22
N TYR A 30 8.15 -4.34 5.10
CA TYR A 30 8.27 -3.44 3.93
C TYR A 30 8.36 -4.25 2.62
N ASN A 31 9.13 -5.34 2.65
CA ASN A 31 9.39 -6.19 1.47
C ASN A 31 8.12 -6.97 1.07
N GLU A 32 7.32 -7.36 2.08
CA GLU A 32 6.06 -8.08 1.88
C GLU A 32 5.02 -7.16 1.22
N LEU A 33 4.84 -5.97 1.84
CA LEU A 33 3.96 -4.90 1.36
C LEU A 33 4.34 -4.47 -0.05
N LYS A 34 5.67 -4.33 -0.25
CA LYS A 34 6.27 -3.95 -1.54
C LYS A 34 5.84 -4.93 -2.64
N ALA A 35 5.78 -6.24 -2.31
CA ALA A 35 5.35 -7.30 -3.26
C ALA A 35 3.83 -7.21 -3.50
N LEU A 36 3.09 -6.89 -2.43
CA LEU A 36 1.61 -6.86 -2.42
C LEU A 36 1.06 -5.71 -3.28
N VAL A 37 1.58 -4.50 -3.04
CA VAL A 37 1.09 -3.26 -3.64
C VAL A 37 1.62 -3.09 -5.08
N SER A 38 2.87 -3.54 -5.31
CA SER A 38 3.45 -3.58 -6.67
C SER A 38 2.73 -4.62 -7.55
N LYS A 39 2.14 -5.65 -6.91
CA LYS A 39 1.29 -6.66 -7.58
C LYS A 39 -0.06 -6.06 -8.01
N ILE A 40 -0.73 -5.33 -7.08
CA ILE A 40 -2.05 -4.71 -7.37
C ILE A 40 -1.94 -3.53 -8.35
N SER A 41 -0.73 -2.94 -8.45
CA SER A 41 -0.38 -1.94 -9.50
C SER A 41 -0.67 -2.47 -10.93
N SER A 42 -0.49 -3.80 -11.10
CA SER A 42 -0.66 -4.50 -12.39
C SER A 42 -2.11 -4.99 -12.58
N SER A 43 -2.97 -4.72 -11.59
CA SER A 43 -4.35 -5.23 -11.55
C SER A 43 -5.39 -4.08 -11.54
N VAL A 44 -5.06 -2.97 -10.84
CA VAL A 44 -5.97 -1.82 -10.68
C VAL A 44 -5.67 -0.77 -11.76
N ASN A 45 -6.72 -0.23 -12.40
CA ASN A 45 -6.56 0.82 -13.43
C ASN A 45 -6.46 2.21 -12.77
N ASP A 46 -6.92 2.32 -11.50
CA ASP A 46 -7.02 3.62 -10.79
C ASP A 46 -6.53 3.48 -9.33
N LEU A 47 -6.03 4.62 -8.78
CA LEU A 47 -5.47 4.72 -7.41
C LEU A 47 -6.58 4.48 -6.37
N GLU A 48 -7.82 4.81 -6.77
CA GLU A 48 -9.06 4.51 -6.02
C GLU A 48 -9.12 3.04 -5.60
N GLU A 49 -8.88 2.16 -6.59
CA GLU A 49 -9.00 0.70 -6.43
C GLU A 49 -7.80 0.16 -5.65
N ALA A 50 -6.65 0.85 -5.79
CA ALA A 50 -5.42 0.49 -5.07
C ALA A 50 -5.65 0.65 -3.55
N ILE A 51 -6.24 1.81 -3.20
CA ILE A 51 -6.61 2.14 -1.82
C ILE A 51 -7.61 1.12 -1.23
N VAL A 52 -8.87 1.05 -1.74
CA VAL A 52 -9.92 0.14 -1.20
C VAL A 52 -9.47 -1.36 -1.10
N VAL A 53 -8.72 -1.86 -2.11
CA VAL A 53 -8.06 -3.20 -2.01
C VAL A 53 -7.15 -3.29 -0.75
N LEU A 54 -6.30 -2.27 -0.52
CA LEU A 54 -5.41 -2.20 0.67
C LEU A 54 -6.21 -2.00 1.98
N ARG A 55 -7.43 -1.43 1.88
CA ARG A 55 -8.36 -1.28 3.03
C ARG A 55 -8.87 -2.65 3.53
N GLU A 56 -8.91 -3.62 2.60
CA GLU A 56 -9.30 -5.01 2.90
C GLU A 56 -8.06 -5.80 3.32
N GLU A 57 -6.91 -5.43 2.73
CA GLU A 57 -5.61 -6.08 3.02
C GLU A 57 -5.23 -5.89 4.48
N GLU A 58 -5.40 -4.65 4.99
CA GLU A 58 -5.26 -4.31 6.41
C GLU A 58 -6.11 -5.26 7.29
N LYS A 59 -7.44 -5.28 7.00
CA LYS A 59 -8.44 -6.11 7.72
C LYS A 59 -8.04 -7.60 7.82
N LYS A 60 -7.64 -8.19 6.68
CA LYS A 60 -7.46 -9.66 6.55
C LYS A 60 -6.04 -10.09 6.98
N ALA A 61 -5.11 -9.13 7.01
CA ALA A 61 -3.76 -9.34 7.59
C ALA A 61 -3.80 -9.12 9.10
N SER A 62 -2.85 -9.76 9.79
CA SER A 62 -2.64 -9.55 11.24
C SER A 62 -1.37 -8.71 11.44
N GLU A 63 -1.29 -8.04 12.60
CA GLU A 63 -0.13 -7.22 12.98
C GLU A 63 1.12 -8.11 13.17
N PRO A 64 2.36 -7.64 12.83
CA PRO A 64 2.68 -6.24 12.41
C PRO A 64 2.37 -5.90 10.92
N PHE A 65 2.01 -6.90 10.09
CA PHE A 65 1.67 -6.66 8.65
C PHE A 65 0.39 -5.79 8.51
N LYS A 66 -0.54 -5.90 9.48
CA LYS A 66 -1.74 -5.01 9.56
C LYS A 66 -1.31 -3.54 9.88
N THR A 67 -0.18 -3.41 10.61
CA THR A 67 0.36 -2.10 11.02
C THR A 67 1.26 -1.51 9.93
N ASP A 68 1.74 -2.38 9.07
CA ASP A 68 2.57 -2.05 7.92
C ASP A 68 1.69 -1.47 6.78
N ILE A 69 0.57 -2.17 6.52
CA ILE A 69 -0.35 -1.85 5.43
C ILE A 69 -1.03 -0.52 5.70
N ARG A 70 -1.58 -0.33 6.94
CA ARG A 70 -2.27 0.91 7.31
C ARG A 70 -1.42 2.19 7.13
N ILE A 71 -0.11 2.14 7.51
CA ILE A 71 0.80 3.31 7.38
C ILE A 71 0.97 3.74 5.90
N LEU A 72 1.03 2.75 4.99
CA LEU A 72 1.09 3.01 3.53
C LEU A 72 -0.27 3.57 3.06
N LEU A 73 -1.32 2.82 3.43
CA LEU A 73 -2.71 3.05 3.00
C LEU A 73 -3.20 4.46 3.38
N ASP A 74 -3.33 4.72 4.70
CA ASP A 74 -3.67 6.04 5.29
C ASP A 74 -2.96 7.22 4.57
N PHE A 75 -1.62 7.14 4.50
CA PHE A 75 -0.76 8.07 3.73
C PHE A 75 -1.30 8.32 2.29
N LEU A 76 -1.61 7.22 1.56
CA LEU A 76 -2.16 7.28 0.17
C LEU A 76 -3.55 7.95 0.12
N GLU A 77 -4.39 7.67 1.14
CA GLU A 77 -5.77 8.22 1.25
C GLU A 77 -5.73 9.74 1.54
N SER A 78 -4.56 10.23 2.03
CA SER A 78 -4.22 11.66 2.17
C SER A 78 -5.27 12.49 2.97
N LYS A 79 -6.04 11.82 3.85
CA LYS A 79 -7.18 12.46 4.57
C LYS A 79 -6.68 13.54 5.58
N PRO A 80 -7.47 14.64 5.81
CA PRO A 80 -7.25 15.56 6.95
C PRO A 80 -7.56 14.84 8.31
N GLY A 9 0.87 -0.16 -17.98
CA GLY A 9 1.70 0.59 -17.00
C GLY A 9 0.90 1.68 -16.30
N SER A 10 0.18 1.31 -15.24
CA SER A 10 -0.69 2.23 -14.48
C SER A 10 0.12 3.31 -13.73
N VAL A 11 -0.32 4.58 -13.85
CA VAL A 11 0.21 5.72 -13.04
C VAL A 11 0.06 5.48 -11.50
N VAL A 12 -0.75 4.48 -11.12
CA VAL A 12 -0.90 4.00 -9.73
C VAL A 12 0.46 3.53 -9.17
N LYS A 13 1.19 2.74 -10.00
CA LYS A 13 2.39 2.00 -9.57
C LYS A 13 3.44 2.94 -8.95
N GLU A 14 3.74 4.07 -9.66
CA GLU A 14 4.78 5.03 -9.23
C GLU A 14 4.43 5.66 -7.86
N LYS A 15 3.12 5.88 -7.66
CA LYS A 15 2.59 6.46 -6.41
C LYS A 15 2.86 5.51 -5.22
N LEU A 16 2.75 4.20 -5.51
CA LEU A 16 3.01 3.12 -4.55
C LEU A 16 4.52 2.97 -4.27
N GLU A 17 5.35 3.16 -5.33
CA GLU A 17 6.82 3.01 -5.23
C GLU A 17 7.40 4.12 -4.35
N LYS A 18 6.91 5.36 -4.58
CA LYS A 18 7.30 6.53 -3.77
C LYS A 18 6.79 6.37 -2.33
N ALA A 19 5.51 5.93 -2.18
CA ALA A 19 4.84 5.83 -0.86
C ALA A 19 5.58 4.88 0.08
N LEU A 20 5.93 3.67 -0.46
CA LEU A 20 6.86 2.71 0.20
C LEU A 20 8.06 3.41 0.85
N ILE A 21 8.72 4.31 0.08
CA ILE A 21 9.95 4.99 0.49
C ILE A 21 9.65 6.06 1.57
N GLU A 22 8.50 6.75 1.41
CA GLU A 22 8.06 7.81 2.34
C GLU A 22 7.82 7.23 3.74
N VAL A 23 7.03 6.14 3.81
CA VAL A 23 6.74 5.43 5.07
C VAL A 23 7.76 4.30 5.37
N ARG A 24 8.82 4.21 4.54
CA ARG A 24 9.91 3.21 4.74
C ARG A 24 10.47 3.21 6.20
N PRO A 25 10.86 4.37 6.83
CA PRO A 25 11.37 4.38 8.23
C PRO A 25 10.26 4.15 9.29
N TYR A 26 9.01 3.91 8.82
CA TYR A 26 7.82 3.77 9.71
C TYR A 26 7.19 2.36 9.60
N VAL A 27 7.39 1.66 8.47
CA VAL A 27 6.78 0.32 8.25
C VAL A 27 7.81 -0.83 8.37
N GLU A 28 7.29 -1.97 8.85
CA GLU A 28 7.95 -3.28 8.85
C GLU A 28 7.57 -4.04 7.57
N TYR A 29 8.30 -5.15 7.28
CA TYR A 29 7.95 -6.11 6.19
C TYR A 29 8.01 -5.40 4.82
N TYR A 30 8.98 -4.49 4.66
CA TYR A 30 9.13 -3.64 3.45
C TYR A 30 9.16 -4.46 2.14
N ASN A 31 9.75 -5.67 2.19
CA ASN A 31 9.83 -6.59 1.03
C ASN A 31 8.45 -7.19 0.69
N GLU A 32 7.70 -7.58 1.74
CA GLU A 32 6.38 -8.21 1.61
C GLU A 32 5.34 -7.19 1.12
N LEU A 33 5.36 -6.00 1.74
CA LEU A 33 4.47 -4.87 1.39
C LEU A 33 4.79 -4.37 -0.03
N LYS A 34 6.09 -4.37 -0.37
CA LYS A 34 6.57 -4.13 -1.76
C LYS A 34 5.97 -5.18 -2.74
N ALA A 35 5.83 -6.44 -2.29
CA ALA A 35 5.21 -7.52 -3.09
C ALA A 35 3.68 -7.33 -3.21
N LEU A 36 3.11 -6.58 -2.24
CA LEU A 36 1.68 -6.26 -2.21
C LEU A 36 1.38 -5.08 -3.16
N VAL A 37 2.26 -4.05 -3.17
CA VAL A 37 2.13 -2.94 -4.14
C VAL A 37 2.34 -3.43 -5.58
N SER A 38 3.14 -4.51 -5.72
CA SER A 38 3.37 -5.19 -7.00
C SER A 38 2.08 -5.88 -7.47
N LYS A 39 1.42 -6.58 -6.52
CA LYS A 39 0.12 -7.25 -6.69
C LYS A 39 -0.99 -6.26 -7.13
N ILE A 40 -1.14 -5.13 -6.39
CA ILE A 40 -2.27 -4.21 -6.59
C ILE A 40 -2.08 -3.32 -7.85
N SER A 41 -0.86 -2.77 -8.06
CA SER A 41 -0.53 -1.94 -9.25
C SER A 41 -0.79 -2.68 -10.57
N SER A 42 -0.42 -3.97 -10.59
CA SER A 42 -0.58 -4.85 -11.78
C SER A 42 -2.07 -5.30 -11.95
N SER A 43 -2.92 -4.94 -10.98
CA SER A 43 -4.33 -5.35 -10.95
C SER A 43 -5.27 -4.16 -11.27
N VAL A 44 -4.99 -2.99 -10.65
CA VAL A 44 -5.90 -1.82 -10.67
C VAL A 44 -5.38 -0.74 -11.64
N ASN A 45 -6.34 0.01 -12.20
CA ASN A 45 -6.06 1.11 -13.13
C ASN A 45 -6.09 2.48 -12.41
N ASP A 46 -6.62 2.51 -11.17
CA ASP A 46 -6.77 3.76 -10.38
C ASP A 46 -6.23 3.58 -8.95
N LEU A 47 -5.57 4.65 -8.46
CA LEU A 47 -5.08 4.73 -7.06
C LEU A 47 -6.28 4.66 -6.10
N GLU A 48 -7.44 5.20 -6.54
CA GLU A 48 -8.73 5.11 -5.82
C GLU A 48 -9.15 3.64 -5.63
N GLU A 49 -8.89 2.81 -6.64
CA GLU A 49 -9.19 1.36 -6.61
C GLU A 49 -8.16 0.60 -5.76
N ALA A 50 -6.91 1.12 -5.74
CA ALA A 50 -5.82 0.54 -4.93
C ALA A 50 -6.13 0.70 -3.43
N ILE A 51 -6.70 1.87 -3.09
CA ILE A 51 -7.08 2.23 -1.73
C ILE A 51 -8.10 1.21 -1.16
N VAL A 52 -9.33 1.12 -1.73
CA VAL A 52 -10.36 0.11 -1.35
C VAL A 52 -9.76 -1.32 -1.17
N VAL A 53 -9.00 -1.77 -2.20
CA VAL A 53 -8.32 -3.09 -2.16
C VAL A 53 -7.43 -3.23 -0.90
N LEU A 54 -6.65 -2.18 -0.58
CA LEU A 54 -5.77 -2.15 0.62
C LEU A 54 -6.58 -2.05 1.93
N ARG A 55 -7.81 -1.46 1.86
CA ARG A 55 -8.75 -1.43 3.00
C ARG A 55 -9.30 -2.84 3.31
N GLU A 56 -9.17 -3.75 2.32
CA GLU A 56 -9.48 -5.17 2.50
C GLU A 56 -8.24 -5.93 2.99
N GLU A 57 -7.08 -5.67 2.32
CA GLU A 57 -5.80 -6.36 2.62
C GLU A 57 -5.40 -6.16 4.11
N GLU A 58 -5.59 -4.92 4.57
CA GLU A 58 -5.42 -4.51 5.98
C GLU A 58 -6.16 -5.46 6.94
N LYS A 59 -7.49 -5.62 6.71
CA LYS A 59 -8.38 -6.44 7.56
C LYS A 59 -8.02 -7.94 7.47
N LYS A 60 -7.48 -8.38 6.31
CA LYS A 60 -7.05 -9.77 6.10
C LYS A 60 -5.73 -10.03 6.85
N ALA A 61 -4.91 -8.98 6.96
CA ALA A 61 -3.59 -9.05 7.59
C ALA A 61 -3.69 -9.02 9.11
N SER A 62 -2.66 -9.56 9.76
CA SER A 62 -2.46 -9.51 11.20
C SER A 62 -1.24 -8.62 11.51
N GLU A 63 -1.27 -7.97 12.68
CA GLU A 63 -0.18 -7.04 13.12
C GLU A 63 1.18 -7.79 13.20
N PRO A 64 2.34 -7.15 12.78
CA PRO A 64 2.41 -5.73 12.37
C PRO A 64 2.11 -5.49 10.87
N PHE A 65 1.77 -6.56 10.10
CA PHE A 65 1.49 -6.42 8.65
C PHE A 65 0.13 -5.70 8.42
N LYS A 66 -0.78 -5.80 9.41
CA LYS A 66 -2.01 -4.97 9.47
C LYS A 66 -1.66 -3.47 9.56
N THR A 67 -0.51 -3.20 10.20
CA THR A 67 -0.03 -1.85 10.47
C THR A 67 0.82 -1.35 9.28
N ASP A 68 1.41 -2.30 8.53
CA ASP A 68 2.27 -1.97 7.37
C ASP A 68 1.41 -1.53 6.20
N ILE A 69 0.32 -2.28 6.00
CA ILE A 69 -0.66 -2.02 4.94
C ILE A 69 -1.38 -0.71 5.26
N ARG A 70 -1.92 -0.58 6.50
CA ARG A 70 -2.71 0.60 6.90
C ARG A 70 -1.91 1.93 6.81
N ILE A 71 -0.61 1.94 7.25
CA ILE A 71 0.24 3.17 7.22
C ILE A 71 0.50 3.60 5.75
N LEU A 72 0.68 2.60 4.86
CA LEU A 72 0.88 2.85 3.43
C LEU A 72 -0.43 3.37 2.79
N LEU A 73 -1.52 2.65 3.11
CA LEU A 73 -2.87 2.87 2.58
C LEU A 73 -3.39 4.29 2.90
N ASP A 74 -3.59 4.57 4.20
CA ASP A 74 -3.92 5.90 4.74
C ASP A 74 -3.07 7.04 4.12
N PHE A 75 -1.74 6.82 4.04
CA PHE A 75 -0.82 7.74 3.33
C PHE A 75 -1.28 8.04 1.87
N LEU A 76 -1.72 7.01 1.14
CA LEU A 76 -2.24 7.15 -0.25
C LEU A 76 -3.59 7.90 -0.26
N GLU A 77 -4.37 7.74 0.82
CA GLU A 77 -5.63 8.49 1.04
C GLU A 77 -5.30 9.95 1.44
N SER A 78 -4.07 10.13 1.98
CA SER A 78 -3.48 11.43 2.38
C SER A 78 -4.22 12.01 3.62
N LYS A 79 -4.56 11.10 4.56
CA LYS A 79 -5.27 11.44 5.81
C LYS A 79 -4.28 11.59 7.00
N PRO A 80 -4.23 12.76 7.71
CA PRO A 80 -3.44 12.91 8.95
C PRO A 80 -4.03 12.05 10.11
N GLY A 9 4.15 0.49 -15.96
CA GLY A 9 2.80 0.27 -16.56
C GLY A 9 1.83 1.37 -16.15
N SER A 10 1.04 1.12 -15.11
CA SER A 10 0.03 2.05 -14.59
C SER A 10 0.67 3.26 -13.89
N VAL A 11 0.03 4.45 -14.01
CA VAL A 11 0.41 5.68 -13.27
C VAL A 11 0.21 5.49 -11.75
N VAL A 12 -0.56 4.45 -11.38
CA VAL A 12 -0.82 4.08 -9.99
C VAL A 12 0.45 3.53 -9.34
N LYS A 13 1.19 2.72 -10.13
CA LYS A 13 2.37 2.02 -9.63
C LYS A 13 3.38 2.99 -9.03
N GLU A 14 3.78 4.03 -9.81
CA GLU A 14 4.74 5.06 -9.38
C GLU A 14 4.26 5.81 -8.11
N LYS A 15 2.92 6.05 -8.02
CA LYS A 15 2.30 6.69 -6.83
C LYS A 15 2.55 5.83 -5.59
N LEU A 16 2.36 4.51 -5.76
CA LEU A 16 2.62 3.50 -4.73
C LEU A 16 4.13 3.45 -4.41
N GLU A 17 4.99 3.64 -5.45
CA GLU A 17 6.46 3.55 -5.32
C GLU A 17 7.01 4.74 -4.49
N LYS A 18 6.41 5.95 -4.66
CA LYS A 18 6.75 7.15 -3.86
C LYS A 18 6.38 6.87 -2.40
N ALA A 19 5.13 6.40 -2.24
CA ALA A 19 4.50 6.17 -0.94
C ALA A 19 5.24 5.11 -0.13
N LEU A 20 5.69 4.05 -0.84
CA LEU A 20 6.43 2.91 -0.27
C LEU A 20 7.69 3.40 0.44
N ILE A 21 8.48 4.24 -0.27
CA ILE A 21 9.76 4.76 0.23
C ILE A 21 9.53 5.75 1.40
N GLU A 22 8.51 6.61 1.27
CA GLU A 22 8.17 7.62 2.28
C GLU A 22 7.90 6.98 3.65
N VAL A 23 7.15 5.87 3.65
CA VAL A 23 6.76 5.16 4.89
C VAL A 23 7.68 3.95 5.16
N ARG A 24 8.60 3.66 4.21
CA ARG A 24 9.58 2.54 4.33
C ARG A 24 10.28 2.46 5.73
N PRO A 25 10.82 3.61 6.32
CA PRO A 25 11.43 3.59 7.68
C PRO A 25 10.42 3.22 8.79
N TYR A 26 9.13 3.53 8.54
CA TYR A 26 8.02 3.34 9.51
C TYR A 26 7.48 1.90 9.47
N VAL A 27 7.45 1.29 8.26
CA VAL A 27 6.78 0.00 8.04
C VAL A 27 7.78 -1.18 8.08
N GLU A 28 7.46 -2.17 8.94
CA GLU A 28 8.17 -3.46 8.96
C GLU A 28 7.34 -4.49 8.20
N TYR A 29 8.02 -5.51 7.61
CA TYR A 29 7.46 -6.43 6.60
C TYR A 29 7.23 -5.67 5.27
N TYR A 30 8.09 -4.67 5.03
CA TYR A 30 8.11 -3.87 3.80
C TYR A 30 8.33 -4.76 2.55
N ASN A 31 9.07 -5.88 2.70
CA ASN A 31 9.27 -6.88 1.61
C ASN A 31 7.90 -7.39 1.11
N GLU A 32 7.01 -7.66 2.08
CA GLU A 32 5.67 -8.17 1.83
C GLU A 32 4.78 -7.08 1.19
N LEU A 33 4.82 -5.86 1.77
CA LEU A 33 4.00 -4.71 1.34
C LEU A 33 4.34 -4.29 -0.11
N LYS A 34 5.66 -4.18 -0.36
CA LYS A 34 6.21 -3.84 -1.68
C LYS A 34 5.75 -4.86 -2.76
N ALA A 35 5.53 -6.13 -2.35
CA ALA A 35 5.08 -7.21 -3.24
C ALA A 35 3.57 -7.10 -3.48
N LEU A 36 2.85 -6.71 -2.41
CA LEU A 36 1.38 -6.50 -2.44
C LEU A 36 1.03 -5.32 -3.38
N VAL A 37 1.90 -4.30 -3.37
CA VAL A 37 1.85 -3.14 -4.28
C VAL A 37 2.11 -3.57 -5.73
N SER A 38 3.13 -4.43 -5.90
CA SER A 38 3.53 -4.91 -7.24
C SER A 38 2.43 -5.81 -7.86
N LYS A 39 1.65 -6.45 -6.98
CA LYS A 39 0.51 -7.28 -7.35
C LYS A 39 -0.65 -6.39 -7.86
N ILE A 40 -1.11 -5.47 -6.98
CA ILE A 40 -2.31 -4.64 -7.25
C ILE A 40 -2.10 -3.69 -8.44
N SER A 41 -0.89 -3.07 -8.52
CA SER A 41 -0.53 -2.09 -9.58
C SER A 41 -0.58 -2.72 -11.00
N SER A 42 -0.36 -4.04 -11.06
CA SER A 42 -0.38 -4.81 -12.32
C SER A 42 -1.83 -5.12 -12.77
N SER A 43 -2.82 -4.70 -11.96
CA SER A 43 -4.25 -4.94 -12.22
C SER A 43 -5.03 -3.61 -12.23
N VAL A 44 -4.63 -2.64 -11.38
CA VAL A 44 -5.40 -1.40 -11.15
C VAL A 44 -4.84 -0.25 -12.02
N ASN A 45 -5.77 0.48 -12.65
CA ASN A 45 -5.47 1.70 -13.45
C ASN A 45 -5.95 2.95 -12.70
N ASP A 46 -6.49 2.77 -11.48
CA ASP A 46 -6.92 3.86 -10.59
C ASP A 46 -6.33 3.63 -9.19
N LEU A 47 -5.79 4.71 -8.58
CA LEU A 47 -5.21 4.63 -7.22
C LEU A 47 -6.34 4.45 -6.19
N GLU A 48 -7.55 4.92 -6.54
CA GLU A 48 -8.76 4.70 -5.72
C GLU A 48 -9.07 3.18 -5.60
N GLU A 49 -8.78 2.42 -6.68
CA GLU A 49 -8.97 0.95 -6.70
C GLU A 49 -7.86 0.23 -5.92
N ALA A 50 -6.68 0.89 -5.83
CA ALA A 50 -5.51 0.38 -5.10
C ALA A 50 -5.82 0.42 -3.60
N ILE A 51 -6.24 1.61 -3.14
CA ILE A 51 -6.54 1.90 -1.72
C ILE A 51 -7.62 0.93 -1.16
N VAL A 52 -8.85 0.98 -1.74
CA VAL A 52 -9.97 0.05 -1.41
C VAL A 52 -9.52 -1.43 -1.29
N VAL A 53 -8.83 -1.96 -2.32
CA VAL A 53 -8.27 -3.35 -2.27
C VAL A 53 -7.36 -3.55 -1.02
N LEU A 54 -6.51 -2.54 -0.74
CA LEU A 54 -5.60 -2.56 0.44
C LEU A 54 -6.39 -2.55 1.76
N ARG A 55 -7.63 -2.00 1.73
CA ARG A 55 -8.53 -1.99 2.92
C ARG A 55 -9.04 -3.40 3.29
N GLU A 56 -8.98 -4.33 2.33
CA GLU A 56 -9.33 -5.75 2.58
C GLU A 56 -8.07 -6.50 3.05
N GLU A 57 -6.93 -6.08 2.49
CA GLU A 57 -5.63 -6.71 2.80
C GLU A 57 -5.18 -6.39 4.24
N GLU A 58 -5.40 -5.14 4.64
CA GLU A 58 -5.11 -4.63 5.97
C GLU A 58 -5.91 -5.37 7.05
N LYS A 59 -7.25 -5.44 6.85
CA LYS A 59 -8.18 -6.09 7.80
C LYS A 59 -7.97 -7.62 7.91
N LYS A 60 -7.49 -8.29 6.83
CA LYS A 60 -7.18 -9.75 6.89
C LYS A 60 -5.78 -9.97 7.52
N ALA A 61 -4.91 -8.94 7.44
CA ALA A 61 -3.56 -8.98 8.02
C ALA A 61 -3.61 -8.77 9.53
N SER A 62 -2.71 -9.44 10.26
CA SER A 62 -2.51 -9.24 11.71
C SER A 62 -1.26 -8.37 11.93
N GLU A 63 -1.21 -7.62 13.06
CA GLU A 63 -0.09 -6.72 13.39
C GLU A 63 1.21 -7.53 13.64
N PRO A 64 2.43 -6.97 13.35
CA PRO A 64 2.66 -5.57 12.87
C PRO A 64 2.45 -5.36 11.35
N PHE A 65 2.16 -6.42 10.58
CA PHE A 65 1.87 -6.29 9.13
C PHE A 65 0.53 -5.55 8.86
N LYS A 66 -0.40 -5.63 9.83
CA LYS A 66 -1.65 -4.83 9.81
C LYS A 66 -1.35 -3.32 10.00
N THR A 67 -0.22 -3.05 10.68
CA THR A 67 0.26 -1.68 10.93
C THR A 67 1.00 -1.17 9.69
N ASP A 68 1.74 -2.09 9.07
CA ASP A 68 2.54 -1.86 7.86
C ASP A 68 1.65 -1.35 6.72
N ILE A 69 0.61 -2.15 6.40
CA ILE A 69 -0.36 -1.81 5.35
C ILE A 69 -1.11 -0.50 5.68
N ARG A 70 -1.71 -0.35 6.90
CA ARG A 70 -2.54 0.85 7.20
C ARG A 70 -1.75 2.16 7.13
N ILE A 71 -0.43 2.14 7.47
CA ILE A 71 0.45 3.32 7.34
C ILE A 71 0.55 3.76 5.87
N LEU A 72 0.77 2.79 4.95
CA LEU A 72 0.85 3.07 3.50
C LEU A 72 -0.51 3.55 2.97
N LEU A 73 -1.53 2.78 3.32
CA LEU A 73 -2.92 2.94 2.90
C LEU A 73 -3.42 4.36 3.21
N ASP A 74 -3.56 4.67 4.51
CA ASP A 74 -3.87 6.01 5.05
C ASP A 74 -3.02 7.11 4.39
N PHE A 75 -1.68 6.91 4.33
CA PHE A 75 -0.75 7.85 3.64
C PHE A 75 -1.28 8.23 2.23
N LEU A 76 -1.71 7.22 1.43
CA LEU A 76 -2.27 7.43 0.07
C LEU A 76 -3.55 8.30 0.12
N GLU A 77 -4.37 8.06 1.17
CA GLU A 77 -5.63 8.80 1.40
C GLU A 77 -5.33 10.24 1.89
N SER A 78 -4.12 10.40 2.47
CA SER A 78 -3.55 11.69 2.93
C SER A 78 -4.35 12.27 4.12
N LYS A 79 -5.04 11.38 4.87
CA LYS A 79 -5.94 11.78 5.98
C LYS A 79 -5.15 12.28 7.20
N PRO A 80 -5.66 13.32 7.94
CA PRO A 80 -5.04 13.81 9.18
C PRO A 80 -5.38 12.87 10.37
N GLY A 9 2.22 0.78 -18.54
CA GLY A 9 2.15 0.78 -17.05
C GLY A 9 0.97 1.59 -16.52
N SER A 10 0.65 1.42 -15.24
CA SER A 10 -0.39 2.19 -14.54
C SER A 10 0.21 3.47 -13.95
N VAL A 11 -0.50 4.60 -14.11
CA VAL A 11 -0.21 5.88 -13.42
C VAL A 11 -0.32 5.73 -11.87
N VAL A 12 -0.96 4.63 -11.45
CA VAL A 12 -1.10 4.27 -10.03
C VAL A 12 0.25 3.80 -9.46
N LYS A 13 1.00 3.05 -10.31
CA LYS A 13 2.27 2.38 -9.92
C LYS A 13 3.27 3.37 -9.29
N GLU A 14 3.41 4.57 -9.91
CA GLU A 14 4.35 5.61 -9.45
C GLU A 14 3.95 6.15 -8.05
N LYS A 15 2.62 6.32 -7.88
CA LYS A 15 2.03 6.83 -6.61
C LYS A 15 2.28 5.82 -5.47
N LEU A 16 2.29 4.53 -5.84
CA LEU A 16 2.49 3.41 -4.92
C LEU A 16 3.99 3.19 -4.62
N GLU A 17 4.87 3.61 -5.55
CA GLU A 17 6.34 3.51 -5.38
C GLU A 17 6.84 4.69 -4.53
N LYS A 18 6.19 5.86 -4.67
CA LYS A 18 6.37 7.01 -3.76
C LYS A 18 5.97 6.59 -2.34
N ALA A 19 4.77 5.95 -2.24
CA ALA A 19 4.19 5.49 -0.98
C ALA A 19 5.15 4.56 -0.23
N LEU A 20 5.71 3.56 -0.96
CA LEU A 20 6.76 2.64 -0.48
C LEU A 20 7.92 3.37 0.23
N ILE A 21 8.59 4.29 -0.50
CA ILE A 21 9.82 4.97 -0.02
C ILE A 21 9.49 5.87 1.20
N GLU A 22 8.37 6.63 1.10
CA GLU A 22 7.93 7.55 2.17
C GLU A 22 7.77 6.83 3.52
N VAL A 23 7.07 5.69 3.50
CA VAL A 23 6.76 4.92 4.71
C VAL A 23 7.83 3.85 5.02
N ARG A 24 8.81 3.70 4.09
CA ARG A 24 9.89 2.67 4.20
C ARG A 24 10.61 2.65 5.59
N PRO A 25 11.11 3.82 6.17
CA PRO A 25 11.78 3.81 7.50
C PRO A 25 10.81 3.62 8.68
N TYR A 26 9.50 3.61 8.38
CA TYR A 26 8.42 3.45 9.38
C TYR A 26 7.88 2.02 9.41
N VAL A 27 7.83 1.36 8.23
CA VAL A 27 7.21 0.02 8.10
C VAL A 27 8.27 -1.10 8.16
N GLU A 28 7.89 -2.16 8.89
CA GLU A 28 8.55 -3.47 8.85
C GLU A 28 7.78 -4.36 7.88
N TYR A 29 8.34 -5.52 7.50
CA TYR A 29 7.74 -6.43 6.48
C TYR A 29 7.62 -5.71 5.14
N TYR A 30 8.54 -4.76 4.92
CA TYR A 30 8.63 -3.97 3.68
C TYR A 30 8.75 -4.89 2.45
N ASN A 31 9.38 -6.09 2.62
CA ASN A 31 9.44 -7.13 1.57
C ASN A 31 8.02 -7.57 1.15
N GLU A 32 7.20 -7.85 2.18
CA GLU A 32 5.84 -8.40 2.04
C GLU A 32 4.88 -7.35 1.45
N LEU A 33 4.95 -6.13 2.01
CA LEU A 33 4.13 -4.98 1.59
C LEU A 33 4.52 -4.55 0.16
N LYS A 34 5.84 -4.58 -0.12
CA LYS A 34 6.37 -4.34 -1.48
C LYS A 34 5.88 -5.40 -2.50
N ALA A 35 5.62 -6.65 -2.04
CA ALA A 35 5.11 -7.74 -2.90
C ALA A 35 3.60 -7.57 -3.15
N LEU A 36 2.91 -7.00 -2.15
CA LEU A 36 1.47 -6.73 -2.19
C LEU A 36 1.17 -5.54 -3.12
N VAL A 37 1.98 -4.48 -2.97
CA VAL A 37 1.84 -3.24 -3.73
C VAL A 37 2.38 -3.43 -5.17
N SER A 38 3.26 -4.44 -5.36
CA SER A 38 3.76 -4.84 -6.70
C SER A 38 2.63 -5.52 -7.49
N LYS A 39 1.90 -6.42 -6.80
CA LYS A 39 0.71 -7.10 -7.32
C LYS A 39 -0.35 -6.09 -7.80
N ILE A 40 -0.78 -5.18 -6.89
CA ILE A 40 -1.90 -4.25 -7.17
C ILE A 40 -1.51 -3.22 -8.24
N SER A 41 -0.27 -2.66 -8.17
CA SER A 41 0.22 -1.68 -9.17
C SER A 41 0.19 -2.26 -10.61
N SER A 42 0.45 -3.59 -10.73
CA SER A 42 0.47 -4.28 -12.04
C SER A 42 -0.95 -4.61 -12.57
N SER A 43 -2.01 -4.33 -11.78
CA SER A 43 -3.39 -4.75 -12.11
C SER A 43 -4.40 -3.58 -12.08
N VAL A 44 -4.20 -2.60 -11.16
CA VAL A 44 -5.20 -1.54 -10.89
C VAL A 44 -4.91 -0.31 -11.77
N ASN A 45 -5.95 0.16 -12.45
CA ASN A 45 -5.90 1.34 -13.34
C ASN A 45 -6.27 2.62 -12.57
N ASP A 46 -6.85 2.46 -11.37
CA ASP A 46 -7.27 3.58 -10.49
C ASP A 46 -6.54 3.49 -9.15
N LEU A 47 -6.11 4.66 -8.62
CA LEU A 47 -5.47 4.78 -7.29
C LEU A 47 -6.52 4.44 -6.21
N GLU A 48 -7.80 4.70 -6.51
CA GLU A 48 -8.95 4.33 -5.65
C GLU A 48 -9.04 2.80 -5.51
N GLU A 49 -8.66 2.05 -6.56
CA GLU A 49 -8.69 0.57 -6.56
C GLU A 49 -7.52 0.02 -5.75
N ALA A 50 -6.43 0.81 -5.68
CA ALA A 50 -5.25 0.47 -4.88
C ALA A 50 -5.60 0.59 -3.39
N ILE A 51 -6.25 1.73 -3.05
CA ILE A 51 -6.72 2.04 -1.68
C ILE A 51 -7.69 0.94 -1.17
N VAL A 52 -8.88 0.79 -1.83
CA VAL A 52 -9.89 -0.25 -1.54
C VAL A 52 -9.27 -1.64 -1.23
N VAL A 53 -8.44 -2.16 -2.17
CA VAL A 53 -7.73 -3.46 -1.98
C VAL A 53 -6.97 -3.48 -0.63
N LEU A 54 -6.16 -2.42 -0.36
CA LEU A 54 -5.33 -2.34 0.87
C LEU A 54 -6.21 -2.29 2.15
N ARG A 55 -7.41 -1.67 2.04
CA ARG A 55 -8.39 -1.61 3.15
C ARG A 55 -8.91 -3.02 3.50
N GLU A 56 -8.83 -3.95 2.53
CA GLU A 56 -9.25 -5.35 2.68
C GLU A 56 -8.08 -6.21 3.19
N GLU A 57 -6.89 -5.92 2.64
CA GLU A 57 -5.63 -6.61 3.02
C GLU A 57 -5.35 -6.41 4.51
N GLU A 58 -5.57 -5.17 4.95
CA GLU A 58 -5.53 -4.73 6.34
C GLU A 58 -6.40 -5.63 7.25
N LYS A 59 -7.71 -5.67 6.96
CA LYS A 59 -8.70 -6.32 7.85
C LYS A 59 -8.66 -7.87 7.79
N LYS A 60 -8.13 -8.43 6.68
CA LYS A 60 -7.95 -9.90 6.55
C LYS A 60 -6.62 -10.34 7.22
N ALA A 61 -5.68 -9.39 7.36
CA ALA A 61 -4.38 -9.64 8.04
C ALA A 61 -4.45 -9.16 9.50
N SER A 62 -3.38 -9.46 10.23
CA SER A 62 -3.20 -9.09 11.64
C SER A 62 -1.81 -8.44 11.80
N GLU A 63 -1.53 -7.92 13.00
CA GLU A 63 -0.28 -7.21 13.31
C GLU A 63 0.94 -8.16 13.17
N PRO A 64 2.15 -7.67 12.70
CA PRO A 64 2.42 -6.24 12.39
C PRO A 64 1.98 -5.79 10.98
N PHE A 65 1.71 -6.77 10.10
CA PHE A 65 1.40 -6.51 8.66
C PHE A 65 0.17 -5.58 8.49
N LYS A 66 -0.79 -5.68 9.43
CA LYS A 66 -1.99 -4.79 9.45
C LYS A 66 -1.59 -3.32 9.71
N THR A 67 -0.51 -3.15 10.50
CA THR A 67 0.02 -1.83 10.88
C THR A 67 0.79 -1.21 9.72
N ASP A 68 1.47 -2.06 8.94
CA ASP A 68 2.36 -1.63 7.84
C ASP A 68 1.55 -1.20 6.63
N ILE A 69 0.55 -2.03 6.29
CA ILE A 69 -0.45 -1.74 5.26
C ILE A 69 -1.10 -0.38 5.52
N ARG A 70 -1.74 -0.20 6.71
CA ARG A 70 -2.49 1.04 7.03
C ARG A 70 -1.61 2.31 6.97
N ILE A 71 -0.32 2.21 7.35
CA ILE A 71 0.65 3.33 7.23
C ILE A 71 0.83 3.77 5.73
N LEU A 72 0.93 2.79 4.80
CA LEU A 72 0.98 3.09 3.34
C LEU A 72 -0.42 3.60 2.86
N LEU A 73 -1.47 3.02 3.46
CA LEU A 73 -2.89 3.40 3.21
C LEU A 73 -3.18 4.84 3.74
N ASP A 74 -2.35 5.28 4.69
CA ASP A 74 -2.45 6.60 5.33
C ASP A 74 -1.90 7.70 4.40
N PHE A 75 -1.06 7.26 3.45
CA PHE A 75 -0.40 8.15 2.50
C PHE A 75 -1.33 8.38 1.31
N LEU A 76 -1.98 7.28 0.88
CA LEU A 76 -2.90 7.28 -0.25
C LEU A 76 -4.17 8.11 0.06
N GLU A 77 -4.84 7.81 1.19
CA GLU A 77 -6.05 8.56 1.64
C GLU A 77 -5.73 10.04 1.93
N SER A 78 -4.55 10.28 2.57
CA SER A 78 -3.99 11.63 2.81
C SER A 78 -4.89 12.52 3.74
N LYS A 79 -5.46 11.92 4.82
CA LYS A 79 -6.22 12.67 5.88
C LYS A 79 -5.23 13.41 6.84
N PRO A 80 -5.72 14.35 7.73
CA PRO A 80 -4.89 14.88 8.87
C PRO A 80 -4.58 13.76 9.93
N GLY A 9 2.13 1.12 -17.67
CA GLY A 9 1.30 0.56 -16.57
C GLY A 9 0.39 1.61 -15.95
N SER A 10 0.01 1.38 -14.69
CA SER A 10 -0.85 2.30 -13.90
C SER A 10 0.01 3.33 -13.16
N VAL A 11 -0.43 4.60 -13.15
CA VAL A 11 0.19 5.68 -12.34
C VAL A 11 0.21 5.32 -10.84
N VAL A 12 -0.77 4.48 -10.45
CA VAL A 12 -0.87 3.85 -9.11
C VAL A 12 0.48 3.24 -8.68
N LYS A 13 1.15 2.57 -9.66
CA LYS A 13 2.39 1.81 -9.41
C LYS A 13 3.51 2.70 -8.83
N GLU A 14 3.68 3.93 -9.39
CA GLU A 14 4.73 4.85 -8.92
C GLU A 14 4.31 5.46 -7.57
N LYS A 15 2.99 5.75 -7.44
CA LYS A 15 2.41 6.34 -6.20
C LYS A 15 2.65 5.44 -4.98
N LEU A 16 2.48 4.13 -5.22
CA LEU A 16 2.74 3.07 -4.22
C LEU A 16 4.23 3.04 -3.85
N GLU A 17 5.10 3.16 -4.88
CA GLU A 17 6.57 3.18 -4.70
C GLU A 17 7.06 4.42 -3.92
N LYS A 18 6.43 5.61 -4.15
CA LYS A 18 6.78 6.86 -3.43
C LYS A 18 6.43 6.68 -1.94
N ALA A 19 5.23 6.11 -1.72
CA ALA A 19 4.69 5.84 -0.39
C ALA A 19 5.63 4.91 0.39
N LEU A 20 5.98 3.77 -0.26
CA LEU A 20 6.93 2.77 0.26
C LEU A 20 8.21 3.40 0.83
N ILE A 21 8.82 4.36 0.09
CA ILE A 21 10.05 5.06 0.50
C ILE A 21 9.79 5.89 1.78
N GLU A 22 8.72 6.71 1.73
CA GLU A 22 8.37 7.63 2.83
C GLU A 22 8.00 6.87 4.12
N VAL A 23 7.42 5.67 3.96
CA VAL A 23 6.96 4.85 5.10
C VAL A 23 7.96 3.73 5.41
N ARG A 24 9.03 3.62 4.58
CA ARG A 24 10.12 2.63 4.79
C ARG A 24 10.71 2.68 6.24
N PRO A 25 11.05 3.91 6.83
CA PRO A 25 11.55 4.00 8.24
C PRO A 25 10.51 3.52 9.29
N TYR A 26 9.23 3.45 8.87
CA TYR A 26 8.09 3.13 9.77
C TYR A 26 7.69 1.65 9.68
N VAL A 27 7.72 1.08 8.45
CA VAL A 27 7.09 -0.23 8.19
C VAL A 27 8.07 -1.39 8.35
N GLU A 28 7.56 -2.50 8.91
CA GLU A 28 8.21 -3.81 8.83
C GLU A 28 7.70 -4.54 7.58
N TYR A 29 8.46 -5.57 7.16
CA TYR A 29 8.12 -6.45 6.04
C TYR A 29 8.08 -5.63 4.74
N TYR A 30 9.16 -4.83 4.54
CA TYR A 30 9.27 -3.89 3.41
C TYR A 30 9.15 -4.61 2.06
N ASN A 31 9.78 -5.80 1.95
CA ASN A 31 9.78 -6.61 0.71
C ASN A 31 8.39 -7.23 0.47
N GLU A 32 7.65 -7.50 1.57
CA GLU A 32 6.34 -8.14 1.52
C GLU A 32 5.27 -7.12 1.07
N LEU A 33 5.32 -5.92 1.67
CA LEU A 33 4.45 -4.80 1.31
C LEU A 33 4.73 -4.35 -0.15
N LYS A 34 6.03 -4.36 -0.51
CA LYS A 34 6.46 -4.15 -1.92
C LYS A 34 5.83 -5.18 -2.87
N ALA A 35 5.68 -6.45 -2.42
CA ALA A 35 5.11 -7.52 -3.25
C ALA A 35 3.60 -7.32 -3.42
N LEU A 36 2.96 -6.84 -2.33
CA LEU A 36 1.53 -6.49 -2.33
C LEU A 36 1.28 -5.30 -3.28
N VAL A 37 2.20 -4.33 -3.24
CA VAL A 37 2.22 -3.16 -4.12
C VAL A 37 2.39 -3.57 -5.59
N SER A 38 3.31 -4.52 -5.81
CA SER A 38 3.66 -5.02 -7.14
C SER A 38 2.46 -5.77 -7.78
N LYS A 39 1.64 -6.39 -6.91
CA LYS A 39 0.47 -7.16 -7.33
C LYS A 39 -0.71 -6.22 -7.67
N ILE A 40 -1.08 -5.34 -6.71
CA ILE A 40 -2.26 -4.46 -6.83
C ILE A 40 -2.09 -3.41 -7.93
N SER A 41 -0.86 -2.89 -8.12
CA SER A 41 -0.52 -1.92 -9.18
C SER A 41 -0.86 -2.44 -10.58
N SER A 42 -0.71 -3.77 -10.76
CA SER A 42 -0.95 -4.46 -12.03
C SER A 42 -2.42 -4.91 -12.13
N SER A 43 -3.11 -4.96 -10.96
CA SER A 43 -4.51 -5.43 -10.85
C SER A 43 -5.49 -4.26 -11.05
N VAL A 44 -5.13 -3.08 -10.52
CA VAL A 44 -5.98 -1.88 -10.56
C VAL A 44 -5.28 -0.79 -11.38
N ASN A 45 -6.09 0.04 -12.02
CA ASN A 45 -5.63 1.15 -12.88
C ASN A 45 -5.89 2.51 -12.21
N ASP A 46 -6.51 2.48 -11.03
CA ASP A 46 -6.99 3.68 -10.31
C ASP A 46 -6.57 3.60 -8.84
N LEU A 47 -6.09 4.73 -8.30
CA LEU A 47 -5.55 4.84 -6.93
C LEU A 47 -6.66 4.59 -5.90
N GLU A 48 -7.90 5.05 -6.22
CA GLU A 48 -9.10 4.79 -5.40
C GLU A 48 -9.37 3.29 -5.28
N GLU A 49 -9.14 2.56 -6.39
CA GLU A 49 -9.34 1.10 -6.44
C GLU A 49 -8.22 0.39 -5.66
N ALA A 50 -7.03 1.00 -5.59
CA ALA A 50 -5.91 0.49 -4.79
C ALA A 50 -6.25 0.59 -3.29
N ILE A 51 -6.76 1.77 -2.89
CA ILE A 51 -7.13 2.06 -1.49
C ILE A 51 -8.13 1.01 -0.94
N VAL A 52 -9.38 0.97 -1.50
CA VAL A 52 -10.42 -0.02 -1.13
C VAL A 52 -9.89 -1.50 -1.09
N VAL A 53 -9.13 -1.91 -2.12
CA VAL A 53 -8.49 -3.26 -2.14
C VAL A 53 -7.56 -3.44 -0.92
N LEU A 54 -6.73 -2.42 -0.62
CA LEU A 54 -5.79 -2.44 0.52
C LEU A 54 -6.52 -2.48 1.88
N ARG A 55 -7.76 -1.94 1.89
CA ARG A 55 -8.64 -1.98 3.07
C ARG A 55 -9.20 -3.40 3.33
N GLU A 56 -9.16 -4.26 2.30
CA GLU A 56 -9.47 -5.70 2.42
C GLU A 56 -8.22 -6.48 2.80
N GLU A 57 -7.09 -6.12 2.14
CA GLU A 57 -5.77 -6.79 2.31
C GLU A 57 -5.34 -6.73 3.78
N GLU A 58 -5.46 -5.52 4.33
CA GLU A 58 -5.29 -5.21 5.74
C GLU A 58 -6.08 -6.19 6.64
N LYS A 59 -7.41 -6.26 6.43
CA LYS A 59 -8.32 -7.11 7.25
C LYS A 59 -7.96 -8.61 7.14
N LYS A 60 -7.43 -9.04 5.98
CA LYS A 60 -7.01 -10.44 5.76
C LYS A 60 -5.64 -10.68 6.43
N ALA A 61 -4.82 -9.63 6.47
CA ALA A 61 -3.49 -9.63 7.10
C ALA A 61 -3.63 -9.49 8.62
N SER A 62 -2.52 -9.70 9.32
CA SER A 62 -2.46 -9.58 10.79
C SER A 62 -1.43 -8.50 11.18
N GLU A 63 -1.61 -7.91 12.37
CA GLU A 63 -0.66 -6.94 12.94
C GLU A 63 0.69 -7.66 13.26
N PRO A 64 1.88 -6.98 13.08
CA PRO A 64 2.02 -5.52 12.83
C PRO A 64 1.80 -5.07 11.37
N PHE A 65 1.62 -6.04 10.45
CA PHE A 65 1.52 -5.76 9.01
C PHE A 65 0.20 -5.01 8.65
N LYS A 66 -0.86 -5.16 9.49
CA LYS A 66 -2.10 -4.32 9.35
C LYS A 66 -1.78 -2.81 9.53
N THR A 67 -0.71 -2.51 10.27
CA THR A 67 -0.29 -1.14 10.53
C THR A 67 0.60 -0.70 9.37
N ASP A 68 1.56 -1.57 9.05
CA ASP A 68 2.51 -1.36 7.94
C ASP A 68 1.76 -1.09 6.61
N ILE A 69 0.59 -1.73 6.43
CA ILE A 69 -0.32 -1.45 5.32
C ILE A 69 -0.94 -0.03 5.48
N ARG A 70 -1.62 0.27 6.63
CA ARG A 70 -2.37 1.56 6.77
C ARG A 70 -1.48 2.83 6.74
N ILE A 71 -0.19 2.70 7.12
CA ILE A 71 0.77 3.83 7.05
C ILE A 71 0.95 4.28 5.59
N LEU A 72 1.06 3.29 4.69
CA LEU A 72 1.15 3.49 3.24
C LEU A 72 -0.21 3.90 2.66
N LEU A 73 -1.25 3.15 3.07
CA LEU A 73 -2.64 3.28 2.60
C LEU A 73 -3.12 4.74 2.79
N ASP A 74 -3.25 5.18 4.07
CA ASP A 74 -3.54 6.57 4.47
C ASP A 74 -2.72 7.59 3.68
N PHE A 75 -1.37 7.39 3.63
CA PHE A 75 -0.45 8.28 2.89
C PHE A 75 -0.96 8.54 1.44
N LEU A 76 -1.42 7.47 0.76
CA LEU A 76 -2.00 7.56 -0.61
C LEU A 76 -3.28 8.41 -0.61
N GLU A 77 -4.14 8.16 0.40
CA GLU A 77 -5.43 8.87 0.56
C GLU A 77 -5.21 10.38 0.80
N SER A 78 -4.04 10.70 1.40
CA SER A 78 -3.64 12.07 1.76
C SER A 78 -4.67 12.74 2.71
N LYS A 79 -5.39 11.91 3.49
CA LYS A 79 -6.50 12.35 4.35
C LYS A 79 -6.02 12.57 5.80
N PRO A 80 -6.46 13.68 6.48
CA PRO A 80 -6.22 13.89 7.93
C PRO A 80 -6.92 12.81 8.79
N GLY A 9 6.12 -1.17 -15.19
CA GLY A 9 5.08 -1.12 -14.14
C GLY A 9 3.90 -0.22 -14.52
N SER A 10 2.81 -0.30 -13.74
CA SER A 10 1.60 0.53 -13.93
C SER A 10 1.77 1.93 -13.30
N VAL A 11 0.93 2.90 -13.71
CA VAL A 11 0.99 4.31 -13.24
C VAL A 11 0.53 4.41 -11.76
N VAL A 12 -0.27 3.41 -11.34
CA VAL A 12 -0.69 3.22 -9.95
C VAL A 12 0.55 2.88 -9.09
N LYS A 13 1.38 1.98 -9.65
CA LYS A 13 2.53 1.41 -8.93
C LYS A 13 3.51 2.49 -8.44
N GLU A 14 3.95 3.41 -9.35
CA GLU A 14 4.91 4.50 -9.01
C GLU A 14 4.41 5.40 -7.86
N LYS A 15 3.08 5.58 -7.80
CA LYS A 15 2.41 6.33 -6.70
C LYS A 15 2.50 5.56 -5.38
N LEU A 16 2.28 4.23 -5.47
CA LEU A 16 2.42 3.30 -4.33
C LEU A 16 3.90 3.18 -3.92
N GLU A 17 4.82 3.42 -4.89
CA GLU A 17 6.29 3.34 -4.67
C GLU A 17 6.80 4.60 -3.98
N LYS A 18 6.14 5.75 -4.25
CA LYS A 18 6.36 7.00 -3.52
C LYS A 18 6.00 6.79 -2.04
N ALA A 19 4.82 6.16 -1.82
CA ALA A 19 4.29 5.86 -0.50
C ALA A 19 5.23 4.92 0.27
N LEU A 20 5.70 3.84 -0.41
CA LEU A 20 6.69 2.88 0.13
C LEU A 20 7.89 3.61 0.76
N ILE A 21 8.53 4.50 -0.02
CA ILE A 21 9.73 5.25 0.41
C ILE A 21 9.41 6.18 1.61
N GLU A 22 8.27 6.89 1.52
CA GLU A 22 7.84 7.84 2.59
C GLU A 22 7.67 7.13 3.94
N VAL A 23 6.98 5.98 3.95
CA VAL A 23 6.68 5.24 5.18
C VAL A 23 7.78 4.19 5.48
N ARG A 24 8.78 4.11 4.56
CA ARG A 24 9.94 3.15 4.66
C ARG A 24 10.57 3.06 6.08
N PRO A 25 10.99 4.21 6.75
CA PRO A 25 11.63 4.14 8.10
C PRO A 25 10.66 3.63 9.19
N TYR A 26 9.34 3.75 8.93
CA TYR A 26 8.30 3.35 9.88
C TYR A 26 7.91 1.87 9.68
N VAL A 27 7.83 1.42 8.41
CA VAL A 27 7.21 0.11 8.08
C VAL A 27 8.25 -1.01 7.93
N GLU A 28 7.94 -2.15 8.56
CA GLU A 28 8.59 -3.44 8.32
C GLU A 28 7.74 -4.24 7.30
N TYR A 29 8.33 -5.31 6.73
CA TYR A 29 7.76 -6.08 5.59
C TYR A 29 7.86 -5.23 4.32
N TYR A 30 8.97 -4.48 4.19
CA TYR A 30 9.18 -3.56 3.06
C TYR A 30 9.16 -4.32 1.70
N ASN A 31 9.70 -5.55 1.68
CA ASN A 31 9.72 -6.41 0.48
C ASN A 31 8.33 -6.99 0.19
N GLU A 32 7.56 -7.28 1.25
CA GLU A 32 6.26 -7.95 1.16
C GLU A 32 5.19 -6.97 0.67
N LEU A 33 5.12 -5.82 1.36
CA LEU A 33 4.21 -4.71 1.03
C LEU A 33 4.55 -4.13 -0.36
N LYS A 34 5.87 -4.07 -0.69
CA LYS A 34 6.33 -3.71 -2.06
C LYS A 34 5.80 -4.70 -3.11
N ALA A 35 5.74 -6.01 -2.77
CA ALA A 35 5.27 -7.06 -3.69
C ALA A 35 3.73 -7.03 -3.78
N LEU A 36 3.09 -6.55 -2.70
CA LEU A 36 1.64 -6.33 -2.64
C LEU A 36 1.28 -5.13 -3.53
N VAL A 37 2.15 -4.09 -3.48
CA VAL A 37 2.10 -2.89 -4.34
C VAL A 37 2.24 -3.29 -5.83
N SER A 38 3.11 -4.27 -6.05
CA SER A 38 3.42 -4.78 -7.40
C SER A 38 2.27 -5.65 -7.95
N LYS A 39 1.53 -6.30 -7.02
CA LYS A 39 0.44 -7.23 -7.36
C LYS A 39 -0.86 -6.46 -7.65
N ILE A 40 -1.22 -5.55 -6.73
CA ILE A 40 -2.47 -4.77 -6.82
C ILE A 40 -2.44 -3.81 -8.03
N SER A 41 -1.29 -3.14 -8.26
CA SER A 41 -1.11 -2.21 -9.39
C SER A 41 -1.32 -2.89 -10.76
N SER A 42 -0.97 -4.19 -10.83
CA SER A 42 -1.11 -4.99 -12.06
C SER A 42 -2.60 -5.33 -12.32
N SER A 43 -3.43 -5.21 -11.28
CA SER A 43 -4.86 -5.55 -11.32
C SER A 43 -5.73 -4.29 -11.47
N VAL A 44 -5.36 -3.22 -10.75
CA VAL A 44 -6.19 -2.02 -10.60
C VAL A 44 -5.80 -0.94 -11.62
N ASN A 45 -6.82 -0.29 -12.20
CA ASN A 45 -6.63 0.75 -13.23
C ASN A 45 -6.24 2.11 -12.63
N ASP A 46 -6.63 2.37 -11.35
CA ASP A 46 -6.42 3.67 -10.70
C ASP A 46 -5.94 3.51 -9.24
N LEU A 47 -5.30 4.58 -8.72
CA LEU A 47 -4.70 4.62 -7.37
C LEU A 47 -5.79 4.43 -6.30
N GLU A 48 -6.97 5.03 -6.53
CA GLU A 48 -8.12 4.94 -5.60
C GLU A 48 -8.70 3.50 -5.54
N GLU A 49 -8.48 2.73 -6.62
CA GLU A 49 -8.89 1.30 -6.68
C GLU A 49 -7.91 0.44 -5.85
N ALA A 50 -6.62 0.87 -5.86
CA ALA A 50 -5.57 0.24 -5.05
C ALA A 50 -5.84 0.48 -3.56
N ILE A 51 -6.31 1.71 -3.26
CA ILE A 51 -6.72 2.11 -1.90
C ILE A 51 -7.80 1.15 -1.35
N VAL A 52 -9.01 1.09 -1.99
CA VAL A 52 -10.08 0.09 -1.68
C VAL A 52 -9.52 -1.33 -1.37
N VAL A 53 -8.73 -1.87 -2.32
CA VAL A 53 -8.07 -3.19 -2.14
C VAL A 53 -7.23 -3.23 -0.83
N LEU A 54 -6.43 -2.16 -0.58
CA LEU A 54 -5.55 -2.06 0.62
C LEU A 54 -6.36 -1.90 1.93
N ARG A 55 -7.59 -1.36 1.83
CA ARG A 55 -8.54 -1.26 2.97
C ARG A 55 -8.96 -2.66 3.44
N GLU A 56 -8.99 -3.61 2.49
CA GLU A 56 -9.32 -5.01 2.74
C GLU A 56 -8.04 -5.82 3.07
N GLU A 57 -6.90 -5.38 2.49
CA GLU A 57 -5.59 -6.03 2.75
C GLU A 57 -5.23 -5.90 4.24
N GLU A 58 -5.43 -4.67 4.76
CA GLU A 58 -5.33 -4.36 6.19
C GLU A 58 -6.17 -5.35 7.04
N LYS A 59 -7.50 -5.37 6.78
CA LYS A 59 -8.49 -6.19 7.52
C LYS A 59 -8.14 -7.69 7.55
N LYS A 60 -7.71 -8.24 6.39
CA LYS A 60 -7.45 -9.69 6.24
C LYS A 60 -6.08 -10.06 6.84
N ALA A 61 -5.15 -9.09 6.83
CA ALA A 61 -3.79 -9.25 7.38
C ALA A 61 -3.82 -9.20 8.90
N SER A 62 -2.78 -9.74 9.53
CA SER A 62 -2.56 -9.67 10.98
C SER A 62 -1.36 -8.76 11.28
N GLU A 63 -1.37 -8.09 12.45
CA GLU A 63 -0.25 -7.24 12.90
C GLU A 63 1.05 -8.09 13.01
N PRO A 64 2.26 -7.55 12.64
CA PRO A 64 2.50 -6.12 12.28
C PRO A 64 1.98 -5.71 10.88
N PHE A 65 1.85 -6.70 9.96
CA PHE A 65 1.54 -6.45 8.52
C PHE A 65 0.19 -5.67 8.34
N LYS A 66 -0.82 -5.93 9.21
CA LYS A 66 -2.11 -5.16 9.21
C LYS A 66 -1.87 -3.63 9.32
N THR A 67 -0.89 -3.27 10.15
CA THR A 67 -0.65 -1.89 10.53
C THR A 67 0.30 -1.22 9.52
N ASP A 68 1.36 -1.95 9.14
CA ASP A 68 2.33 -1.50 8.10
C ASP A 68 1.61 -1.19 6.75
N ILE A 69 0.58 -1.99 6.42
CA ILE A 69 -0.31 -1.73 5.27
C ILE A 69 -1.06 -0.40 5.46
N ARG A 70 -1.75 -0.23 6.62
CA ARG A 70 -2.61 0.96 6.84
C ARG A 70 -1.82 2.28 7.03
N ILE A 71 -0.52 2.18 7.44
CA ILE A 71 0.38 3.35 7.52
C ILE A 71 0.62 3.94 6.11
N LEU A 72 0.82 3.05 5.13
CA LEU A 72 0.98 3.42 3.71
C LEU A 72 -0.37 3.89 3.13
N LEU A 73 -1.43 3.12 3.45
CA LEU A 73 -2.79 3.35 2.94
C LEU A 73 -3.34 4.75 3.33
N ASP A 74 -3.58 4.97 4.64
CA ASP A 74 -4.03 6.24 5.24
C ASP A 74 -3.26 7.46 4.68
N PHE A 75 -1.92 7.35 4.69
CA PHE A 75 -1.00 8.35 4.09
C PHE A 75 -1.46 8.79 2.67
N LEU A 76 -1.69 7.81 1.75
CA LEU A 76 -2.15 8.07 0.36
C LEU A 76 -3.54 8.72 0.32
N GLU A 77 -4.39 8.34 1.29
CA GLU A 77 -5.75 8.91 1.44
C GLU A 77 -5.70 10.34 2.03
N SER A 78 -4.51 10.72 2.55
CA SER A 78 -4.16 12.11 2.95
C SER A 78 -4.88 12.51 4.27
N LYS A 79 -5.25 11.49 5.07
CA LYS A 79 -5.96 11.67 6.36
C LYS A 79 -5.01 12.26 7.44
N PRO A 80 -5.44 13.36 8.18
CA PRO A 80 -4.61 14.04 9.22
C PRO A 80 -4.17 13.11 10.38
N GLY A 9 5.03 0.88 -16.90
CA GLY A 9 4.15 0.52 -15.75
C GLY A 9 3.00 1.50 -15.54
N SER A 10 2.06 1.14 -14.66
CA SER A 10 0.84 1.93 -14.37
C SER A 10 1.15 3.24 -13.62
N VAL A 11 0.28 4.26 -13.83
CA VAL A 11 0.32 5.53 -13.04
C VAL A 11 0.01 5.25 -11.54
N VAL A 12 -0.59 4.08 -11.27
CA VAL A 12 -0.85 3.60 -9.91
C VAL A 12 0.47 3.22 -9.22
N LYS A 13 1.34 2.52 -10.00
CA LYS A 13 2.57 1.92 -9.47
C LYS A 13 3.48 2.97 -8.85
N GLU A 14 3.83 4.02 -9.64
CA GLU A 14 4.71 5.13 -9.21
C GLU A 14 4.21 5.81 -7.92
N LYS A 15 2.88 6.04 -7.84
CA LYS A 15 2.23 6.59 -6.64
C LYS A 15 2.47 5.71 -5.40
N LEU A 16 2.37 4.39 -5.62
CA LEU A 16 2.64 3.37 -4.59
C LEU A 16 4.15 3.28 -4.25
N GLU A 17 5.01 3.63 -5.24
CA GLU A 17 6.48 3.61 -5.08
C GLU A 17 6.95 4.82 -4.26
N LYS A 18 6.26 5.98 -4.44
CA LYS A 18 6.48 7.17 -3.60
C LYS A 18 6.13 6.83 -2.15
N ALA A 19 4.95 6.20 -2.01
CA ALA A 19 4.38 5.80 -0.72
C ALA A 19 5.33 4.85 0.04
N LEU A 20 5.82 3.80 -0.68
CA LEU A 20 6.76 2.80 -0.14
C LEU A 20 7.99 3.44 0.52
N ILE A 21 8.66 4.38 -0.19
CA ILE A 21 9.91 5.01 0.27
C ILE A 21 9.63 5.88 1.51
N GLU A 22 8.61 6.74 1.40
CA GLU A 22 8.23 7.69 2.47
C GLU A 22 7.87 6.98 3.78
N VAL A 23 7.27 5.78 3.68
CA VAL A 23 6.82 5.01 4.86
C VAL A 23 7.77 3.85 5.22
N ARG A 24 8.80 3.63 4.36
CA ARG A 24 9.83 2.57 4.58
C ARG A 24 10.46 2.57 6.02
N PRO A 25 10.89 3.76 6.61
CA PRO A 25 11.39 3.81 8.02
C PRO A 25 10.29 3.51 9.07
N TYR A 26 9.02 3.73 8.67
CA TYR A 26 7.85 3.58 9.56
C TYR A 26 7.36 2.12 9.60
N VAL A 27 7.45 1.40 8.47
CA VAL A 27 6.85 0.06 8.32
C VAL A 27 7.90 -1.06 8.49
N GLU A 28 7.50 -2.09 9.24
CA GLU A 28 8.14 -3.41 9.22
C GLU A 28 7.30 -4.30 8.30
N TYR A 29 7.94 -5.32 7.69
CA TYR A 29 7.36 -6.17 6.62
C TYR A 29 7.24 -5.33 5.32
N TYR A 30 8.19 -4.37 5.17
CA TYR A 30 8.33 -3.53 3.98
C TYR A 30 8.48 -4.37 2.69
N ASN A 31 9.17 -5.53 2.77
CA ASN A 31 9.33 -6.45 1.61
C ASN A 31 7.97 -7.01 1.16
N GLU A 32 7.08 -7.26 2.15
CA GLU A 32 5.75 -7.82 1.92
C GLU A 32 4.87 -6.75 1.22
N LEU A 33 4.90 -5.51 1.77
CA LEU A 33 4.15 -4.34 1.25
C LEU A 33 4.64 -3.96 -0.16
N LYS A 34 5.96 -4.03 -0.33
CA LYS A 34 6.63 -3.77 -1.62
C LYS A 34 6.17 -4.78 -2.69
N ALA A 35 5.85 -6.02 -2.27
CA ALA A 35 5.38 -7.09 -3.16
C ALA A 35 3.87 -6.97 -3.38
N LEU A 36 3.15 -6.41 -2.38
CA LEU A 36 1.70 -6.15 -2.44
C LEU A 36 1.44 -5.02 -3.44
N VAL A 37 2.26 -3.97 -3.37
CA VAL A 37 2.30 -2.83 -4.31
C VAL A 37 2.57 -3.32 -5.74
N SER A 38 3.56 -4.22 -5.85
CA SER A 38 3.98 -4.80 -7.13
C SER A 38 2.86 -5.65 -7.75
N LYS A 39 1.98 -6.20 -6.88
CA LYS A 39 0.85 -7.04 -7.27
C LYS A 39 -0.39 -6.18 -7.65
N ILE A 40 -0.73 -5.21 -6.77
CA ILE A 40 -2.01 -4.45 -6.88
C ILE A 40 -1.98 -3.42 -8.01
N SER A 41 -0.87 -2.66 -8.14
CA SER A 41 -0.68 -1.62 -9.19
C SER A 41 -1.12 -2.04 -10.61
N SER A 42 -0.88 -3.31 -10.97
CA SER A 42 -1.20 -3.86 -12.30
C SER A 42 -2.60 -4.51 -12.32
N SER A 43 -3.06 -4.95 -11.12
CA SER A 43 -4.35 -5.63 -10.94
C SER A 43 -5.51 -4.60 -10.94
N VAL A 44 -5.24 -3.42 -10.36
CA VAL A 44 -6.18 -2.29 -10.29
C VAL A 44 -5.93 -1.32 -11.45
N ASN A 45 -7.01 -0.67 -11.92
CA ASN A 45 -6.94 0.38 -12.94
C ASN A 45 -6.42 1.70 -12.35
N ASP A 46 -6.91 2.06 -11.14
CA ASP A 46 -6.63 3.39 -10.53
C ASP A 46 -6.13 3.24 -9.08
N LEU A 47 -5.53 4.33 -8.57
CA LEU A 47 -5.03 4.41 -7.18
C LEU A 47 -6.23 4.36 -6.21
N GLU A 48 -7.38 4.91 -6.68
CA GLU A 48 -8.67 4.85 -5.96
C GLU A 48 -9.11 3.38 -5.75
N GLU A 49 -8.78 2.52 -6.73
CA GLU A 49 -9.10 1.08 -6.70
C GLU A 49 -8.07 0.32 -5.83
N ALA A 50 -6.86 0.89 -5.72
CA ALA A 50 -5.78 0.34 -4.89
C ALA A 50 -6.13 0.53 -3.41
N ILE A 51 -6.70 1.72 -3.11
CA ILE A 51 -7.18 2.09 -1.77
C ILE A 51 -8.26 1.09 -1.27
N VAL A 52 -9.42 1.02 -1.98
CA VAL A 52 -10.48 0.00 -1.77
C VAL A 52 -9.92 -1.47 -1.60
N VAL A 53 -9.01 -1.90 -2.50
CA VAL A 53 -8.31 -3.21 -2.33
C VAL A 53 -7.62 -3.30 -0.94
N LEU A 54 -6.92 -2.22 -0.52
CA LEU A 54 -6.21 -2.17 0.79
C LEU A 54 -7.19 -2.18 1.99
N ARG A 55 -8.46 -1.78 1.74
CA ARG A 55 -9.55 -1.92 2.73
C ARG A 55 -9.81 -3.39 3.12
N GLU A 56 -9.54 -4.30 2.18
CA GLU A 56 -9.66 -5.77 2.40
C GLU A 56 -8.30 -6.33 2.89
N GLU A 57 -7.19 -5.74 2.38
CA GLU A 57 -5.82 -6.22 2.67
C GLU A 57 -5.44 -5.98 4.15
N GLU A 58 -5.66 -4.74 4.62
CA GLU A 58 -5.44 -4.34 6.03
C GLU A 58 -6.15 -5.30 7.01
N LYS A 59 -7.46 -5.53 6.74
CA LYS A 59 -8.34 -6.29 7.64
C LYS A 59 -8.08 -7.81 7.61
N LYS A 60 -7.49 -8.33 6.51
CA LYS A 60 -7.11 -9.76 6.43
C LYS A 60 -5.69 -9.97 6.98
N ALA A 61 -4.87 -8.90 6.96
CA ALA A 61 -3.49 -8.92 7.48
C ALA A 61 -3.49 -9.02 9.01
N SER A 62 -2.50 -9.72 9.55
CA SER A 62 -2.24 -9.78 10.99
C SER A 62 -1.03 -8.86 11.33
N GLU A 63 -1.02 -8.34 12.56
CA GLU A 63 -0.01 -7.36 13.02
C GLU A 63 1.43 -7.96 13.01
N PRO A 64 2.50 -7.13 12.74
CA PRO A 64 2.37 -5.69 12.36
C PRO A 64 2.23 -5.44 10.84
N PHE A 65 1.98 -6.50 10.03
CA PHE A 65 1.66 -6.34 8.58
C PHE A 65 0.30 -5.61 8.40
N LYS A 66 -0.60 -5.76 9.40
CA LYS A 66 -1.84 -4.93 9.51
C LYS A 66 -1.50 -3.42 9.64
N THR A 67 -0.40 -3.15 10.37
CA THR A 67 0.07 -1.77 10.65
C THR A 67 0.83 -1.22 9.44
N ASP A 68 1.55 -2.11 8.79
CA ASP A 68 2.38 -1.83 7.61
C ASP A 68 1.50 -1.35 6.44
N ILE A 69 0.51 -2.20 6.05
CA ILE A 69 -0.47 -1.88 5.01
C ILE A 69 -1.20 -0.56 5.31
N ARG A 70 -1.81 -0.39 6.51
CA ARG A 70 -2.58 0.82 6.83
C ARG A 70 -1.74 2.12 6.72
N ILE A 71 -0.43 2.08 7.06
CA ILE A 71 0.49 3.24 6.87
C ILE A 71 0.66 3.59 5.35
N LEU A 72 0.65 2.56 4.46
CA LEU A 72 0.60 2.80 2.99
C LEU A 72 -0.76 3.47 2.62
N LEU A 73 -1.85 2.90 3.19
CA LEU A 73 -3.25 3.40 3.03
C LEU A 73 -3.40 4.83 3.63
N ASP A 74 -2.48 5.15 4.56
CA ASP A 74 -2.42 6.47 5.25
C ASP A 74 -1.74 7.52 4.37
N PHE A 75 -0.88 7.08 3.44
CA PHE A 75 -0.15 7.98 2.55
C PHE A 75 -1.00 8.24 1.29
N LEU A 76 -1.65 7.16 0.81
CA LEU A 76 -2.47 7.19 -0.41
C LEU A 76 -3.64 8.15 -0.25
N GLU A 77 -4.38 8.01 0.87
CA GLU A 77 -5.46 8.93 1.23
C GLU A 77 -4.89 10.27 1.77
N SER A 78 -3.69 10.18 2.40
CA SER A 78 -2.95 11.33 2.97
C SER A 78 -3.69 11.80 4.24
N LYS A 79 -3.99 10.78 5.08
CA LYS A 79 -4.69 10.93 6.37
C LYS A 79 -3.89 11.83 7.36
N PRO A 80 -4.44 13.03 7.76
CA PRO A 80 -3.81 13.90 8.79
C PRO A 80 -3.89 13.27 10.21
#